data_4EIC
# 
_entry.id   4EIC 
# 
_audit_conform.dict_name       mmcif_pdbx.dic 
_audit_conform.dict_version    5.406 
_audit_conform.dict_location   http://mmcif.pdb.org/dictionaries/ascii/mmcif_pdbx.dic 
# 
loop_
_database_2.database_id 
_database_2.database_code 
_database_2.pdbx_database_accession 
_database_2.pdbx_DOI 
PDB   4EIC         pdb_00004eic 10.2210/pdb4eic/pdb 
RCSB  RCSB071654   ?            ?                   
WWPDB D_1000071654 ?            ?                   
# 
loop_
_pdbx_audit_revision_history.ordinal 
_pdbx_audit_revision_history.data_content_type 
_pdbx_audit_revision_history.major_revision 
_pdbx_audit_revision_history.minor_revision 
_pdbx_audit_revision_history.revision_date 
_pdbx_audit_revision_history.part_number 
1 'Structure model' 1 0 2013-04-10 ? 
2 'Structure model' 2 0 2021-03-10 ? 
3 'Structure model' 2 1 2023-09-13 ? 
4 'Structure model' 2 2 2024-10-09 ? 
5 'Structure model' 2 3 2025-11-12 ? 
# 
_pdbx_audit_revision_details.ordinal             1 
_pdbx_audit_revision_details.revision_ordinal    1 
_pdbx_audit_revision_details.data_content_type   'Structure model' 
_pdbx_audit_revision_details.provider            repository 
_pdbx_audit_revision_details.type                'Initial release' 
_pdbx_audit_revision_details.description         ? 
_pdbx_audit_revision_details.details             ? 
# 
loop_
_pdbx_audit_revision_group.ordinal 
_pdbx_audit_revision_group.revision_ordinal 
_pdbx_audit_revision_group.data_content_type 
_pdbx_audit_revision_group.group 
1  2 'Structure model' 'Atomic model'            
2  2 'Structure model' 'Data collection'         
3  2 'Structure model' 'Derived calculations'    
4  2 'Structure model' 'Non-polymer description' 
5  2 'Structure model' 'Structure summary'       
6  3 'Structure model' 'Data collection'         
7  3 'Structure model' 'Database references'     
8  3 'Structure model' 'Refinement description'  
9  4 'Structure model' 'Structure summary'       
10 5 'Structure model' 'Database references'     
# 
loop_
_pdbx_audit_revision_category.ordinal 
_pdbx_audit_revision_category.revision_ordinal 
_pdbx_audit_revision_category.data_content_type 
_pdbx_audit_revision_category.category 
1  2 'Structure model' atom_site                     
2  2 'Structure model' atom_site_anisotrop           
3  2 'Structure model' chem_comp                     
4  2 'Structure model' diffrn_source                 
5  2 'Structure model' entity                        
6  2 'Structure model' pdbx_entity_nonpoly           
7  2 'Structure model' pdbx_nonpoly_scheme           
8  2 'Structure model' pdbx_struct_conn_angle        
9  2 'Structure model' struct_conn                   
10 2 'Structure model' struct_conn_type              
11 2 'Structure model' struct_site                   
12 3 'Structure model' chem_comp_atom                
13 3 'Structure model' chem_comp_bond                
14 3 'Structure model' database_2                    
15 3 'Structure model' pdbx_initial_refinement_model 
16 4 'Structure model' pdbx_entry_details            
17 4 'Structure model' pdbx_modification_feature     
18 5 'Structure model' citation                      
19 5 'Structure model' citation_author               
# 
loop_
_pdbx_audit_revision_item.ordinal 
_pdbx_audit_revision_item.revision_ordinal 
_pdbx_audit_revision_item.data_content_type 
_pdbx_audit_revision_item.item 
1  2 'Structure model' '_atom_site.B_iso_or_equiv'                   
2  2 'Structure model' '_atom_site.Cartn_x'                          
3  2 'Structure model' '_atom_site.Cartn_y'                          
4  2 'Structure model' '_atom_site.Cartn_z'                          
5  2 'Structure model' '_atom_site.auth_atom_id'                     
6  2 'Structure model' '_atom_site.auth_comp_id'                     
7  2 'Structure model' '_atom_site.label_atom_id'                    
8  2 'Structure model' '_atom_site.label_comp_id'                    
9  2 'Structure model' '_atom_site.type_symbol'                      
10 2 'Structure model' '_atom_site_anisotrop.U[1][1]'                
11 2 'Structure model' '_atom_site_anisotrop.U[1][2]'                
12 2 'Structure model' '_atom_site_anisotrop.U[1][3]'                
13 2 'Structure model' '_atom_site_anisotrop.U[2][2]'                
14 2 'Structure model' '_atom_site_anisotrop.U[2][3]'                
15 2 'Structure model' '_atom_site_anisotrop.U[3][3]'                
16 2 'Structure model' '_atom_site_anisotrop.pdbx_auth_atom_id'      
17 2 'Structure model' '_atom_site_anisotrop.pdbx_auth_comp_id'      
18 2 'Structure model' '_atom_site_anisotrop.pdbx_label_atom_id'     
19 2 'Structure model' '_atom_site_anisotrop.pdbx_label_comp_id'     
20 2 'Structure model' '_atom_site_anisotrop.type_symbol'            
21 2 'Structure model' '_chem_comp.formula'                          
22 2 'Structure model' '_chem_comp.formula_weight'                   
23 2 'Structure model' '_chem_comp.id'                               
24 2 'Structure model' '_chem_comp.name'                             
25 2 'Structure model' '_chem_comp.pdbx_synonyms'                    
26 2 'Structure model' '_diffrn_source.pdbx_synchrotron_site'        
27 2 'Structure model' '_entity.formula_weight'                      
28 2 'Structure model' '_entity.pdbx_description'                    
29 2 'Structure model' '_pdbx_entity_nonpoly.comp_id'                
30 2 'Structure model' '_pdbx_entity_nonpoly.name'                   
31 2 'Structure model' '_pdbx_nonpoly_scheme.mon_id'                 
32 2 'Structure model' '_pdbx_nonpoly_scheme.pdb_mon_id'             
33 2 'Structure model' '_pdbx_struct_conn_angle.ptnr1_auth_comp_id'  
34 2 'Structure model' '_pdbx_struct_conn_angle.ptnr1_label_comp_id' 
35 2 'Structure model' '_pdbx_struct_conn_angle.ptnr2_auth_comp_id'  
36 2 'Structure model' '_pdbx_struct_conn_angle.ptnr2_label_comp_id' 
37 2 'Structure model' '_pdbx_struct_conn_angle.ptnr3_auth_comp_id'  
38 2 'Structure model' '_pdbx_struct_conn_angle.ptnr3_label_comp_id' 
39 2 'Structure model' '_struct_conn.conn_type_id'                   
40 2 'Structure model' '_struct_conn.id'                             
41 2 'Structure model' '_struct_conn.pdbx_dist_value'                
42 2 'Structure model' '_struct_conn.pdbx_leaving_atom_flag'         
43 2 'Structure model' '_struct_conn.ptnr1_auth_comp_id'             
44 2 'Structure model' '_struct_conn.ptnr1_auth_seq_id'              
45 2 'Structure model' '_struct_conn.ptnr1_label_atom_id'            
46 2 'Structure model' '_struct_conn.ptnr1_label_comp_id'            
47 2 'Structure model' '_struct_conn.ptnr1_label_seq_id'             
48 2 'Structure model' '_struct_conn.ptnr2_auth_comp_id'             
49 2 'Structure model' '_struct_conn.ptnr2_label_atom_id'            
50 2 'Structure model' '_struct_conn.ptnr2_label_comp_id'            
51 2 'Structure model' '_struct_conn_type.id'                        
52 2 'Structure model' '_struct_site.details'                        
53 2 'Structure model' '_struct_site.pdbx_auth_asym_id'              
54 2 'Structure model' '_struct_site.pdbx_auth_comp_id'              
55 2 'Structure model' '_struct_site.pdbx_auth_seq_id'               
56 3 'Structure model' '_database_2.pdbx_DOI'                        
57 3 'Structure model' '_database_2.pdbx_database_accession'         
58 5 'Structure model' '_citation.country'                           
59 5 'Structure model' '_citation.journal_abbrev'                    
60 5 'Structure model' '_citation.journal_id_ASTM'                   
61 5 'Structure model' '_citation.journal_id_CSD'                    
62 5 'Structure model' '_citation.journal_id_ISSN'                   
63 5 'Structure model' '_citation.journal_volume'                    
64 5 'Structure model' '_citation.page_first'                        
65 5 'Structure model' '_citation.page_last'                         
66 5 'Structure model' '_citation.pdbx_database_id_DOI'              
67 5 'Structure model' '_citation.pdbx_database_id_PubMed'           
68 5 'Structure model' '_citation.title'                             
69 5 'Structure model' '_citation.year'                              
# 
_pdbx_database_status.status_code                     REL 
_pdbx_database_status.entry_id                        4EIC 
_pdbx_database_status.recvd_initial_deposition_date   2012-04-05 
_pdbx_database_status.deposit_site                    RCSB 
_pdbx_database_status.process_site                    RCSB 
_pdbx_database_status.status_code_sf                  REL 
_pdbx_database_status.status_code_mr                  ? 
_pdbx_database_status.SG_entry                        ? 
_pdbx_database_status.status_code_cs                  ? 
_pdbx_database_status.methods_development_category    ? 
_pdbx_database_status.pdb_format_compatible           Y 
_pdbx_database_status.status_code_nmr_data            ? 
# 
loop_
_pdbx_database_related.db_name 
_pdbx_database_related.db_id 
_pdbx_database_related.details 
_pdbx_database_related.content_type 
PDB 3DR0 'The same protein at 1.23 A resolution' unspecified 
PDB 4EID .                                       unspecified 
PDB 4EIE .                                       unspecified 
PDB 4EIF .                                       unspecified 
# 
loop_
_audit_author.name 
_audit_author.pdbx_ordinal 
'Krzywda, S.'     1 
'Bialek, W.'      2 
'Jaskolski, M.'   3 
'Szczepaniak, A.' 4 
# 
loop_
_citation.id 
_citation.title 
_citation.journal_abbrev 
_citation.journal_volume 
_citation.page_first 
_citation.page_last 
_citation.year 
_citation.journal_id_ASTM 
_citation.country 
_citation.journal_id_ISSN 
_citation.journal_id_CSD 
_citation.book_publisher 
_citation.pdbx_database_id_PubMed 
_citation.pdbx_database_id_DOI 
primary 
;Insights into the relationship between the haem-binding pocket and the redox potential of c6 cytochromes: four atomic resolution structures of c6 and c6-like proteins from Synechococcus sp. PCC 7002.
;
'Acta Crystallogr.,Sect.D' 70  2823 2832 2014 ABCRE6 US 1399-0047 ?    ? 25372674 10.1107/S1399004714013108        
1       'Atomic-resolution structure of reduced cyanobacterial cytochrome c6 with an unusual sequence insertion.' 'Febs J.' 276 
4426 4436 2009 ?      UK 1742-464X ?    ? 19678839 10.1111/j.1742-4658.2009.07150.x 
2       'Deeply branching c6-like cytochromes of cyanobacteria.' Biochemistry               47  5515 5522 2008 BICHAW US 0006-2960 
0033 ? 18439023 10.1021/bi701973g                
# 
loop_
_citation_author.citation_id 
_citation_author.name 
_citation_author.ordinal 
_citation_author.identifier_ORCID 
primary 'Bialek, W.'      1  ? 
primary 'Krzywda, S.'     2  ? 
primary 'Zatwarnicki, P.' 3  ? 
primary 'Jaskolski, M.'   4  ? 
primary 'Kolesinski, P.'  5  ? 
primary 'Szczepaniak, A.' 6  ? 
1       'Bialek, W.'      7  ? 
1       'Krzywda, S.'     8  ? 
1       'Jaskolski, M.'   9  ? 
1       'Szczepaniak, A.' 10 ? 
2       'Bialek, W.'      11 ? 
2       'Nelson, M.'      12 ? 
2       'Tamiola, K.'     13 ? 
2       'Kallas, T.'      14 ? 
2       'Szczepaniak, A.' 15 ? 
# 
loop_
_entity.id 
_entity.type 
_entity.src_method 
_entity.pdbx_description 
_entity.formula_weight 
_entity.pdbx_number_of_molecules 
_entity.pdbx_ec 
_entity.pdbx_mutation 
_entity.pdbx_fragment 
_entity.details 
1 polymer     man 'Cytochrome c6'                        9446.432 1   ? ? 'UNP Residues 25-117' ? 
2 non-polymer syn 'HEME C'                               618.503  1   ? ? ?                     ? 
3 non-polymer syn '2-(N-MORPHOLINO)-ETHANESULFONIC ACID' 195.237  1   ? ? ?                     ? 
4 water       nat water                                  18.015   120 ? ? ?                     ? 
# 
_entity_name_com.entity_id   1 
_entity_name_com.name        'Cytochrome c-553, Cytochrome c553, Soluble cytochrome f' 
# 
_entity_poly.entity_id                      1 
_entity_poly.type                           'polypeptide(L)' 
_entity_poly.nstd_linkage                   no 
_entity_poly.nstd_monomer                   no 
_entity_poly.pdbx_seq_one_letter_code       
;ADAAAGAQVFAANCAACHAGGNNAVMPTKTLKADALKTYLAGYKDGSKSLEEAVAYQVTNGQGAMPAFGGRLSDADIANV
AAYIADQAENNKW
;
_entity_poly.pdbx_seq_one_letter_code_can   
;ADAAAGAQVFAANCAACHAGGNNAVMPTKTLKADALKTYLAGYKDGSKSLEEAVAYQVTNGQGAMPAFGGRLSDADIANV
AAYIADQAENNKW
;
_entity_poly.pdbx_strand_id                 A 
_entity_poly.pdbx_target_identifier         ? 
# 
loop_
_pdbx_entity_nonpoly.entity_id 
_pdbx_entity_nonpoly.name 
_pdbx_entity_nonpoly.comp_id 
2 'HEME C'                               HEC 
3 '2-(N-MORPHOLINO)-ETHANESULFONIC ACID' MES 
4 water                                  HOH 
# 
loop_
_entity_poly_seq.entity_id 
_entity_poly_seq.num 
_entity_poly_seq.mon_id 
_entity_poly_seq.hetero 
1 1  ALA n 
1 2  ASP n 
1 3  ALA n 
1 4  ALA n 
1 5  ALA n 
1 6  GLY n 
1 7  ALA n 
1 8  GLN n 
1 9  VAL n 
1 10 PHE n 
1 11 ALA n 
1 12 ALA n 
1 13 ASN n 
1 14 CYS n 
1 15 ALA n 
1 16 ALA n 
1 17 CYS n 
1 18 HIS n 
1 19 ALA n 
1 20 GLY n 
1 21 GLY n 
1 22 ASN n 
1 23 ASN n 
1 24 ALA n 
1 25 VAL n 
1 26 MET n 
1 27 PRO n 
1 28 THR n 
1 29 LYS n 
1 30 THR n 
1 31 LEU n 
1 32 LYS n 
1 33 ALA n 
1 34 ASP n 
1 35 ALA n 
1 36 LEU n 
1 37 LYS n 
1 38 THR n 
1 39 TYR n 
1 40 LEU n 
1 41 ALA n 
1 42 GLY n 
1 43 TYR n 
1 44 LYS n 
1 45 ASP n 
1 46 GLY n 
1 47 SER n 
1 48 LYS n 
1 49 SER n 
1 50 LEU n 
1 51 GLU n 
1 52 GLU n 
1 53 ALA n 
1 54 VAL n 
1 55 ALA n 
1 56 TYR n 
1 57 GLN n 
1 58 VAL n 
1 59 THR n 
1 60 ASN n 
1 61 GLY n 
1 62 GLN n 
1 63 GLY n 
1 64 ALA n 
1 65 MET n 
1 66 PRO n 
1 67 ALA n 
1 68 PHE n 
1 69 GLY n 
1 70 GLY n 
1 71 ARG n 
1 72 LEU n 
1 73 SER n 
1 74 ASP n 
1 75 ALA n 
1 76 ASP n 
1 77 ILE n 
1 78 ALA n 
1 79 ASN n 
1 80 VAL n 
1 81 ALA n 
1 82 ALA n 
1 83 TYR n 
1 84 ILE n 
1 85 ALA n 
1 86 ASP n 
1 87 GLN n 
1 88 ALA n 
1 89 GLU n 
1 90 ASN n 
1 91 ASN n 
1 92 LYS n 
1 93 TRP n 
# 
_entity_src_gen.entity_id                          1 
_entity_src_gen.pdbx_src_id                        1 
_entity_src_gen.pdbx_alt_source_flag               sample 
_entity_src_gen.pdbx_seq_type                      ? 
_entity_src_gen.pdbx_beg_seq_num                   ? 
_entity_src_gen.pdbx_end_seq_num                   ? 
_entity_src_gen.gene_src_common_name               ? 
_entity_src_gen.gene_src_genus                     ? 
_entity_src_gen.pdbx_gene_src_gene                 'petJ, petJ1, SYNPCC7002_A0167' 
_entity_src_gen.gene_src_species                   ? 
_entity_src_gen.gene_src_strain                    'ATCC 27264 / PCC 7002 / PR-6' 
_entity_src_gen.gene_src_tissue                    ? 
_entity_src_gen.gene_src_tissue_fraction           ? 
_entity_src_gen.gene_src_details                   ? 
_entity_src_gen.pdbx_gene_src_fragment             ? 
_entity_src_gen.pdbx_gene_src_scientific_name      'Synechococcus sp.' 
_entity_src_gen.pdbx_gene_src_ncbi_taxonomy_id     32049 
_entity_src_gen.pdbx_gene_src_variant              ? 
_entity_src_gen.pdbx_gene_src_cell_line            ? 
_entity_src_gen.pdbx_gene_src_atcc                 ? 
_entity_src_gen.pdbx_gene_src_organ                ? 
_entity_src_gen.pdbx_gene_src_organelle            ? 
_entity_src_gen.pdbx_gene_src_cell                 ? 
_entity_src_gen.pdbx_gene_src_cellular_location    ? 
_entity_src_gen.host_org_common_name               ? 
_entity_src_gen.pdbx_host_org_scientific_name      'Escherichia coli' 
_entity_src_gen.pdbx_host_org_ncbi_taxonomy_id     668369 
_entity_src_gen.host_org_genus                     ? 
_entity_src_gen.pdbx_host_org_gene                 ? 
_entity_src_gen.pdbx_host_org_organ                ? 
_entity_src_gen.host_org_species                   ? 
_entity_src_gen.pdbx_host_org_tissue               ? 
_entity_src_gen.pdbx_host_org_tissue_fraction      ? 
_entity_src_gen.pdbx_host_org_strain               DH5a 
_entity_src_gen.pdbx_host_org_variant              ? 
_entity_src_gen.pdbx_host_org_cell_line            ? 
_entity_src_gen.pdbx_host_org_atcc                 ? 
_entity_src_gen.pdbx_host_org_culture_collection   ? 
_entity_src_gen.pdbx_host_org_cell                 ? 
_entity_src_gen.pdbx_host_org_organelle            ? 
_entity_src_gen.pdbx_host_org_cellular_location    ? 
_entity_src_gen.pdbx_host_org_vector_type          plasmid 
_entity_src_gen.pdbx_host_org_vector               ? 
_entity_src_gen.host_org_details                   ? 
_entity_src_gen.expression_system_id               ? 
_entity_src_gen.plasmid_name                       pUCJ1 
_entity_src_gen.plasmid_details                    ? 
_entity_src_gen.pdbx_description                   'co-expression with pEC86' 
# 
loop_
_chem_comp.id 
_chem_comp.type 
_chem_comp.mon_nstd_flag 
_chem_comp.name 
_chem_comp.pdbx_synonyms 
_chem_comp.formula 
_chem_comp.formula_weight 
ALA 'L-peptide linking' y ALANINE                                ? 'C3 H7 N O2'       89.093  
ARG 'L-peptide linking' y ARGININE                               ? 'C6 H15 N4 O2 1'   175.209 
ASN 'L-peptide linking' y ASPARAGINE                             ? 'C4 H8 N2 O3'      132.118 
ASP 'L-peptide linking' y 'ASPARTIC ACID'                        ? 'C4 H7 N O4'       133.103 
CYS 'L-peptide linking' y CYSTEINE                               ? 'C3 H7 N O2 S'     121.158 
GLN 'L-peptide linking' y GLUTAMINE                              ? 'C5 H10 N2 O3'     146.144 
GLU 'L-peptide linking' y 'GLUTAMIC ACID'                        ? 'C5 H9 N O4'       147.129 
GLY 'peptide linking'   y GLYCINE                                ? 'C2 H5 N O2'       75.067  
HEC non-polymer         . 'HEME C'                               ? 'C34 H34 Fe N4 O4' 618.503 
HIS 'L-peptide linking' y HISTIDINE                              ? 'C6 H10 N3 O2 1'   156.162 
HOH non-polymer         . WATER                                  ? 'H2 O'             18.015  
ILE 'L-peptide linking' y ISOLEUCINE                             ? 'C6 H13 N O2'      131.173 
LEU 'L-peptide linking' y LEUCINE                                ? 'C6 H13 N O2'      131.173 
LYS 'L-peptide linking' y LYSINE                                 ? 'C6 H15 N2 O2 1'   147.195 
MES non-polymer         . '2-(N-MORPHOLINO)-ETHANESULFONIC ACID' ? 'C6 H13 N O4 S'    195.237 
MET 'L-peptide linking' y METHIONINE                             ? 'C5 H11 N O2 S'    149.211 
PHE 'L-peptide linking' y PHENYLALANINE                          ? 'C9 H11 N O2'      165.189 
PRO 'L-peptide linking' y PROLINE                                ? 'C5 H9 N O2'       115.130 
SER 'L-peptide linking' y SERINE                                 ? 'C3 H7 N O3'       105.093 
THR 'L-peptide linking' y THREONINE                              ? 'C4 H9 N O3'       119.119 
TRP 'L-peptide linking' y TRYPTOPHAN                             ? 'C11 H12 N2 O2'    204.225 
TYR 'L-peptide linking' y TYROSINE                               ? 'C9 H11 N O3'      181.189 
VAL 'L-peptide linking' y VALINE                                 ? 'C5 H11 N O2'      117.146 
# 
loop_
_pdbx_poly_seq_scheme.asym_id 
_pdbx_poly_seq_scheme.entity_id 
_pdbx_poly_seq_scheme.seq_id 
_pdbx_poly_seq_scheme.mon_id 
_pdbx_poly_seq_scheme.ndb_seq_num 
_pdbx_poly_seq_scheme.pdb_seq_num 
_pdbx_poly_seq_scheme.auth_seq_num 
_pdbx_poly_seq_scheme.pdb_mon_id 
_pdbx_poly_seq_scheme.auth_mon_id 
_pdbx_poly_seq_scheme.pdb_strand_id 
_pdbx_poly_seq_scheme.pdb_ins_code 
_pdbx_poly_seq_scheme.hetero 
A 1 1  ALA 1  1  1  ALA ALA A . n 
A 1 2  ASP 2  2  2  ASP ASP A . n 
A 1 3  ALA 3  3  3  ALA ALA A . n 
A 1 4  ALA 4  4  4  ALA ALA A . n 
A 1 5  ALA 5  5  5  ALA ALA A . n 
A 1 6  GLY 6  6  6  GLY GLY A . n 
A 1 7  ALA 7  7  7  ALA ALA A . n 
A 1 8  GLN 8  8  8  GLN GLN A . n 
A 1 9  VAL 9  9  9  VAL VAL A . n 
A 1 10 PHE 10 10 10 PHE PHE A . n 
A 1 11 ALA 11 11 11 ALA ALA A . n 
A 1 12 ALA 12 12 12 ALA ALA A . n 
A 1 13 ASN 13 13 13 ASN ASN A . n 
A 1 14 CYS 14 14 14 CYS CYS A . n 
A 1 15 ALA 15 15 15 ALA ALA A . n 
A 1 16 ALA 16 16 16 ALA ALA A . n 
A 1 17 CYS 17 17 17 CYS CYS A . n 
A 1 18 HIS 18 18 18 HIS HIS A . n 
A 1 19 ALA 19 19 19 ALA ALA A . n 
A 1 20 GLY 20 20 20 GLY GLY A . n 
A 1 21 GLY 21 21 21 GLY GLY A . n 
A 1 22 ASN 22 22 22 ASN ASN A . n 
A 1 23 ASN 23 23 23 ASN ASN A . n 
A 1 24 ALA 24 24 24 ALA ALA A . n 
A 1 25 VAL 25 25 25 VAL VAL A . n 
A 1 26 MET 26 26 26 MET MET A . n 
A 1 27 PRO 27 27 27 PRO PRO A . n 
A 1 28 THR 28 28 28 THR THR A . n 
A 1 29 LYS 29 29 29 LYS LYS A . n 
A 1 30 THR 30 30 30 THR THR A . n 
A 1 31 LEU 31 31 31 LEU LEU A . n 
A 1 32 LYS 32 32 32 LYS LYS A . n 
A 1 33 ALA 33 33 33 ALA ALA A . n 
A 1 34 ASP 34 34 34 ASP ASP A . n 
A 1 35 ALA 35 35 35 ALA ALA A . n 
A 1 36 LEU 36 36 36 LEU LEU A . n 
A 1 37 LYS 37 37 37 LYS LYS A . n 
A 1 38 THR 38 38 38 THR THR A . n 
A 1 39 TYR 39 39 39 TYR TYR A . n 
A 1 40 LEU 40 40 40 LEU LEU A . n 
A 1 41 ALA 41 41 41 ALA ALA A . n 
A 1 42 GLY 42 42 42 GLY GLY A . n 
A 1 43 TYR 43 43 43 TYR TYR A . n 
A 1 44 LYS 44 44 44 LYS LYS A . n 
A 1 45 ASP 45 45 45 ASP ASP A . n 
A 1 46 GLY 46 46 46 GLY GLY A . n 
A 1 47 SER 47 47 47 SER SER A . n 
A 1 48 LYS 48 48 48 LYS LYS A . n 
A 1 49 SER 49 49 49 SER SER A . n 
A 1 50 LEU 50 50 50 LEU LEU A . n 
A 1 51 GLU 51 51 51 GLU GLU A . n 
A 1 52 GLU 52 52 52 GLU GLU A . n 
A 1 53 ALA 53 53 53 ALA ALA A . n 
A 1 54 VAL 54 54 54 VAL VAL A . n 
A 1 55 ALA 55 55 55 ALA ALA A . n 
A 1 56 TYR 56 56 56 TYR TYR A . n 
A 1 57 GLN 57 57 57 GLN GLN A . n 
A 1 58 VAL 58 58 58 VAL VAL A . n 
A 1 59 THR 59 59 59 THR THR A . n 
A 1 60 ASN 60 60 60 ASN ASN A . n 
A 1 61 GLY 61 61 61 GLY GLY A . n 
A 1 62 GLN 62 62 62 GLN GLN A . n 
A 1 63 GLY 63 63 63 GLY GLY A . n 
A 1 64 ALA 64 64 64 ALA ALA A . n 
A 1 65 MET 65 65 65 MET MET A . n 
A 1 66 PRO 66 66 66 PRO PRO A . n 
A 1 67 ALA 67 67 67 ALA ALA A . n 
A 1 68 PHE 68 68 68 PHE PHE A . n 
A 1 69 GLY 69 69 69 GLY GLY A . n 
A 1 70 GLY 70 70 70 GLY GLY A . n 
A 1 71 ARG 71 71 71 ARG ARG A . n 
A 1 72 LEU 72 72 72 LEU LEU A . n 
A 1 73 SER 73 73 73 SER SER A . n 
A 1 74 ASP 74 74 74 ASP ASP A . n 
A 1 75 ALA 75 75 75 ALA ALA A . n 
A 1 76 ASP 76 76 76 ASP ASP A . n 
A 1 77 ILE 77 77 77 ILE ILE A . n 
A 1 78 ALA 78 78 78 ALA ALA A . n 
A 1 79 ASN 79 79 79 ASN ASN A . n 
A 1 80 VAL 80 80 80 VAL VAL A . n 
A 1 81 ALA 81 81 81 ALA ALA A . n 
A 1 82 ALA 82 82 82 ALA ALA A . n 
A 1 83 TYR 83 83 83 TYR TYR A . n 
A 1 84 ILE 84 84 84 ILE ILE A . n 
A 1 85 ALA 85 85 85 ALA ALA A . n 
A 1 86 ASP 86 86 86 ASP ASP A . n 
A 1 87 GLN 87 87 87 GLN GLN A . n 
A 1 88 ALA 88 88 88 ALA ALA A . n 
A 1 89 GLU 89 89 89 GLU GLU A . n 
A 1 90 ASN 90 90 90 ASN ASN A . n 
A 1 91 ASN 91 91 91 ASN ASN A . n 
A 1 92 LYS 92 92 92 LYS LYS A . n 
A 1 93 TRP 93 93 93 TRP TRP A . n 
# 
loop_
_pdbx_nonpoly_scheme.asym_id 
_pdbx_nonpoly_scheme.entity_id 
_pdbx_nonpoly_scheme.mon_id 
_pdbx_nonpoly_scheme.ndb_seq_num 
_pdbx_nonpoly_scheme.pdb_seq_num 
_pdbx_nonpoly_scheme.auth_seq_num 
_pdbx_nonpoly_scheme.pdb_mon_id 
_pdbx_nonpoly_scheme.auth_mon_id 
_pdbx_nonpoly_scheme.pdb_strand_id 
_pdbx_nonpoly_scheme.pdb_ins_code 
B 2 HEC 1   101 94  HEC HEM A . 
C 3 MES 1   102 1   MES MES A . 
D 4 HOH 1   201 2   HOH HOH A . 
D 4 HOH 2   202 3   HOH HOH A . 
D 4 HOH 3   203 4   HOH HOH A . 
D 4 HOH 4   204 5   HOH HOH A . 
D 4 HOH 5   205 6   HOH HOH A . 
D 4 HOH 6   206 7   HOH HOH A . 
D 4 HOH 7   207 8   HOH HOH A . 
D 4 HOH 8   208 9   HOH HOH A . 
D 4 HOH 9   209 10  HOH HOH A . 
D 4 HOH 10  210 11  HOH HOH A . 
D 4 HOH 11  211 12  HOH HOH A . 
D 4 HOH 12  212 13  HOH HOH A . 
D 4 HOH 13  213 14  HOH HOH A . 
D 4 HOH 14  214 15  HOH HOH A . 
D 4 HOH 15  215 16  HOH HOH A . 
D 4 HOH 16  216 17  HOH HOH A . 
D 4 HOH 17  217 18  HOH HOH A . 
D 4 HOH 18  218 19  HOH HOH A . 
D 4 HOH 19  219 20  HOH HOH A . 
D 4 HOH 20  220 21  HOH HOH A . 
D 4 HOH 21  221 22  HOH HOH A . 
D 4 HOH 22  222 23  HOH HOH A . 
D 4 HOH 23  223 24  HOH HOH A . 
D 4 HOH 24  224 25  HOH HOH A . 
D 4 HOH 25  225 26  HOH HOH A . 
D 4 HOH 26  226 27  HOH HOH A . 
D 4 HOH 27  227 28  HOH HOH A . 
D 4 HOH 28  228 29  HOH HOH A . 
D 4 HOH 29  229 30  HOH HOH A . 
D 4 HOH 30  230 31  HOH HOH A . 
D 4 HOH 31  231 32  HOH HOH A . 
D 4 HOH 32  232 33  HOH HOH A . 
D 4 HOH 33  233 34  HOH HOH A . 
D 4 HOH 34  234 35  HOH HOH A . 
D 4 HOH 35  235 36  HOH HOH A . 
D 4 HOH 36  236 37  HOH HOH A . 
D 4 HOH 37  237 38  HOH HOH A . 
D 4 HOH 38  238 39  HOH HOH A . 
D 4 HOH 39  239 40  HOH HOH A . 
D 4 HOH 40  240 41  HOH HOH A . 
D 4 HOH 41  241 42  HOH HOH A . 
D 4 HOH 42  242 43  HOH HOH A . 
D 4 HOH 43  243 44  HOH HOH A . 
D 4 HOH 44  244 45  HOH HOH A . 
D 4 HOH 45  245 46  HOH HOH A . 
D 4 HOH 46  246 47  HOH HOH A . 
D 4 HOH 47  247 48  HOH HOH A . 
D 4 HOH 48  248 49  HOH HOH A . 
D 4 HOH 49  249 50  HOH HOH A . 
D 4 HOH 50  250 51  HOH HOH A . 
D 4 HOH 51  251 52  HOH HOH A . 
D 4 HOH 52  252 53  HOH HOH A . 
D 4 HOH 53  253 54  HOH HOH A . 
D 4 HOH 54  254 55  HOH HOH A . 
D 4 HOH 55  255 56  HOH HOH A . 
D 4 HOH 56  256 57  HOH HOH A . 
D 4 HOH 57  257 58  HOH HOH A . 
D 4 HOH 58  258 59  HOH HOH A . 
D 4 HOH 59  259 60  HOH HOH A . 
D 4 HOH 60  260 61  HOH HOH A . 
D 4 HOH 61  261 62  HOH HOH A . 
D 4 HOH 62  262 63  HOH HOH A . 
D 4 HOH 63  263 64  HOH HOH A . 
D 4 HOH 64  264 65  HOH HOH A . 
D 4 HOH 65  265 66  HOH HOH A . 
D 4 HOH 66  266 67  HOH HOH A . 
D 4 HOH 67  267 68  HOH HOH A . 
D 4 HOH 68  268 69  HOH HOH A . 
D 4 HOH 69  269 70  HOH HOH A . 
D 4 HOH 70  270 71  HOH HOH A . 
D 4 HOH 71  271 72  HOH HOH A . 
D 4 HOH 72  272 73  HOH HOH A . 
D 4 HOH 73  273 74  HOH HOH A . 
D 4 HOH 74  274 75  HOH HOH A . 
D 4 HOH 75  275 76  HOH HOH A . 
D 4 HOH 76  276 77  HOH HOH A . 
D 4 HOH 77  277 78  HOH HOH A . 
D 4 HOH 78  278 79  HOH HOH A . 
D 4 HOH 79  279 80  HOH HOH A . 
D 4 HOH 80  280 81  HOH HOH A . 
D 4 HOH 81  281 82  HOH HOH A . 
D 4 HOH 82  282 83  HOH HOH A . 
D 4 HOH 83  283 84  HOH HOH A . 
D 4 HOH 84  284 85  HOH HOH A . 
D 4 HOH 85  285 86  HOH HOH A . 
D 4 HOH 86  286 87  HOH HOH A . 
D 4 HOH 87  287 88  HOH HOH A . 
D 4 HOH 88  288 89  HOH HOH A . 
D 4 HOH 89  289 90  HOH HOH A . 
D 4 HOH 90  290 91  HOH HOH A . 
D 4 HOH 91  291 92  HOH HOH A . 
D 4 HOH 92  292 93  HOH HOH A . 
D 4 HOH 93  293 94  HOH HOH A . 
D 4 HOH 94  294 95  HOH HOH A . 
D 4 HOH 95  295 96  HOH HOH A . 
D 4 HOH 96  296 97  HOH HOH A . 
D 4 HOH 97  297 98  HOH HOH A . 
D 4 HOH 98  298 99  HOH HOH A . 
D 4 HOH 99  299 100 HOH HOH A . 
D 4 HOH 100 300 101 HOH HOH A . 
D 4 HOH 101 301 102 HOH HOH A . 
D 4 HOH 102 302 103 HOH HOH A . 
D 4 HOH 103 303 104 HOH HOH A . 
D 4 HOH 104 304 105 HOH HOH A . 
D 4 HOH 105 305 106 HOH HOH A . 
D 4 HOH 106 306 107 HOH HOH A . 
D 4 HOH 107 307 108 HOH HOH A . 
D 4 HOH 108 308 109 HOH HOH A . 
D 4 HOH 109 309 110 HOH HOH A . 
D 4 HOH 110 310 111 HOH HOH A . 
D 4 HOH 111 311 112 HOH HOH A . 
D 4 HOH 112 312 113 HOH HOH A . 
D 4 HOH 113 313 114 HOH HOH A . 
D 4 HOH 114 314 115 HOH HOH A . 
D 4 HOH 115 315 116 HOH HOH A . 
D 4 HOH 116 316 117 HOH HOH A . 
D 4 HOH 117 317 118 HOH HOH A . 
D 4 HOH 118 318 119 HOH HOH A . 
D 4 HOH 119 319 120 HOH HOH A . 
D 4 HOH 120 320 121 HOH HOH A . 
# 
loop_
_software.name 
_software.classification 
_software.version 
_software.citation_id 
_software.pdbx_ordinal 
AUTOMAR   'data collection' . ? 1 
MOLREP    phasing           . ? 2 
SHELXL-97 refinement        . ? 3 
XDS       'data reduction'  . ? 4 
XDS       'data scaling'    . ? 5 
# 
_cell.entry_id           4EIC 
_cell.length_a           31.86 
_cell.length_b           27.69 
_cell.length_c           44.07 
_cell.angle_alpha        90.0 
_cell.angle_beta         101.1 
_cell.angle_gamma        90.0 
_cell.Z_PDB              2 
_cell.pdbx_unique_axis   ? 
_cell.length_a_esd       ? 
_cell.length_b_esd       ? 
_cell.length_c_esd       ? 
_cell.angle_alpha_esd    ? 
_cell.angle_beta_esd     ? 
_cell.angle_gamma_esd    ? 
# 
_symmetry.entry_id                         4EIC 
_symmetry.space_group_name_H-M             'P 1 21 1' 
_symmetry.pdbx_full_space_group_name_H-M   ? 
_symmetry.cell_setting                     ? 
_symmetry.Int_Tables_number                4 
_symmetry.space_group_name_Hall            ? 
# 
_exptl.entry_id          4EIC 
_exptl.method            'X-RAY DIFFRACTION' 
_exptl.crystals_number   1 
# 
_exptl_crystal.id                    1 
_exptl_crystal.density_meas          ? 
_exptl_crystal.density_Matthews      2.02 
_exptl_crystal.density_percent_sol   39.09 
_exptl_crystal.description           ? 
_exptl_crystal.F_000                 ? 
_exptl_crystal.preparation           ? 
# 
_exptl_crystal_grow.crystal_id      1 
_exptl_crystal_grow.method          'VAPOR DIFFUSION, HANGING DROP' 
_exptl_crystal_grow.temp            292 
_exptl_crystal_grow.temp_details    ? 
_exptl_crystal_grow.pH              6.5 
_exptl_crystal_grow.pdbx_details    '2.2M Ammonium sulphate, 0.1M MES, pH 6.5, VAPOR DIFFUSION, HANGING DROP, temperature 292K' 
_exptl_crystal_grow.pdbx_pH_range   ? 
# 
_diffrn.id                     1 
_diffrn.ambient_temp           100 
_diffrn.ambient_temp_details   ? 
_diffrn.crystal_id             1 
# 
_diffrn_detector.diffrn_id              1 
_diffrn_detector.detector               CCD 
_diffrn_detector.type                   'MAR CCD 165 mm' 
_diffrn_detector.pdbx_collection_date   2006-12-14 
_diffrn_detector.details                mirrors 
# 
_diffrn_radiation.diffrn_id                        1 
_diffrn_radiation.wavelength_id                    1 
_diffrn_radiation.pdbx_monochromatic_or_laue_m_l   M 
_diffrn_radiation.monochromator                    Ge 
_diffrn_radiation.pdbx_diffrn_protocol             'SINGLE WAVELENGTH' 
_diffrn_radiation.pdbx_scattering_type             x-ray 
# 
_diffrn_radiation_wavelength.id           1 
_diffrn_radiation_wavelength.wavelength   0.8166 
_diffrn_radiation_wavelength.wt           1.0 
# 
_diffrn_source.diffrn_id                   1 
_diffrn_source.source                      SYNCHROTRON 
_diffrn_source.type                        'EMBL/DESY, HAMBURG BEAMLINE X11' 
_diffrn_source.pdbx_synchrotron_site       'EMBL/DESY, HAMBURG' 
_diffrn_source.pdbx_synchrotron_beamline   X11 
_diffrn_source.pdbx_wavelength             ? 
_diffrn_source.pdbx_wavelength_list        0.8166 
# 
_reflns.entry_id                     4EIC 
_reflns.observed_criterion_sigma_I   -3.000 
_reflns.observed_criterion_sigma_F   0.0 
_reflns.d_resolution_low             32.55 
_reflns.d_resolution_high            0.84 
_reflns.number_obs                   64908 
_reflns.number_all                   64908 
_reflns.percent_possible_obs         94.8 
_reflns.pdbx_Rmerge_I_obs            0.063 
_reflns.pdbx_Rsym_value              ? 
_reflns.pdbx_netI_over_sigmaI        15.21 
_reflns.B_iso_Wilson_estimate        9.45 
_reflns.pdbx_redundancy              6.0 
_reflns.R_free_details               ? 
_reflns.limit_h_max                  ? 
_reflns.limit_h_min                  ? 
_reflns.limit_k_max                  ? 
_reflns.limit_k_min                  ? 
_reflns.limit_l_max                  ? 
_reflns.limit_l_min                  ? 
_reflns.observed_criterion_F_max     ? 
_reflns.observed_criterion_F_min     ? 
_reflns.pdbx_chi_squared             ? 
_reflns.pdbx_scaling_rejects         ? 
_reflns.pdbx_ordinal                 1 
_reflns.pdbx_diffrn_id               1 
# 
_reflns_shell.d_res_high             0.84 
_reflns_shell.d_res_low              0.86 
_reflns_shell.percent_possible_all   80.6 
_reflns_shell.Rmerge_I_obs           0.507 
_reflns_shell.pdbx_Rsym_value        ? 
_reflns_shell.meanI_over_sigI_obs    3.23 
_reflns_shell.pdbx_redundancy        4.3 
_reflns_shell.percent_possible_obs   ? 
_reflns_shell.number_unique_all      4069 
_reflns_shell.number_measured_all    ? 
_reflns_shell.number_measured_obs    ? 
_reflns_shell.number_unique_obs      ? 
_reflns_shell.pdbx_chi_squared       ? 
_reflns_shell.pdbx_ordinal           1 
_reflns_shell.pdbx_diffrn_id         1 
# 
_refine.entry_id                                 4EIC 
_refine.ls_number_reflns_obs                     64908 
_refine.ls_number_reflns_all                     64908 
_refine.pdbx_ls_sigma_I                          ? 
_refine.pdbx_ls_sigma_F                          0.0 
_refine.pdbx_data_cutoff_high_absF               ? 
_refine.pdbx_data_cutoff_low_absF                ? 
_refine.pdbx_data_cutoff_high_rms_absF           ? 
_refine.ls_d_res_low                             32.55 
_refine.ls_d_res_high                            0.84 
_refine.ls_percent_reflns_obs                    94.8 
_refine.ls_R_factor_obs                          0.1058 
_refine.ls_R_factor_all                          0.1058 
_refine.ls_R_factor_R_work                       0.1056 
_refine.ls_R_factor_R_free                       0.1271 
_refine.ls_R_factor_R_free_error                 ? 
_refine.ls_R_factor_R_free_error_details         ? 
_refine.ls_percent_reflns_R_free                 1.5 
_refine.ls_number_reflns_R_free                  974 
_refine.ls_number_parameters                     7849 
_refine.ls_number_restraints                     7790 
_refine.occupancy_min                            ? 
_refine.occupancy_max                            ? 
_refine.correlation_coeff_Fo_to_Fc               ? 
_refine.correlation_coeff_Fo_to_Fc_free          ? 
_refine.B_iso_mean                               ? 
_refine.aniso_B[1][1]                            ? 
_refine.aniso_B[2][2]                            ? 
_refine.aniso_B[3][3]                            ? 
_refine.aniso_B[1][2]                            ? 
_refine.aniso_B[1][3]                            ? 
_refine.aniso_B[2][3]                            ? 
_refine.solvent_model_details                    ? 
_refine.solvent_model_param_ksol                 ? 
_refine.solvent_model_param_bsol                 ? 
_refine.pdbx_solvent_vdw_probe_radii             ? 
_refine.pdbx_solvent_ion_probe_radii             ? 
_refine.pdbx_solvent_shrinkage_radii             ? 
_refine.pdbx_ls_cross_valid_method               'FREE R' 
_refine.details                                  'ANISOTROPIC REFINEMENT,  HYDROGENS HAVE BEEN ADDED IN THE RIDING POSITIONS' 
_refine.pdbx_starting_model                      'PDB ENTRY 3DR0' 
_refine.pdbx_method_to_determine_struct          'MOLECULAR REPLACEMENT' 
_refine.pdbx_isotropic_thermal_model             ? 
_refine.pdbx_stereochemistry_target_values       'Engh & Huber' 
_refine.pdbx_stereochem_target_val_spec_case     ? 
_refine.pdbx_R_Free_selection_details            RANDOM 
_refine.pdbx_overall_ESU_R                       ? 
_refine.pdbx_overall_ESU_R_Free                  ? 
_refine.overall_SU_ML                            ? 
_refine.pdbx_overall_phase_error                 ? 
_refine.overall_SU_B                             ? 
_refine.overall_SU_R_Cruickshank_DPI             ? 
_refine.ls_redundancy_reflns_obs                 ? 
_refine.B_iso_min                                ? 
_refine.B_iso_max                                ? 
_refine.overall_SU_R_free                        ? 
_refine.ls_wR_factor_R_free                      ? 
_refine.ls_wR_factor_R_work                      ? 
_refine.overall_FOM_free_R_set                   ? 
_refine.overall_FOM_work_R_set                   ? 
_refine.pdbx_diffrn_id                           1 
_refine.pdbx_refine_id                           'X-RAY DIFFRACTION' 
_refine.pdbx_TLS_residual_ADP_flag               ? 
_refine.pdbx_overall_SU_R_free_Cruickshank_DPI   ? 
_refine.pdbx_overall_SU_R_Blow_DPI               ? 
_refine.pdbx_overall_SU_R_free_Blow_DPI          ? 
# 
_refine_analyze.entry_id                        4EIC 
_refine_analyze.Luzzati_coordinate_error_obs    ? 
_refine_analyze.Luzzati_sigma_a_obs             ? 
_refine_analyze.Luzzati_d_res_low_obs           ? 
_refine_analyze.Luzzati_coordinate_error_free   ? 
_refine_analyze.Luzzati_sigma_a_free            ? 
_refine_analyze.Luzzati_d_res_low_free          ? 
_refine_analyze.number_disordered_residues      12 
_refine_analyze.occupancy_sum_hydrogen          664.26 
_refine_analyze.occupancy_sum_non_hydrogen      800.71 
_refine_analyze.pdbx_Luzzati_d_res_high_obs     ? 
_refine_analyze.pdbx_refine_id                  'X-RAY DIFFRACTION' 
# 
_refine_hist.pdbx_refine_id                   'X-RAY DIFFRACTION' 
_refine_hist.cycle_id                         LAST 
_refine_hist.pdbx_number_atoms_protein        662 
_refine_hist.pdbx_number_atoms_nucleic_acid   0 
_refine_hist.pdbx_number_atoms_ligand         55 
_refine_hist.number_atoms_solvent             120 
_refine_hist.number_atoms_total               837 
_refine_hist.d_res_high                       0.84 
_refine_hist.d_res_low                        32.55 
# 
loop_
_refine_ls_restr.type 
_refine_ls_restr.dev_ideal 
_refine_ls_restr.dev_ideal_target 
_refine_ls_restr.weight 
_refine_ls_restr.number 
_refine_ls_restr.pdbx_restraint_function 
_refine_ls_restr.pdbx_refine_id 
s_bond_d               0.026  ? ? ? ? 'X-RAY DIFFRACTION' 
s_angle_d              0.057  ? ? ? ? 'X-RAY DIFFRACTION' 
s_similar_dist         0.000  ? ? ? ? 'X-RAY DIFFRACTION' 
s_from_restr_planes    0.0039 ? ? ? ? 'X-RAY DIFFRACTION' 
s_zero_chiral_vol      0.115  ? ? ? ? 'X-RAY DIFFRACTION' 
s_non_zero_chiral_vol  0.000  ? ? ? ? 'X-RAY DIFFRACTION' 
s_anti_bump_dis_restr  0.093  ? ? ? ? 'X-RAY DIFFRACTION' 
s_rigid_bond_adp_cmpnt 0.005  ? ? ? ? 'X-RAY DIFFRACTION' 
s_similar_adp_cmpnt    0.025  ? ? ? ? 'X-RAY DIFFRACTION' 
s_approx_iso_adps      0.080  ? ? ? ? 'X-RAY DIFFRACTION' 
# 
_pdbx_refine.pdbx_refine_id                              'X-RAY DIFFRACTION' 
_pdbx_refine.entry_id                                    4EIC 
_pdbx_refine.R_factor_all_no_cutoff                      0.1058 
_pdbx_refine.R_factor_obs_no_cutoff                      0.1056 
_pdbx_refine.free_R_factor_no_cutoff                     0.1271 
_pdbx_refine.free_R_error_no_cutoff                      ? 
_pdbx_refine.free_R_val_test_set_size_perc_no_cutoff     1.5 
_pdbx_refine.free_R_val_test_set_ct_no_cutoff            974 
_pdbx_refine.R_factor_all_4sig_cutoff                    0.0954 
_pdbx_refine.R_factor_obs_4sig_cutoff                    0.0952 
_pdbx_refine.free_R_factor_4sig_cutoff                   0.1177 
_pdbx_refine.free_R_val_test_set_size_perc_4sig_cutoff   1.5 
_pdbx_refine.free_R_val_test_set_ct_4sig_cutoff          823 
_pdbx_refine.number_reflns_obs_4sig_cutoff               54437 
# 
_struct.entry_id                  4EIC 
_struct.title                     
'Crystal structure of reduced cytochrome c6 from Synechococcus sp. PCC 7002 at ultra-high resolution' 
_struct.pdbx_model_details        ? 
_struct.pdbx_CASP_flag            ? 
_struct.pdbx_model_type_details   ? 
# 
_struct_keywords.entry_id        4EIC 
_struct_keywords.pdbx_keywords   'ELECTRON TRANSPORT' 
_struct_keywords.text            'ELECTRON TRANSPORT, Cytochrome C6' 
# 
loop_
_struct_asym.id 
_struct_asym.pdbx_blank_PDB_chainid_flag 
_struct_asym.pdbx_modified 
_struct_asym.entity_id 
_struct_asym.details 
A N N 1 ? 
B N N 2 ? 
C N N 3 ? 
D N N 4 ? 
# 
_struct_ref.id                         1 
_struct_ref.db_name                    UNP 
_struct_ref.db_code                    CYC6_SYNP2 
_struct_ref.pdbx_db_accession          O30881 
_struct_ref.entity_id                  1 
_struct_ref.pdbx_seq_one_letter_code   
;ADAAAGAQVFAANCAACHAGGNNAVMPTKTLKADALKTYLAGYKDGSKSLEEAVAYQVTNGQGAMPAFGGRLSDADIANV
AAYIADQAENNKW
;
_struct_ref.pdbx_align_begin           25 
_struct_ref.pdbx_db_isoform            ? 
# 
_struct_ref_seq.align_id                      1 
_struct_ref_seq.ref_id                        1 
_struct_ref_seq.pdbx_PDB_id_code              4EIC 
_struct_ref_seq.pdbx_strand_id                A 
_struct_ref_seq.seq_align_beg                 1 
_struct_ref_seq.pdbx_seq_align_beg_ins_code   ? 
_struct_ref_seq.seq_align_end                 93 
_struct_ref_seq.pdbx_seq_align_end_ins_code   ? 
_struct_ref_seq.pdbx_db_accession             O30881 
_struct_ref_seq.db_align_beg                  25 
_struct_ref_seq.pdbx_db_align_beg_ins_code    ? 
_struct_ref_seq.db_align_end                  117 
_struct_ref_seq.pdbx_db_align_end_ins_code    ? 
_struct_ref_seq.pdbx_auth_seq_align_beg       1 
_struct_ref_seq.pdbx_auth_seq_align_end       93 
# 
_pdbx_struct_assembly.id                   1 
_pdbx_struct_assembly.details              author_and_software_defined_assembly 
_pdbx_struct_assembly.method_details       PISA 
_pdbx_struct_assembly.oligomeric_details   monomeric 
_pdbx_struct_assembly.oligomeric_count     1 
# 
_pdbx_struct_assembly_gen.assembly_id       1 
_pdbx_struct_assembly_gen.oper_expression   1 
_pdbx_struct_assembly_gen.asym_id_list      A,B,C,D 
# 
_pdbx_struct_oper_list.id                   1 
_pdbx_struct_oper_list.type                 'identity operation' 
_pdbx_struct_oper_list.name                 1_555 
_pdbx_struct_oper_list.symmetry_operation   x,y,z 
_pdbx_struct_oper_list.matrix[1][1]         1.0000000000 
_pdbx_struct_oper_list.matrix[1][2]         0.0000000000 
_pdbx_struct_oper_list.matrix[1][3]         0.0000000000 
_pdbx_struct_oper_list.vector[1]            0.0000000000 
_pdbx_struct_oper_list.matrix[2][1]         0.0000000000 
_pdbx_struct_oper_list.matrix[2][2]         1.0000000000 
_pdbx_struct_oper_list.matrix[2][3]         0.0000000000 
_pdbx_struct_oper_list.vector[2]            0.0000000000 
_pdbx_struct_oper_list.matrix[3][1]         0.0000000000 
_pdbx_struct_oper_list.matrix[3][2]         0.0000000000 
_pdbx_struct_oper_list.matrix[3][3]         1.0000000000 
_pdbx_struct_oper_list.vector[3]            0.0000000000 
# 
_struct_biol.id        1 
_struct_biol.details   ? 
# 
loop_
_struct_conf.conf_type_id 
_struct_conf.id 
_struct_conf.pdbx_PDB_helix_id 
_struct_conf.beg_label_comp_id 
_struct_conf.beg_label_asym_id 
_struct_conf.beg_label_seq_id 
_struct_conf.pdbx_beg_PDB_ins_code 
_struct_conf.end_label_comp_id 
_struct_conf.end_label_asym_id 
_struct_conf.end_label_seq_id 
_struct_conf.pdbx_end_PDB_ins_code 
_struct_conf.beg_auth_comp_id 
_struct_conf.beg_auth_asym_id 
_struct_conf.beg_auth_seq_id 
_struct_conf.end_auth_comp_id 
_struct_conf.end_auth_asym_id 
_struct_conf.end_auth_seq_id 
_struct_conf.pdbx_PDB_helix_class 
_struct_conf.details 
_struct_conf.pdbx_PDB_helix_length 
HELX_P HELX_P1 1 ASP A 2  ? CYS A 14 ? ASP A 2  CYS A 14 1 ? 13 
HELX_P HELX_P2 2 CYS A 14 ? ALA A 19 ? CYS A 14 ALA A 19 1 ? 6  
HELX_P HELX_P3 3 GLY A 20 ? ASN A 22 ? GLY A 20 ASN A 22 5 ? 3  
HELX_P HELX_P4 4 LYS A 32 ? LEU A 40 ? LYS A 32 LEU A 40 1 ? 9  
HELX_P HELX_P5 5 SER A 49 ? GLY A 61 ? SER A 49 GLY A 61 1 ? 13 
HELX_P HELX_P6 6 SER A 73 ? ASN A 90 ? SER A 73 ASN A 90 1 ? 18 
# 
_struct_conf_type.id          HELX_P 
_struct_conf_type.criteria    ? 
_struct_conf_type.reference   ? 
# 
loop_
_struct_conn.id 
_struct_conn.conn_type_id 
_struct_conn.pdbx_leaving_atom_flag 
_struct_conn.pdbx_PDB_id 
_struct_conn.ptnr1_label_asym_id 
_struct_conn.ptnr1_label_comp_id 
_struct_conn.ptnr1_label_seq_id 
_struct_conn.ptnr1_label_atom_id 
_struct_conn.pdbx_ptnr1_label_alt_id 
_struct_conn.pdbx_ptnr1_PDB_ins_code 
_struct_conn.pdbx_ptnr1_standard_comp_id 
_struct_conn.ptnr1_symmetry 
_struct_conn.ptnr2_label_asym_id 
_struct_conn.ptnr2_label_comp_id 
_struct_conn.ptnr2_label_seq_id 
_struct_conn.ptnr2_label_atom_id 
_struct_conn.pdbx_ptnr2_label_alt_id 
_struct_conn.pdbx_ptnr2_PDB_ins_code 
_struct_conn.ptnr1_auth_asym_id 
_struct_conn.ptnr1_auth_comp_id 
_struct_conn.ptnr1_auth_seq_id 
_struct_conn.ptnr2_auth_asym_id 
_struct_conn.ptnr2_auth_comp_id 
_struct_conn.ptnr2_auth_seq_id 
_struct_conn.ptnr2_symmetry 
_struct_conn.pdbx_ptnr3_label_atom_id 
_struct_conn.pdbx_ptnr3_label_seq_id 
_struct_conn.pdbx_ptnr3_label_comp_id 
_struct_conn.pdbx_ptnr3_label_asym_id 
_struct_conn.pdbx_ptnr3_label_alt_id 
_struct_conn.pdbx_ptnr3_PDB_ins_code 
_struct_conn.details 
_struct_conn.pdbx_dist_value 
_struct_conn.pdbx_value_order 
_struct_conn.pdbx_role 
covale1 covale none ? A CYS 14 SG  ? ? ? 1_555 B HEC . CAB ? ? A CYS 14 A HEC 101 1_555 ? ? ? ? ? ? ? 1.832 ? ? 
covale2 covale none ? A CYS 17 SG  ? ? ? 1_555 B HEC . CAC ? ? A CYS 17 A HEC 101 1_555 ? ? ? ? ? ? ? 1.836 ? ? 
metalc1 metalc ?    ? A HIS 18 NE2 ? ? ? 1_555 B HEC . FE  ? ? A HIS 18 A HEC 101 1_555 ? ? ? ? ? ? ? 1.976 ? ? 
metalc2 metalc ?    ? A MET 65 SD  ? ? ? 1_555 B HEC . FE  ? ? A MET 65 A HEC 101 1_555 ? ? ? ? ? ? ? 2.339 ? ? 
# 
loop_
_struct_conn_type.id 
_struct_conn_type.criteria 
_struct_conn_type.reference 
covale ? ? 
metalc ? ? 
# 
loop_
_pdbx_struct_conn_angle.id 
_pdbx_struct_conn_angle.ptnr1_label_atom_id 
_pdbx_struct_conn_angle.ptnr1_label_alt_id 
_pdbx_struct_conn_angle.ptnr1_label_asym_id 
_pdbx_struct_conn_angle.ptnr1_label_comp_id 
_pdbx_struct_conn_angle.ptnr1_label_seq_id 
_pdbx_struct_conn_angle.ptnr1_auth_atom_id 
_pdbx_struct_conn_angle.ptnr1_auth_asym_id 
_pdbx_struct_conn_angle.ptnr1_auth_comp_id 
_pdbx_struct_conn_angle.ptnr1_auth_seq_id 
_pdbx_struct_conn_angle.ptnr1_PDB_ins_code 
_pdbx_struct_conn_angle.ptnr1_symmetry 
_pdbx_struct_conn_angle.ptnr2_label_atom_id 
_pdbx_struct_conn_angle.ptnr2_label_alt_id 
_pdbx_struct_conn_angle.ptnr2_label_asym_id 
_pdbx_struct_conn_angle.ptnr2_label_comp_id 
_pdbx_struct_conn_angle.ptnr2_label_seq_id 
_pdbx_struct_conn_angle.ptnr2_auth_atom_id 
_pdbx_struct_conn_angle.ptnr2_auth_asym_id 
_pdbx_struct_conn_angle.ptnr2_auth_comp_id 
_pdbx_struct_conn_angle.ptnr2_auth_seq_id 
_pdbx_struct_conn_angle.ptnr2_PDB_ins_code 
_pdbx_struct_conn_angle.ptnr2_symmetry 
_pdbx_struct_conn_angle.ptnr3_label_atom_id 
_pdbx_struct_conn_angle.ptnr3_label_alt_id 
_pdbx_struct_conn_angle.ptnr3_label_asym_id 
_pdbx_struct_conn_angle.ptnr3_label_comp_id 
_pdbx_struct_conn_angle.ptnr3_label_seq_id 
_pdbx_struct_conn_angle.ptnr3_auth_atom_id 
_pdbx_struct_conn_angle.ptnr3_auth_asym_id 
_pdbx_struct_conn_angle.ptnr3_auth_comp_id 
_pdbx_struct_conn_angle.ptnr3_auth_seq_id 
_pdbx_struct_conn_angle.ptnr3_PDB_ins_code 
_pdbx_struct_conn_angle.ptnr3_symmetry 
_pdbx_struct_conn_angle.value 
_pdbx_struct_conn_angle.value_esd 
1  NE2 ? A HIS 18 ? A HIS 18  ? 1_555 FE ? B HEC . ? A HEC 101 ? 1_555 NA ? B HEC .  ? A HEC 101 ? 1_555 91.1  ? 
2  NE2 ? A HIS 18 ? A HIS 18  ? 1_555 FE ? B HEC . ? A HEC 101 ? 1_555 NB ? B HEC .  ? A HEC 101 ? 1_555 90.0  ? 
3  NA  ? B HEC .  ? A HEC 101 ? 1_555 FE ? B HEC . ? A HEC 101 ? 1_555 NB ? B HEC .  ? A HEC 101 ? 1_555 90.2  ? 
4  NE2 ? A HIS 18 ? A HIS 18  ? 1_555 FE ? B HEC . ? A HEC 101 ? 1_555 NC ? B HEC .  ? A HEC 101 ? 1_555 88.7  ? 
5  NA  ? B HEC .  ? A HEC 101 ? 1_555 FE ? B HEC . ? A HEC 101 ? 1_555 NC ? B HEC .  ? A HEC 101 ? 1_555 179.6 ? 
6  NB  ? B HEC .  ? A HEC 101 ? 1_555 FE ? B HEC . ? A HEC 101 ? 1_555 NC ? B HEC .  ? A HEC 101 ? 1_555 90.1  ? 
7  NE2 ? A HIS 18 ? A HIS 18  ? 1_555 FE ? B HEC . ? A HEC 101 ? 1_555 ND ? B HEC .  ? A HEC 101 ? 1_555 90.6  ? 
8  NA  ? B HEC .  ? A HEC 101 ? 1_555 FE ? B HEC . ? A HEC 101 ? 1_555 ND ? B HEC .  ? A HEC 101 ? 1_555 89.9  ? 
9  NB  ? B HEC .  ? A HEC 101 ? 1_555 FE ? B HEC . ? A HEC 101 ? 1_555 ND ? B HEC .  ? A HEC 101 ? 1_555 179.3 ? 
10 NC  ? B HEC .  ? A HEC 101 ? 1_555 FE ? B HEC . ? A HEC 101 ? 1_555 ND ? B HEC .  ? A HEC 101 ? 1_555 89.7  ? 
11 NE2 ? A HIS 18 ? A HIS 18  ? 1_555 FE ? B HEC . ? A HEC 101 ? 1_555 SD ? A MET 65 ? A MET 65  ? 1_555 175.4 ? 
12 NA  ? B HEC .  ? A HEC 101 ? 1_555 FE ? B HEC . ? A HEC 101 ? 1_555 SD ? A MET 65 ? A MET 65  ? 1_555 84.6  ? 
13 NB  ? B HEC .  ? A HEC 101 ? 1_555 FE ? B HEC . ? A HEC 101 ? 1_555 SD ? A MET 65 ? A MET 65  ? 1_555 91.6  ? 
14 NC  ? B HEC .  ? A HEC 101 ? 1_555 FE ? B HEC . ? A HEC 101 ? 1_555 SD ? A MET 65 ? A MET 65  ? 1_555 95.6  ? 
15 ND  ? B HEC .  ? A HEC 101 ? 1_555 FE ? B HEC . ? A HEC 101 ? 1_555 SD ? A MET 65 ? A MET 65  ? 1_555 87.8  ? 
# 
loop_
_pdbx_modification_feature.ordinal 
_pdbx_modification_feature.label_comp_id 
_pdbx_modification_feature.label_asym_id 
_pdbx_modification_feature.label_seq_id 
_pdbx_modification_feature.label_alt_id 
_pdbx_modification_feature.modified_residue_label_comp_id 
_pdbx_modification_feature.modified_residue_label_asym_id 
_pdbx_modification_feature.modified_residue_label_seq_id 
_pdbx_modification_feature.modified_residue_label_alt_id 
_pdbx_modification_feature.auth_comp_id 
_pdbx_modification_feature.auth_asym_id 
_pdbx_modification_feature.auth_seq_id 
_pdbx_modification_feature.PDB_ins_code 
_pdbx_modification_feature.symmetry 
_pdbx_modification_feature.modified_residue_auth_comp_id 
_pdbx_modification_feature.modified_residue_auth_asym_id 
_pdbx_modification_feature.modified_residue_auth_seq_id 
_pdbx_modification_feature.modified_residue_PDB_ins_code 
_pdbx_modification_feature.modified_residue_symmetry 
_pdbx_modification_feature.comp_id_linking_atom 
_pdbx_modification_feature.modified_residue_id_linking_atom 
_pdbx_modification_feature.modified_residue_id 
_pdbx_modification_feature.ref_pcm_id 
_pdbx_modification_feature.ref_comp_id 
_pdbx_modification_feature.type 
_pdbx_modification_feature.category 
1 HEC B . ? CYS A 14 ? HEC A 101 ? 1_555 CYS A 14 ? 1_555 CAB SG CYS 2 HEC None Heme/heme-like 
2 HEC B . ? CYS A 17 ? HEC A 101 ? 1_555 CYS A 17 ? 1_555 CAC SG CYS 3 HEC None Heme/heme-like 
# 
loop_
_struct_site.id 
_struct_site.pdbx_evidence_code 
_struct_site.pdbx_auth_asym_id 
_struct_site.pdbx_auth_comp_id 
_struct_site.pdbx_auth_seq_id 
_struct_site.pdbx_auth_ins_code 
_struct_site.pdbx_num_residues 
_struct_site.details 
AC1 Software A HEC 101 ? 20 'BINDING SITE FOR RESIDUE HEC A 101' 
AC2 Software A MES 102 ? 1  'BINDING SITE FOR RESIDUE MES A 102' 
# 
loop_
_struct_site_gen.id 
_struct_site_gen.site_id 
_struct_site_gen.pdbx_num_res 
_struct_site_gen.label_comp_id 
_struct_site_gen.label_asym_id 
_struct_site_gen.label_seq_id 
_struct_site_gen.pdbx_auth_ins_code 
_struct_site_gen.auth_comp_id 
_struct_site_gen.auth_asym_id 
_struct_site_gen.auth_seq_id 
_struct_site_gen.label_atom_id 
_struct_site_gen.label_alt_id 
_struct_site_gen.symmetry 
_struct_site_gen.details 
1  AC1 20 ASN A 13 ? ASN A 13  . ? 1_555 ? 
2  AC1 20 CYS A 14 ? CYS A 14  . ? 1_555 ? 
3  AC1 20 CYS A 17 ? CYS A 17  . ? 1_555 ? 
4  AC1 20 HIS A 18 ? HIS A 18  . ? 1_555 ? 
5  AC1 20 ASN A 23 ? ASN A 23  . ? 1_555 ? 
6  AC1 20 VAL A 25 ? VAL A 25  . ? 1_555 ? 
7  AC1 20 MET A 26 ? MET A 26  . ? 1_555 ? 
8  AC1 20 LYS A 29 ? LYS A 29  . ? 1_555 ? 
9  AC1 20 THR A 30 ? THR A 30  . ? 1_555 ? 
10 AC1 20 LEU A 31 ? LEU A 31  . ? 1_555 ? 
11 AC1 20 ALA A 35 ? ALA A 35  . ? 1_555 ? 
12 AC1 20 TYR A 39 ? TYR A 39  . ? 1_555 ? 
13 AC1 20 LEU A 40 ? LEU A 40  . ? 1_555 ? 
14 AC1 20 GLN A 57 ? GLN A 57  . ? 1_555 ? 
15 AC1 20 VAL A 58 ? VAL A 58  . ? 1_555 ? 
16 AC1 20 GLN A 62 ? GLN A 62  . ? 1_555 ? 
17 AC1 20 MET A 65 ? MET A 65  . ? 1_555 ? 
18 AC1 20 HOH D .  ? HOH A 201 . ? 1_555 ? 
19 AC1 20 HOH D .  ? HOH A 215 . ? 1_555 ? 
20 AC1 20 HOH D .  ? HOH A 268 . ? 1_555 ? 
21 AC2 1  CYS A 17 ? CYS A 17  . ? 1_555 ? 
# 
_pdbx_entry_details.entry_id                   4EIC 
_pdbx_entry_details.compound_details           ? 
_pdbx_entry_details.source_details             ? 
_pdbx_entry_details.nonpolymer_details         ? 
_pdbx_entry_details.sequence_details           ? 
_pdbx_entry_details.has_ligand_of_interest     ? 
_pdbx_entry_details.has_protein_modification   Y 
# 
loop_
_chem_comp_atom.comp_id 
_chem_comp_atom.atom_id 
_chem_comp_atom.type_symbol 
_chem_comp_atom.pdbx_aromatic_flag 
_chem_comp_atom.pdbx_stereo_config 
_chem_comp_atom.pdbx_ordinal 
ALA N    N  N N 1   
ALA CA   C  N S 2   
ALA C    C  N N 3   
ALA O    O  N N 4   
ALA CB   C  N N 5   
ALA OXT  O  N N 6   
ALA H    H  N N 7   
ALA H2   H  N N 8   
ALA HA   H  N N 9   
ALA HB1  H  N N 10  
ALA HB2  H  N N 11  
ALA HB3  H  N N 12  
ALA HXT  H  N N 13  
ARG N    N  N N 14  
ARG CA   C  N S 15  
ARG C    C  N N 16  
ARG O    O  N N 17  
ARG CB   C  N N 18  
ARG CG   C  N N 19  
ARG CD   C  N N 20  
ARG NE   N  N N 21  
ARG CZ   C  N N 22  
ARG NH1  N  N N 23  
ARG NH2  N  N N 24  
ARG OXT  O  N N 25  
ARG H    H  N N 26  
ARG H2   H  N N 27  
ARG HA   H  N N 28  
ARG HB2  H  N N 29  
ARG HB3  H  N N 30  
ARG HG2  H  N N 31  
ARG HG3  H  N N 32  
ARG HD2  H  N N 33  
ARG HD3  H  N N 34  
ARG HE   H  N N 35  
ARG HH11 H  N N 36  
ARG HH12 H  N N 37  
ARG HH21 H  N N 38  
ARG HH22 H  N N 39  
ARG HXT  H  N N 40  
ASN N    N  N N 41  
ASN CA   C  N S 42  
ASN C    C  N N 43  
ASN O    O  N N 44  
ASN CB   C  N N 45  
ASN CG   C  N N 46  
ASN OD1  O  N N 47  
ASN ND2  N  N N 48  
ASN OXT  O  N N 49  
ASN H    H  N N 50  
ASN H2   H  N N 51  
ASN HA   H  N N 52  
ASN HB2  H  N N 53  
ASN HB3  H  N N 54  
ASN HD21 H  N N 55  
ASN HD22 H  N N 56  
ASN HXT  H  N N 57  
ASP N    N  N N 58  
ASP CA   C  N S 59  
ASP C    C  N N 60  
ASP O    O  N N 61  
ASP CB   C  N N 62  
ASP CG   C  N N 63  
ASP OD1  O  N N 64  
ASP OD2  O  N N 65  
ASP OXT  O  N N 66  
ASP H    H  N N 67  
ASP H2   H  N N 68  
ASP HA   H  N N 69  
ASP HB2  H  N N 70  
ASP HB3  H  N N 71  
ASP HD2  H  N N 72  
ASP HXT  H  N N 73  
CYS N    N  N N 74  
CYS CA   C  N R 75  
CYS C    C  N N 76  
CYS O    O  N N 77  
CYS CB   C  N N 78  
CYS SG   S  N N 79  
CYS OXT  O  N N 80  
CYS H    H  N N 81  
CYS H2   H  N N 82  
CYS HA   H  N N 83  
CYS HB2  H  N N 84  
CYS HB3  H  N N 85  
CYS HG   H  N N 86  
CYS HXT  H  N N 87  
GLN N    N  N N 88  
GLN CA   C  N S 89  
GLN C    C  N N 90  
GLN O    O  N N 91  
GLN CB   C  N N 92  
GLN CG   C  N N 93  
GLN CD   C  N N 94  
GLN OE1  O  N N 95  
GLN NE2  N  N N 96  
GLN OXT  O  N N 97  
GLN H    H  N N 98  
GLN H2   H  N N 99  
GLN HA   H  N N 100 
GLN HB2  H  N N 101 
GLN HB3  H  N N 102 
GLN HG2  H  N N 103 
GLN HG3  H  N N 104 
GLN HE21 H  N N 105 
GLN HE22 H  N N 106 
GLN HXT  H  N N 107 
GLU N    N  N N 108 
GLU CA   C  N S 109 
GLU C    C  N N 110 
GLU O    O  N N 111 
GLU CB   C  N N 112 
GLU CG   C  N N 113 
GLU CD   C  N N 114 
GLU OE1  O  N N 115 
GLU OE2  O  N N 116 
GLU OXT  O  N N 117 
GLU H    H  N N 118 
GLU H2   H  N N 119 
GLU HA   H  N N 120 
GLU HB2  H  N N 121 
GLU HB3  H  N N 122 
GLU HG2  H  N N 123 
GLU HG3  H  N N 124 
GLU HE2  H  N N 125 
GLU HXT  H  N N 126 
GLY N    N  N N 127 
GLY CA   C  N N 128 
GLY C    C  N N 129 
GLY O    O  N N 130 
GLY OXT  O  N N 131 
GLY H    H  N N 132 
GLY H2   H  N N 133 
GLY HA2  H  N N 134 
GLY HA3  H  N N 135 
GLY HXT  H  N N 136 
HEC FE   FE N N 137 
HEC CHA  C  N N 138 
HEC CHB  C  N N 139 
HEC CHC  C  N N 140 
HEC CHD  C  N N 141 
HEC NA   N  Y N 142 
HEC C1A  C  Y N 143 
HEC C2A  C  Y N 144 
HEC C3A  C  Y N 145 
HEC C4A  C  Y N 146 
HEC CMA  C  N N 147 
HEC CAA  C  N N 148 
HEC CBA  C  N N 149 
HEC CGA  C  N N 150 
HEC O1A  O  N N 151 
HEC O2A  O  N N 152 
HEC NB   N  Y N 153 
HEC C1B  C  Y N 154 
HEC C2B  C  Y N 155 
HEC C3B  C  Y N 156 
HEC C4B  C  Y N 157 
HEC CMB  C  N N 158 
HEC CAB  C  N N 159 
HEC CBB  C  N N 160 
HEC NC   N  Y N 161 
HEC C1C  C  Y N 162 
HEC C2C  C  Y N 163 
HEC C3C  C  Y N 164 
HEC C4C  C  Y N 165 
HEC CMC  C  N N 166 
HEC CAC  C  N N 167 
HEC CBC  C  N N 168 
HEC ND   N  Y N 169 
HEC C1D  C  Y N 170 
HEC C2D  C  Y N 171 
HEC C3D  C  Y N 172 
HEC C4D  C  Y N 173 
HEC CMD  C  N N 174 
HEC CAD  C  N N 175 
HEC CBD  C  N N 176 
HEC CGD  C  N N 177 
HEC O1D  O  N N 178 
HEC O2D  O  N N 179 
HEC HHA  H  N N 180 
HEC HHB  H  N N 181 
HEC HHC  H  N N 182 
HEC HHD  H  N N 183 
HEC HMA1 H  N N 184 
HEC HMA2 H  N N 185 
HEC HMA3 H  N N 186 
HEC HAA1 H  N N 187 
HEC HAA2 H  N N 188 
HEC HBA1 H  N N 189 
HEC HBA2 H  N N 190 
HEC H2A  H  N N 191 
HEC HMB1 H  N N 192 
HEC HMB2 H  N N 193 
HEC HMB3 H  N N 194 
HEC HAB  H  N N 195 
HEC HBB1 H  N N 196 
HEC HBB2 H  N N 197 
HEC HBB3 H  N N 198 
HEC HMC1 H  N N 199 
HEC HMC2 H  N N 200 
HEC HMC3 H  N N 201 
HEC HAC  H  N N 202 
HEC HBC1 H  N N 203 
HEC HBC2 H  N N 204 
HEC HBC3 H  N N 205 
HEC HMD1 H  N N 206 
HEC HMD2 H  N N 207 
HEC HMD3 H  N N 208 
HEC HAD1 H  N N 209 
HEC HAD2 H  N N 210 
HEC HBD1 H  N N 211 
HEC HBD2 H  N N 212 
HEC H2D  H  N N 213 
HIS N    N  N N 214 
HIS CA   C  N S 215 
HIS C    C  N N 216 
HIS O    O  N N 217 
HIS CB   C  N N 218 
HIS CG   C  Y N 219 
HIS ND1  N  Y N 220 
HIS CD2  C  Y N 221 
HIS CE1  C  Y N 222 
HIS NE2  N  Y N 223 
HIS OXT  O  N N 224 
HIS H    H  N N 225 
HIS H2   H  N N 226 
HIS HA   H  N N 227 
HIS HB2  H  N N 228 
HIS HB3  H  N N 229 
HIS HD1  H  N N 230 
HIS HD2  H  N N 231 
HIS HE1  H  N N 232 
HIS HE2  H  N N 233 
HIS HXT  H  N N 234 
HOH O    O  N N 235 
HOH H1   H  N N 236 
HOH H2   H  N N 237 
ILE N    N  N N 238 
ILE CA   C  N S 239 
ILE C    C  N N 240 
ILE O    O  N N 241 
ILE CB   C  N S 242 
ILE CG1  C  N N 243 
ILE CG2  C  N N 244 
ILE CD1  C  N N 245 
ILE OXT  O  N N 246 
ILE H    H  N N 247 
ILE H2   H  N N 248 
ILE HA   H  N N 249 
ILE HB   H  N N 250 
ILE HG12 H  N N 251 
ILE HG13 H  N N 252 
ILE HG21 H  N N 253 
ILE HG22 H  N N 254 
ILE HG23 H  N N 255 
ILE HD11 H  N N 256 
ILE HD12 H  N N 257 
ILE HD13 H  N N 258 
ILE HXT  H  N N 259 
LEU N    N  N N 260 
LEU CA   C  N S 261 
LEU C    C  N N 262 
LEU O    O  N N 263 
LEU CB   C  N N 264 
LEU CG   C  N N 265 
LEU CD1  C  N N 266 
LEU CD2  C  N N 267 
LEU OXT  O  N N 268 
LEU H    H  N N 269 
LEU H2   H  N N 270 
LEU HA   H  N N 271 
LEU HB2  H  N N 272 
LEU HB3  H  N N 273 
LEU HG   H  N N 274 
LEU HD11 H  N N 275 
LEU HD12 H  N N 276 
LEU HD13 H  N N 277 
LEU HD21 H  N N 278 
LEU HD22 H  N N 279 
LEU HD23 H  N N 280 
LEU HXT  H  N N 281 
LYS N    N  N N 282 
LYS CA   C  N S 283 
LYS C    C  N N 284 
LYS O    O  N N 285 
LYS CB   C  N N 286 
LYS CG   C  N N 287 
LYS CD   C  N N 288 
LYS CE   C  N N 289 
LYS NZ   N  N N 290 
LYS OXT  O  N N 291 
LYS H    H  N N 292 
LYS H2   H  N N 293 
LYS HA   H  N N 294 
LYS HB2  H  N N 295 
LYS HB3  H  N N 296 
LYS HG2  H  N N 297 
LYS HG3  H  N N 298 
LYS HD2  H  N N 299 
LYS HD3  H  N N 300 
LYS HE2  H  N N 301 
LYS HE3  H  N N 302 
LYS HZ1  H  N N 303 
LYS HZ2  H  N N 304 
LYS HZ3  H  N N 305 
LYS HXT  H  N N 306 
MES O1   O  N N 307 
MES C2   C  N N 308 
MES C3   C  N N 309 
MES N4   N  N N 310 
MES C5   C  N N 311 
MES C6   C  N N 312 
MES C7   C  N N 313 
MES C8   C  N N 314 
MES S    S  N N 315 
MES O1S  O  N N 316 
MES O2S  O  N N 317 
MES O3S  O  N N 318 
MES H21  H  N N 319 
MES H22  H  N N 320 
MES H31  H  N N 321 
MES H32  H  N N 322 
MES HN4  H  N N 323 
MES H51  H  N N 324 
MES H52  H  N N 325 
MES H61  H  N N 326 
MES H62  H  N N 327 
MES H71  H  N N 328 
MES H72  H  N N 329 
MES H81  H  N N 330 
MES H82  H  N N 331 
MET N    N  N N 332 
MET CA   C  N S 333 
MET C    C  N N 334 
MET O    O  N N 335 
MET CB   C  N N 336 
MET CG   C  N N 337 
MET SD   S  N N 338 
MET CE   C  N N 339 
MET OXT  O  N N 340 
MET H    H  N N 341 
MET H2   H  N N 342 
MET HA   H  N N 343 
MET HB2  H  N N 344 
MET HB3  H  N N 345 
MET HG2  H  N N 346 
MET HG3  H  N N 347 
MET HE1  H  N N 348 
MET HE2  H  N N 349 
MET HE3  H  N N 350 
MET HXT  H  N N 351 
PHE N    N  N N 352 
PHE CA   C  N S 353 
PHE C    C  N N 354 
PHE O    O  N N 355 
PHE CB   C  N N 356 
PHE CG   C  Y N 357 
PHE CD1  C  Y N 358 
PHE CD2  C  Y N 359 
PHE CE1  C  Y N 360 
PHE CE2  C  Y N 361 
PHE CZ   C  Y N 362 
PHE OXT  O  N N 363 
PHE H    H  N N 364 
PHE H2   H  N N 365 
PHE HA   H  N N 366 
PHE HB2  H  N N 367 
PHE HB3  H  N N 368 
PHE HD1  H  N N 369 
PHE HD2  H  N N 370 
PHE HE1  H  N N 371 
PHE HE2  H  N N 372 
PHE HZ   H  N N 373 
PHE HXT  H  N N 374 
PRO N    N  N N 375 
PRO CA   C  N S 376 
PRO C    C  N N 377 
PRO O    O  N N 378 
PRO CB   C  N N 379 
PRO CG   C  N N 380 
PRO CD   C  N N 381 
PRO OXT  O  N N 382 
PRO H    H  N N 383 
PRO HA   H  N N 384 
PRO HB2  H  N N 385 
PRO HB3  H  N N 386 
PRO HG2  H  N N 387 
PRO HG3  H  N N 388 
PRO HD2  H  N N 389 
PRO HD3  H  N N 390 
PRO HXT  H  N N 391 
SER N    N  N N 392 
SER CA   C  N S 393 
SER C    C  N N 394 
SER O    O  N N 395 
SER CB   C  N N 396 
SER OG   O  N N 397 
SER OXT  O  N N 398 
SER H    H  N N 399 
SER H2   H  N N 400 
SER HA   H  N N 401 
SER HB2  H  N N 402 
SER HB3  H  N N 403 
SER HG   H  N N 404 
SER HXT  H  N N 405 
THR N    N  N N 406 
THR CA   C  N S 407 
THR C    C  N N 408 
THR O    O  N N 409 
THR CB   C  N R 410 
THR OG1  O  N N 411 
THR CG2  C  N N 412 
THR OXT  O  N N 413 
THR H    H  N N 414 
THR H2   H  N N 415 
THR HA   H  N N 416 
THR HB   H  N N 417 
THR HG1  H  N N 418 
THR HG21 H  N N 419 
THR HG22 H  N N 420 
THR HG23 H  N N 421 
THR HXT  H  N N 422 
TRP N    N  N N 423 
TRP CA   C  N S 424 
TRP C    C  N N 425 
TRP O    O  N N 426 
TRP CB   C  N N 427 
TRP CG   C  Y N 428 
TRP CD1  C  Y N 429 
TRP CD2  C  Y N 430 
TRP NE1  N  Y N 431 
TRP CE2  C  Y N 432 
TRP CE3  C  Y N 433 
TRP CZ2  C  Y N 434 
TRP CZ3  C  Y N 435 
TRP CH2  C  Y N 436 
TRP OXT  O  N N 437 
TRP H    H  N N 438 
TRP H2   H  N N 439 
TRP HA   H  N N 440 
TRP HB2  H  N N 441 
TRP HB3  H  N N 442 
TRP HD1  H  N N 443 
TRP HE1  H  N N 444 
TRP HE3  H  N N 445 
TRP HZ2  H  N N 446 
TRP HZ3  H  N N 447 
TRP HH2  H  N N 448 
TRP HXT  H  N N 449 
TYR N    N  N N 450 
TYR CA   C  N S 451 
TYR C    C  N N 452 
TYR O    O  N N 453 
TYR CB   C  N N 454 
TYR CG   C  Y N 455 
TYR CD1  C  Y N 456 
TYR CD2  C  Y N 457 
TYR CE1  C  Y N 458 
TYR CE2  C  Y N 459 
TYR CZ   C  Y N 460 
TYR OH   O  N N 461 
TYR OXT  O  N N 462 
TYR H    H  N N 463 
TYR H2   H  N N 464 
TYR HA   H  N N 465 
TYR HB2  H  N N 466 
TYR HB3  H  N N 467 
TYR HD1  H  N N 468 
TYR HD2  H  N N 469 
TYR HE1  H  N N 470 
TYR HE2  H  N N 471 
TYR HH   H  N N 472 
TYR HXT  H  N N 473 
VAL N    N  N N 474 
VAL CA   C  N S 475 
VAL C    C  N N 476 
VAL O    O  N N 477 
VAL CB   C  N N 478 
VAL CG1  C  N N 479 
VAL CG2  C  N N 480 
VAL OXT  O  N N 481 
VAL H    H  N N 482 
VAL H2   H  N N 483 
VAL HA   H  N N 484 
VAL HB   H  N N 485 
VAL HG11 H  N N 486 
VAL HG12 H  N N 487 
VAL HG13 H  N N 488 
VAL HG21 H  N N 489 
VAL HG22 H  N N 490 
VAL HG23 H  N N 491 
VAL HXT  H  N N 492 
# 
loop_
_chem_comp_bond.comp_id 
_chem_comp_bond.atom_id_1 
_chem_comp_bond.atom_id_2 
_chem_comp_bond.value_order 
_chem_comp_bond.pdbx_aromatic_flag 
_chem_comp_bond.pdbx_stereo_config 
_chem_comp_bond.pdbx_ordinal 
ALA N   CA   sing N N 1   
ALA N   H    sing N N 2   
ALA N   H2   sing N N 3   
ALA CA  C    sing N N 4   
ALA CA  CB   sing N N 5   
ALA CA  HA   sing N N 6   
ALA C   O    doub N N 7   
ALA C   OXT  sing N N 8   
ALA CB  HB1  sing N N 9   
ALA CB  HB2  sing N N 10  
ALA CB  HB3  sing N N 11  
ALA OXT HXT  sing N N 12  
ARG N   CA   sing N N 13  
ARG N   H    sing N N 14  
ARG N   H2   sing N N 15  
ARG CA  C    sing N N 16  
ARG CA  CB   sing N N 17  
ARG CA  HA   sing N N 18  
ARG C   O    doub N N 19  
ARG C   OXT  sing N N 20  
ARG CB  CG   sing N N 21  
ARG CB  HB2  sing N N 22  
ARG CB  HB3  sing N N 23  
ARG CG  CD   sing N N 24  
ARG CG  HG2  sing N N 25  
ARG CG  HG3  sing N N 26  
ARG CD  NE   sing N N 27  
ARG CD  HD2  sing N N 28  
ARG CD  HD3  sing N N 29  
ARG NE  CZ   sing N N 30  
ARG NE  HE   sing N N 31  
ARG CZ  NH1  sing N N 32  
ARG CZ  NH2  doub N N 33  
ARG NH1 HH11 sing N N 34  
ARG NH1 HH12 sing N N 35  
ARG NH2 HH21 sing N N 36  
ARG NH2 HH22 sing N N 37  
ARG OXT HXT  sing N N 38  
ASN N   CA   sing N N 39  
ASN N   H    sing N N 40  
ASN N   H2   sing N N 41  
ASN CA  C    sing N N 42  
ASN CA  CB   sing N N 43  
ASN CA  HA   sing N N 44  
ASN C   O    doub N N 45  
ASN C   OXT  sing N N 46  
ASN CB  CG   sing N N 47  
ASN CB  HB2  sing N N 48  
ASN CB  HB3  sing N N 49  
ASN CG  OD1  doub N N 50  
ASN CG  ND2  sing N N 51  
ASN ND2 HD21 sing N N 52  
ASN ND2 HD22 sing N N 53  
ASN OXT HXT  sing N N 54  
ASP N   CA   sing N N 55  
ASP N   H    sing N N 56  
ASP N   H2   sing N N 57  
ASP CA  C    sing N N 58  
ASP CA  CB   sing N N 59  
ASP CA  HA   sing N N 60  
ASP C   O    doub N N 61  
ASP C   OXT  sing N N 62  
ASP CB  CG   sing N N 63  
ASP CB  HB2  sing N N 64  
ASP CB  HB3  sing N N 65  
ASP CG  OD1  doub N N 66  
ASP CG  OD2  sing N N 67  
ASP OD2 HD2  sing N N 68  
ASP OXT HXT  sing N N 69  
CYS N   CA   sing N N 70  
CYS N   H    sing N N 71  
CYS N   H2   sing N N 72  
CYS CA  C    sing N N 73  
CYS CA  CB   sing N N 74  
CYS CA  HA   sing N N 75  
CYS C   O    doub N N 76  
CYS C   OXT  sing N N 77  
CYS CB  SG   sing N N 78  
CYS CB  HB2  sing N N 79  
CYS CB  HB3  sing N N 80  
CYS SG  HG   sing N N 81  
CYS OXT HXT  sing N N 82  
GLN N   CA   sing N N 83  
GLN N   H    sing N N 84  
GLN N   H2   sing N N 85  
GLN CA  C    sing N N 86  
GLN CA  CB   sing N N 87  
GLN CA  HA   sing N N 88  
GLN C   O    doub N N 89  
GLN C   OXT  sing N N 90  
GLN CB  CG   sing N N 91  
GLN CB  HB2  sing N N 92  
GLN CB  HB3  sing N N 93  
GLN CG  CD   sing N N 94  
GLN CG  HG2  sing N N 95  
GLN CG  HG3  sing N N 96  
GLN CD  OE1  doub N N 97  
GLN CD  NE2  sing N N 98  
GLN NE2 HE21 sing N N 99  
GLN NE2 HE22 sing N N 100 
GLN OXT HXT  sing N N 101 
GLU N   CA   sing N N 102 
GLU N   H    sing N N 103 
GLU N   H2   sing N N 104 
GLU CA  C    sing N N 105 
GLU CA  CB   sing N N 106 
GLU CA  HA   sing N N 107 
GLU C   O    doub N N 108 
GLU C   OXT  sing N N 109 
GLU CB  CG   sing N N 110 
GLU CB  HB2  sing N N 111 
GLU CB  HB3  sing N N 112 
GLU CG  CD   sing N N 113 
GLU CG  HG2  sing N N 114 
GLU CG  HG3  sing N N 115 
GLU CD  OE1  doub N N 116 
GLU CD  OE2  sing N N 117 
GLU OE2 HE2  sing N N 118 
GLU OXT HXT  sing N N 119 
GLY N   CA   sing N N 120 
GLY N   H    sing N N 121 
GLY N   H2   sing N N 122 
GLY CA  C    sing N N 123 
GLY CA  HA2  sing N N 124 
GLY CA  HA3  sing N N 125 
GLY C   O    doub N N 126 
GLY C   OXT  sing N N 127 
GLY OXT HXT  sing N N 128 
HEC FE  NA   sing N N 129 
HEC FE  NB   sing N N 130 
HEC FE  NC   sing N N 131 
HEC FE  ND   sing N N 132 
HEC CHA C1A  doub N N 133 
HEC CHA C4D  sing N N 134 
HEC CHA HHA  sing N N 135 
HEC CHB C4A  doub N N 136 
HEC CHB C1B  sing N N 137 
HEC CHB HHB  sing N N 138 
HEC CHC C4B  doub N N 139 
HEC CHC C1C  sing N N 140 
HEC CHC HHC  sing N N 141 
HEC CHD C4C  doub N N 142 
HEC CHD C1D  sing N N 143 
HEC CHD HHD  sing N N 144 
HEC NA  C1A  sing Y N 145 
HEC NA  C4A  sing Y N 146 
HEC C1A C2A  sing Y N 147 
HEC C2A C3A  doub Y N 148 
HEC C2A CAA  sing N N 149 
HEC C3A C4A  sing Y N 150 
HEC C3A CMA  sing N N 151 
HEC CMA HMA1 sing N N 152 
HEC CMA HMA2 sing N N 153 
HEC CMA HMA3 sing N N 154 
HEC CAA CBA  sing N N 155 
HEC CAA HAA1 sing N N 156 
HEC CAA HAA2 sing N N 157 
HEC CBA CGA  sing N N 158 
HEC CBA HBA1 sing N N 159 
HEC CBA HBA2 sing N N 160 
HEC CGA O1A  doub N N 161 
HEC CGA O2A  sing N N 162 
HEC O2A H2A  sing N N 163 
HEC NB  C1B  sing Y N 164 
HEC NB  C4B  sing Y N 165 
HEC C1B C2B  doub Y N 166 
HEC C2B C3B  sing Y N 167 
HEC C2B CMB  sing N N 168 
HEC C3B C4B  sing Y N 169 
HEC C3B CAB  doub N E 170 
HEC CMB HMB1 sing N N 171 
HEC CMB HMB2 sing N N 172 
HEC CMB HMB3 sing N N 173 
HEC CAB CBB  sing N N 174 
HEC CAB HAB  sing N N 175 
HEC CBB HBB1 sing N N 176 
HEC CBB HBB2 sing N N 177 
HEC CBB HBB3 sing N N 178 
HEC NC  C1C  sing Y N 179 
HEC NC  C4C  sing Y N 180 
HEC C1C C2C  doub Y N 181 
HEC C2C C3C  sing Y N 182 
HEC C2C CMC  sing N N 183 
HEC C3C C4C  sing Y N 184 
HEC C3C CAC  doub N E 185 
HEC CMC HMC1 sing N N 186 
HEC CMC HMC2 sing N N 187 
HEC CMC HMC3 sing N N 188 
HEC CAC CBC  sing N N 189 
HEC CAC HAC  sing N N 190 
HEC CBC HBC1 sing N N 191 
HEC CBC HBC2 sing N N 192 
HEC CBC HBC3 sing N N 193 
HEC ND  C1D  sing Y N 194 
HEC ND  C4D  sing Y N 195 
HEC C1D C2D  doub Y N 196 
HEC C2D C3D  sing Y N 197 
HEC C2D CMD  sing N N 198 
HEC C3D C4D  doub Y N 199 
HEC C3D CAD  sing N N 200 
HEC CMD HMD1 sing N N 201 
HEC CMD HMD2 sing N N 202 
HEC CMD HMD3 sing N N 203 
HEC CAD CBD  sing N N 204 
HEC CAD HAD1 sing N N 205 
HEC CAD HAD2 sing N N 206 
HEC CBD CGD  sing N N 207 
HEC CBD HBD1 sing N N 208 
HEC CBD HBD2 sing N N 209 
HEC CGD O1D  doub N N 210 
HEC CGD O2D  sing N N 211 
HEC O2D H2D  sing N N 212 
HIS N   CA   sing N N 213 
HIS N   H    sing N N 214 
HIS N   H2   sing N N 215 
HIS CA  C    sing N N 216 
HIS CA  CB   sing N N 217 
HIS CA  HA   sing N N 218 
HIS C   O    doub N N 219 
HIS C   OXT  sing N N 220 
HIS CB  CG   sing N N 221 
HIS CB  HB2  sing N N 222 
HIS CB  HB3  sing N N 223 
HIS CG  ND1  sing Y N 224 
HIS CG  CD2  doub Y N 225 
HIS ND1 CE1  doub Y N 226 
HIS ND1 HD1  sing N N 227 
HIS CD2 NE2  sing Y N 228 
HIS CD2 HD2  sing N N 229 
HIS CE1 NE2  sing Y N 230 
HIS CE1 HE1  sing N N 231 
HIS NE2 HE2  sing N N 232 
HIS OXT HXT  sing N N 233 
HOH O   H1   sing N N 234 
HOH O   H2   sing N N 235 
ILE N   CA   sing N N 236 
ILE N   H    sing N N 237 
ILE N   H2   sing N N 238 
ILE CA  C    sing N N 239 
ILE CA  CB   sing N N 240 
ILE CA  HA   sing N N 241 
ILE C   O    doub N N 242 
ILE C   OXT  sing N N 243 
ILE CB  CG1  sing N N 244 
ILE CB  CG2  sing N N 245 
ILE CB  HB   sing N N 246 
ILE CG1 CD1  sing N N 247 
ILE CG1 HG12 sing N N 248 
ILE CG1 HG13 sing N N 249 
ILE CG2 HG21 sing N N 250 
ILE CG2 HG22 sing N N 251 
ILE CG2 HG23 sing N N 252 
ILE CD1 HD11 sing N N 253 
ILE CD1 HD12 sing N N 254 
ILE CD1 HD13 sing N N 255 
ILE OXT HXT  sing N N 256 
LEU N   CA   sing N N 257 
LEU N   H    sing N N 258 
LEU N   H2   sing N N 259 
LEU CA  C    sing N N 260 
LEU CA  CB   sing N N 261 
LEU CA  HA   sing N N 262 
LEU C   O    doub N N 263 
LEU C   OXT  sing N N 264 
LEU CB  CG   sing N N 265 
LEU CB  HB2  sing N N 266 
LEU CB  HB3  sing N N 267 
LEU CG  CD1  sing N N 268 
LEU CG  CD2  sing N N 269 
LEU CG  HG   sing N N 270 
LEU CD1 HD11 sing N N 271 
LEU CD1 HD12 sing N N 272 
LEU CD1 HD13 sing N N 273 
LEU CD2 HD21 sing N N 274 
LEU CD2 HD22 sing N N 275 
LEU CD2 HD23 sing N N 276 
LEU OXT HXT  sing N N 277 
LYS N   CA   sing N N 278 
LYS N   H    sing N N 279 
LYS N   H2   sing N N 280 
LYS CA  C    sing N N 281 
LYS CA  CB   sing N N 282 
LYS CA  HA   sing N N 283 
LYS C   O    doub N N 284 
LYS C   OXT  sing N N 285 
LYS CB  CG   sing N N 286 
LYS CB  HB2  sing N N 287 
LYS CB  HB3  sing N N 288 
LYS CG  CD   sing N N 289 
LYS CG  HG2  sing N N 290 
LYS CG  HG3  sing N N 291 
LYS CD  CE   sing N N 292 
LYS CD  HD2  sing N N 293 
LYS CD  HD3  sing N N 294 
LYS CE  NZ   sing N N 295 
LYS CE  HE2  sing N N 296 
LYS CE  HE3  sing N N 297 
LYS NZ  HZ1  sing N N 298 
LYS NZ  HZ2  sing N N 299 
LYS NZ  HZ3  sing N N 300 
LYS OXT HXT  sing N N 301 
MES O1  C2   sing N N 302 
MES O1  C6   sing N N 303 
MES C2  C3   sing N N 304 
MES C2  H21  sing N N 305 
MES C2  H22  sing N N 306 
MES C3  N4   sing N N 307 
MES C3  H31  sing N N 308 
MES C3  H32  sing N N 309 
MES N4  C5   sing N N 310 
MES N4  C7   sing N N 311 
MES N4  HN4  sing N N 312 
MES C5  C6   sing N N 313 
MES C5  H51  sing N N 314 
MES C5  H52  sing N N 315 
MES C6  H61  sing N N 316 
MES C6  H62  sing N N 317 
MES C7  C8   sing N N 318 
MES C7  H71  sing N N 319 
MES C7  H72  sing N N 320 
MES C8  S    sing N N 321 
MES C8  H81  sing N N 322 
MES C8  H82  sing N N 323 
MES S   O1S  doub N N 324 
MES S   O2S  doub N N 325 
MES S   O3S  sing N N 326 
MET N   CA   sing N N 327 
MET N   H    sing N N 328 
MET N   H2   sing N N 329 
MET CA  C    sing N N 330 
MET CA  CB   sing N N 331 
MET CA  HA   sing N N 332 
MET C   O    doub N N 333 
MET C   OXT  sing N N 334 
MET CB  CG   sing N N 335 
MET CB  HB2  sing N N 336 
MET CB  HB3  sing N N 337 
MET CG  SD   sing N N 338 
MET CG  HG2  sing N N 339 
MET CG  HG3  sing N N 340 
MET SD  CE   sing N N 341 
MET CE  HE1  sing N N 342 
MET CE  HE2  sing N N 343 
MET CE  HE3  sing N N 344 
MET OXT HXT  sing N N 345 
PHE N   CA   sing N N 346 
PHE N   H    sing N N 347 
PHE N   H2   sing N N 348 
PHE CA  C    sing N N 349 
PHE CA  CB   sing N N 350 
PHE CA  HA   sing N N 351 
PHE C   O    doub N N 352 
PHE C   OXT  sing N N 353 
PHE CB  CG   sing N N 354 
PHE CB  HB2  sing N N 355 
PHE CB  HB3  sing N N 356 
PHE CG  CD1  doub Y N 357 
PHE CG  CD2  sing Y N 358 
PHE CD1 CE1  sing Y N 359 
PHE CD1 HD1  sing N N 360 
PHE CD2 CE2  doub Y N 361 
PHE CD2 HD2  sing N N 362 
PHE CE1 CZ   doub Y N 363 
PHE CE1 HE1  sing N N 364 
PHE CE2 CZ   sing Y N 365 
PHE CE2 HE2  sing N N 366 
PHE CZ  HZ   sing N N 367 
PHE OXT HXT  sing N N 368 
PRO N   CA   sing N N 369 
PRO N   CD   sing N N 370 
PRO N   H    sing N N 371 
PRO CA  C    sing N N 372 
PRO CA  CB   sing N N 373 
PRO CA  HA   sing N N 374 
PRO C   O    doub N N 375 
PRO C   OXT  sing N N 376 
PRO CB  CG   sing N N 377 
PRO CB  HB2  sing N N 378 
PRO CB  HB3  sing N N 379 
PRO CG  CD   sing N N 380 
PRO CG  HG2  sing N N 381 
PRO CG  HG3  sing N N 382 
PRO CD  HD2  sing N N 383 
PRO CD  HD3  sing N N 384 
PRO OXT HXT  sing N N 385 
SER N   CA   sing N N 386 
SER N   H    sing N N 387 
SER N   H2   sing N N 388 
SER CA  C    sing N N 389 
SER CA  CB   sing N N 390 
SER CA  HA   sing N N 391 
SER C   O    doub N N 392 
SER C   OXT  sing N N 393 
SER CB  OG   sing N N 394 
SER CB  HB2  sing N N 395 
SER CB  HB3  sing N N 396 
SER OG  HG   sing N N 397 
SER OXT HXT  sing N N 398 
THR N   CA   sing N N 399 
THR N   H    sing N N 400 
THR N   H2   sing N N 401 
THR CA  C    sing N N 402 
THR CA  CB   sing N N 403 
THR CA  HA   sing N N 404 
THR C   O    doub N N 405 
THR C   OXT  sing N N 406 
THR CB  OG1  sing N N 407 
THR CB  CG2  sing N N 408 
THR CB  HB   sing N N 409 
THR OG1 HG1  sing N N 410 
THR CG2 HG21 sing N N 411 
THR CG2 HG22 sing N N 412 
THR CG2 HG23 sing N N 413 
THR OXT HXT  sing N N 414 
TRP N   CA   sing N N 415 
TRP N   H    sing N N 416 
TRP N   H2   sing N N 417 
TRP CA  C    sing N N 418 
TRP CA  CB   sing N N 419 
TRP CA  HA   sing N N 420 
TRP C   O    doub N N 421 
TRP C   OXT  sing N N 422 
TRP CB  CG   sing N N 423 
TRP CB  HB2  sing N N 424 
TRP CB  HB3  sing N N 425 
TRP CG  CD1  doub Y N 426 
TRP CG  CD2  sing Y N 427 
TRP CD1 NE1  sing Y N 428 
TRP CD1 HD1  sing N N 429 
TRP CD2 CE2  doub Y N 430 
TRP CD2 CE3  sing Y N 431 
TRP NE1 CE2  sing Y N 432 
TRP NE1 HE1  sing N N 433 
TRP CE2 CZ2  sing Y N 434 
TRP CE3 CZ3  doub Y N 435 
TRP CE3 HE3  sing N N 436 
TRP CZ2 CH2  doub Y N 437 
TRP CZ2 HZ2  sing N N 438 
TRP CZ3 CH2  sing Y N 439 
TRP CZ3 HZ3  sing N N 440 
TRP CH2 HH2  sing N N 441 
TRP OXT HXT  sing N N 442 
TYR N   CA   sing N N 443 
TYR N   H    sing N N 444 
TYR N   H2   sing N N 445 
TYR CA  C    sing N N 446 
TYR CA  CB   sing N N 447 
TYR CA  HA   sing N N 448 
TYR C   O    doub N N 449 
TYR C   OXT  sing N N 450 
TYR CB  CG   sing N N 451 
TYR CB  HB2  sing N N 452 
TYR CB  HB3  sing N N 453 
TYR CG  CD1  doub Y N 454 
TYR CG  CD2  sing Y N 455 
TYR CD1 CE1  sing Y N 456 
TYR CD1 HD1  sing N N 457 
TYR CD2 CE2  doub Y N 458 
TYR CD2 HD2  sing N N 459 
TYR CE1 CZ   doub Y N 460 
TYR CE1 HE1  sing N N 461 
TYR CE2 CZ   sing Y N 462 
TYR CE2 HE2  sing N N 463 
TYR CZ  OH   sing N N 464 
TYR OH  HH   sing N N 465 
TYR OXT HXT  sing N N 466 
VAL N   CA   sing N N 467 
VAL N   H    sing N N 468 
VAL N   H2   sing N N 469 
VAL CA  C    sing N N 470 
VAL CA  CB   sing N N 471 
VAL CA  HA   sing N N 472 
VAL C   O    doub N N 473 
VAL C   OXT  sing N N 474 
VAL CB  CG1  sing N N 475 
VAL CB  CG2  sing N N 476 
VAL CB  HB   sing N N 477 
VAL CG1 HG11 sing N N 478 
VAL CG1 HG12 sing N N 479 
VAL CG1 HG13 sing N N 480 
VAL CG2 HG21 sing N N 481 
VAL CG2 HG22 sing N N 482 
VAL CG2 HG23 sing N N 483 
VAL OXT HXT  sing N N 484 
# 
_pdbx_initial_refinement_model.id               1 
_pdbx_initial_refinement_model.entity_id_list   ? 
_pdbx_initial_refinement_model.type             'experimental model' 
_pdbx_initial_refinement_model.source_name      PDB 
_pdbx_initial_refinement_model.accession_code   3DR0 
_pdbx_initial_refinement_model.details          'PDB ENTRY 3DR0' 
# 
_atom_sites.entry_id                    4EIC 
_atom_sites.fract_transf_matrix[1][1]   -0.00460769 
_atom_sites.fract_transf_matrix[1][2]   -0.03073218 
_atom_sites.fract_transf_matrix[1][3]   0.00754974 
_atom_sites.fract_transf_matrix[2][1]   0.02065127 
_atom_sites.fract_transf_matrix[2][2]   0.00411150 
_atom_sites.fract_transf_matrix[2][3]   0.02934010 
_atom_sites.fract_transf_matrix[3][1]   -0.01896440 
_atom_sites.fract_transf_matrix[3][2]   0.00146204 
_atom_sites.fract_transf_matrix[3][3]   0.01314337 
_atom_sites.fract_transf_vector[1]      0.149796 
_atom_sites.fract_transf_vector[2]      -0.009558 
_atom_sites.fract_transf_vector[3]      0.269833 
# 
loop_
_atom_type.symbol 
C  
FE 
N  
O  
S  
# 
loop_
_atom_site.group_PDB 
_atom_site.id 
_atom_site.type_symbol 
_atom_site.label_atom_id 
_atom_site.label_alt_id 
_atom_site.label_comp_id 
_atom_site.label_asym_id 
_atom_site.label_entity_id 
_atom_site.label_seq_id 
_atom_site.pdbx_PDB_ins_code 
_atom_site.Cartn_x 
_atom_site.Cartn_y 
_atom_site.Cartn_z 
_atom_site.occupancy 
_atom_site.B_iso_or_equiv 
_atom_site.pdbx_formal_charge 
_atom_site.auth_seq_id 
_atom_site.auth_comp_id 
_atom_site.auth_asym_id 
_atom_site.auth_atom_id 
_atom_site.pdbx_PDB_model_num 
ATOM   1   N  N   . ALA A 1 1  ? -10.976 6.263   0.737   1.00 15.06 ? 1   ALA A N   1 
ATOM   2   C  CA  . ALA A 1 1  ? -10.406 7.364   -0.161  1.00 10.98 ? 1   ALA A CA  1 
ATOM   3   C  C   . ALA A 1 1  ? -10.630 6.878   -1.590  1.00 10.40 ? 1   ALA A C   1 
ATOM   4   O  O   . ALA A 1 1  ? -11.422 5.955   -1.829  1.00 11.97 ? 1   ALA A O   1 
ATOM   5   C  CB  . ALA A 1 1  ? -9.045  7.691   0.168   1.00 11.03 ? 1   ALA A CB  1 
ATOM   6   N  N   . ASP A 1 2  ? -10.032 7.608   -2.584  1.00 9.80  ? 2   ASP A N   1 
ATOM   7   C  CA  . ASP A 1 2  ? -10.356 7.461   -4.074  1.00 9.56  ? 2   ASP A CA  1 
ATOM   8   C  C   . ASP A 1 2  ? -9.408  6.483   -4.698  1.00 8.13  ? 2   ASP A C   1 
ATOM   9   O  O   . ASP A 1 2  ? -8.252  6.863   -5.098  1.00 8.12  ? 2   ASP A O   1 
ATOM   10  C  CB  . ASP A 1 2  ? -10.312 8.843   -4.708  1.00 10.52 ? 2   ASP A CB  1 
ATOM   11  C  CG  . ASP A 1 2  ? -10.805 8.877   -6.078  1.00 11.20 ? 2   ASP A CG  1 
ATOM   12  O  OD1 . ASP A 1 2  ? -10.757 7.821   -6.763  1.00 12.18 ? 2   ASP A OD1 1 
ATOM   13  O  OD2 . ASP A 1 2  ? -11.280 9.945   -6.470  1.00 15.88 ? 2   ASP A OD2 1 
ATOM   14  N  N   . ALA A 1 3  ? -9.823  5.240   -4.896  1.00 8.30  ? 3   ALA A N   1 
ATOM   15  C  CA  . ALA A 1 3  ? -8.933  4.237   -5.464  1.00 8.11  ? 3   ALA A CA  1 
ATOM   16  C  C   . ALA A 1 3  ? -8.527  4.551   -6.878  1.00 8.03  ? 3   ALA A C   1 
ATOM   17  O  O   . ALA A 1 3  ? -7.363  4.303   -7.250  1.00 8.74  ? 3   ALA A O   1 
ATOM   18  C  CB  . ALA A 1 3  ? -9.627  2.835   -5.426  1.00 9.21  ? 3   ALA A CB  1 
ATOM   19  N  N   . ALA A 1 4  ? -9.457  5.048   -7.667  1.00 9.36  ? 4   ALA A N   1 
ATOM   20  C  CA  . ALA A 1 4  ? -9.117  5.346   -9.016  1.00 11.64 ? 4   ALA A CA  1 
ATOM   21  C  C   . ALA A 1 4  ? -8.055  6.443   -9.111  1.00 10.43 ? 4   ALA A C   1 
ATOM   22  O  O   . ALA A 1 4  ? -7.099  6.332   -9.920  1.00 11.60 ? 4   ALA A O   1 
ATOM   23  C  CB  . ALA A 1 4  ? -10.417 5.858   -9.773  1.00 14.06 ? 4   ALA A CB  1 
ATOM   24  N  N   . ALA A 1 5  ? -8.148  7.486   -8.272  1.00 9.81  ? 5   ALA A N   1 
ATOM   25  C  CA  . ALA A 1 5  ? -7.071  8.493   -8.236  1.00 9.97  ? 5   ALA A CA  1 
ATOM   26  C  C   . ALA A 1 5  ? -5.748  7.908   -7.737  1.00 8.19  ? 5   ALA A C   1 
ATOM   27  O  O   . ALA A 1 5  ? -4.623  8.207   -8.168  1.00 9.64  ? 5   ALA A O   1 
ATOM   28  C  CB  . ALA A 1 5  ? -7.461  9.668   -7.414  1.00 10.94 ? 5   ALA A CB  1 
ATOM   29  N  N   . GLY A 1 6  ? -5.882  6.952   -6.792  1.00 6.93  ? 6   GLY A N   1 
ATOM   30  C  CA  . GLY A 1 6  ? -4.709  6.304   -6.233  1.00 6.50  ? 6   GLY A CA  1 
ATOM   31  C  C   . GLY A 1 6  ? -3.908  5.495   -7.226  1.00 6.43  ? 6   GLY A C   1 
ATOM   32  O  O   . GLY A 1 6  ? -2.700  5.313   -7.035  1.00 6.95  ? 6   GLY A O   1 
ATOM   33  N  N   . ALA A 1 7  ? -4.524  4.987   -8.285  1.00 6.80  ? 7   ALA A N   1 
ATOM   34  C  CA  . ALA A 1 7  ? -3.798  4.229   -9.304  1.00 7.04  ? 7   ALA A CA  1 
ATOM   35  C  C   . ALA A 1 7  ? -2.675  5.096   -9.906  1.00 6.93  ? 7   ALA A C   1 
ATOM   36  O  O   . ALA A 1 7  ? -1.589  4.572   -10.205 1.00 7.50  ? 7   ALA A O   1 
ATOM   37  C  CB  . ALA A 1 7  ? -4.754  3.812   -10.417 1.00 8.19  ? 7   ALA A CB  1 
ATOM   38  N  N   . GLN A 1 8  ? -2.964  6.387   -10.129 1.00 7.47  ? 8   GLN A N   1 
ATOM   39  C  CA  . GLN A 1 8  ? -1.965  7.261   -10.684 1.00 8.09  ? 8   GLN A CA  1 
ATOM   40  C  C   . GLN A 1 8  ? -0.818  7.521   -9.719  1.00 7.00  ? 8   GLN A C   1 
ATOM   41  O  O   . GLN A 1 8  ? 0.362   7.598   -10.077 1.00 7.81  ? 8   GLN A O   1 
ATOM   42  C  CB  . GLN A 1 8  ? -2.589  8.592   -11.137 1.00 10.65 ? 8   GLN A CB  1 
ATOM   43  C  CG  . GLN A 1 8  ? -3.717  8.352   -12.145 0.75 13.66 ? 8   GLN A CG  1 
ATOM   44  C  CD  . GLN A 1 8  ? -4.404  9.559   -12.691 0.31 16.42 ? 8   GLN A CD  1 
ATOM   45  O  OE1 . GLN A 1 8  ? -5.533  9.483   -13.205 0.31 20.26 ? 8   GLN A OE1 1 
ATOM   46  N  NE2 . GLN A 1 8  ? -3.767  10.703  -12.673 0.31 19.35 ? 8   GLN A NE2 1 
ATOM   47  N  N   . VAL A 1 9  ? -1.154  7.629   -8.418  1.00 6.47  ? 9   VAL A N   1 
ATOM   48  C  CA  . VAL A 1 9  ? -0.106  7.776   -7.391  1.00 6.16  ? 9   VAL A CA  1 
ATOM   49  C  C   . VAL A 1 9  ? 0.790   6.552   -7.412  1.00 5.76  ? 9   VAL A C   1 
ATOM   50  O  O   . VAL A 1 9  ? 2.006   6.653   -7.292  1.00 6.37  ? 9   VAL A O   1 
ATOM   51  C  CB  . VAL A 1 9  ? -0.739  8.027   -6.010  1.00 6.12  ? 9   VAL A CB  1 
ATOM   52  C  CG1 . VAL A 1 9  ? 0.344   8.184   -4.958  1.00 6.48  ? 9   VAL A CG1 1 
ATOM   53  C  CG2 . VAL A 1 9  ? -1.697  9.248   -6.021  1.00 7.78  ? 9   VAL A CG2 1 
ATOM   54  N  N   . PHE A 1 10 ? 0.166   5.350   -7.498  1.00 5.52  ? 10  PHE A N   1 
ATOM   55  C  CA  . PHE A 1 10 ? 0.893   4.123   -7.529  1.00 5.42  ? 10  PHE A CA  1 
ATOM   56  C  C   . PHE A 1 10 ? 1.868   4.068   -8.719  1.00 5.63  ? 10  PHE A C   1 
ATOM   57  O  O   . PHE A 1 10 ? 3.042   3.716   -8.590  1.00 6.10  ? 10  PHE A O   1 
ATOM   58  C  CB  . PHE A 1 10 ? -0.083  2.929   -7.585  1.00 5.73  ? 10  PHE A CB  1 
ATOM   59  C  CG  . PHE A 1 10 ? 0.608   1.590   -7.572  1.00 5.76  ? 10  PHE A CG  1 
ATOM   60  C  CD1 . PHE A 1 10 ? 0.991   0.950   -8.730  1.00 7.06  ? 10  PHE A CD1 1 
ATOM   61  C  CD2 . PHE A 1 10 ? 0.839   0.968   -6.354  1.00 6.61  ? 10  PHE A CD2 1 
ATOM   62  C  CE1 . PHE A 1 10 ? 1.600   -0.296  -8.696  1.00 8.00  ? 10  PHE A CE1 1 
ATOM   63  C  CE2 . PHE A 1 10 ? 1.478   -0.313  -6.340  1.00 7.56  ? 10  PHE A CE2 1 
ATOM   64  C  CZ  . PHE A 1 10 ? 1.857   -0.902  -7.458  1.00 7.91  ? 10  PHE A CZ  1 
ATOM   65  N  N   . ALA A 1 11 ? 1.349   4.427   -9.899  1.00 6.27  ? 11  ALA A N   1 
ATOM   66  C  CA  . ALA A 1 11 ? 2.218   4.381   -11.103 1.00 6.74  ? 11  ALA A CA  1 
ATOM   67  C  C   . ALA A 1 11 ? 3.418   5.304   -10.919 1.00 6.63  ? 11  ALA A C   1 
ATOM   68  O  O   . ALA A 1 11 ? 4.492   4.986   -11.441 1.00 8.34  ? 11  ALA A O   1 
ATOM   69  C  CB  . ALA A 1 11 ? 1.416   4.822   -12.316 1.00 7.77  ? 11  ALA A CB  1 
ATOM   70  N  N   . ALA A 1 12 ? 3.241   6.452   -10.263 1.00 6.35  ? 12  ALA A N   1 
ATOM   71  C  CA  . ALA A 1 12 ? 4.307   7.434   -10.128 1.00 6.60  ? 12  ALA A CA  1 
ATOM   72  C  C   . ALA A 1 12 ? 5.296   7.136   -9.000  1.00 6.62  ? 12  ALA A C   1 
ATOM   73  O  O   . ALA A 1 12 ? 6.387   7.693   -9.023  1.00 7.84  ? 12  ALA A O   1 
ATOM   74  C  CB  . ALA A 1 12 ? 3.726   8.815   -9.977  1.00 8.06  ? 12  ALA A CB  1 
ATOM   75  N  N   . ASN A 1 13 ? 4.886   6.343   -8.009  1.00 6.07  ? 13  ASN A N   1 
ATOM   76  C  CA  . ASN A 1 13 ? 5.648   6.264   -6.760  1.00 6.07  ? 13  ASN A CA  1 
ATOM   77  C  C   . ASN A 1 13 ? 5.920   4.849   -6.258  1.00 5.89  ? 13  ASN A C   1 
ATOM   78  O  O   . ASN A 1 13 ? 6.717   4.699   -5.299  1.00 6.82  ? 13  ASN A O   1 
ATOM   79  C  CB  . ASN A 1 13 ? 4.945   7.034   -5.618  1.00 6.41  ? 13  ASN A CB  1 
ATOM   80  C  CG  . ASN A 1 13 ? 4.848   8.510   -5.966  1.00 7.35  ? 13  ASN A CG  1 
ATOM   81  O  OD1 . ASN A 1 13 ? 5.843   9.230   -5.770  1.00 9.91  ? 13  ASN A OD1 1 
ATOM   82  N  ND2 . ASN A 1 13 ? 3.733   8.944   -6.449  1.00 8.01  ? 13  ASN A ND2 1 
ATOM   83  N  N   . CYS A 1 14 ? 5.288   3.827   -6.809  1.00 5.65  ? 14  CYS A N   1 
ATOM   84  C  CA  . CYS A 1 14 ? 5.287   2.509   -6.174  1.00 5.43  ? 14  CYS A CA  1 
ATOM   85  C  C   . CYS A 1 14 ? 5.566   1.368   -7.117  1.00 5.71  ? 14  CYS A C   1 
ATOM   86  O  O   . CYS A 1 14 ? 5.901   0.275   -6.665  1.00 6.75  ? 14  CYS A O   1 
ATOM   87  C  CB  . CYS A 1 14 ? 3.911   2.255   -5.499  1.00 5.63  ? 14  CYS A CB  1 
ATOM   88  S  SG  . CYS A 1 14 ? 3.189   3.621   -4.607  1.00 5.51  ? 14  CYS A SG  1 
ATOM   89  N  N   . ALA A 1 15 ? 5.408   1.547   -8.430  1.00 6.65  ? 15  ALA A N   1 
ATOM   90  C  CA  . ALA A 1 15 ? 5.525   0.457   -9.363  1.00 6.87  ? 15  ALA A CA  1 
ATOM   91  C  C   . ALA A 1 15 ? 6.912   -0.021  -9.550  1.00 6.81  ? 15  ALA A C   1 
ATOM   92  O  O   . ALA A 1 15 ? 7.156   -1.192  -9.930  1.00 7.89  ? 15  ALA A O   1 
ATOM   93  C  CB  . ALA A 1 15 ? 4.874   0.852   -10.713 1.00 8.06  ? 15  ALA A CB  1 
ATOM   94  N  N   . ALA A 1 16 ? 7.941   0.814   -9.314  1.00 7.22  ? 16  ALA A N   1 
ATOM   95  C  CA  . ALA A 1 16 ? 9.338   0.335   -9.463  1.00 8.00  ? 16  ALA A CA  1 
ATOM   96  C  C   . ALA A 1 16 ? 9.631   -0.786  -8.482  1.00 7.37  ? 16  ALA A C   1 
ATOM   97  O  O   . ALA A 1 16 ? 10.353  -1.714  -8.805  1.00 9.00  ? 16  ALA A O   1 
ATOM   98  C  CB  . ALA A 1 16 ? 10.332  1.472   -9.340  1.00 10.30 ? 16  ALA A CB  1 
ATOM   99  N  N   . CYS A 1 17 ? 9.064   -0.729  -7.254  1.00 6.64  ? 17  CYS A N   1 
ATOM   100 C  CA  . CYS A 1 17 ? 9.245   -1.763  -6.282  1.00 6.59  ? 17  CYS A CA  1 
ATOM   101 C  C   . CYS A 1 17 ? 8.133   -2.784  -6.214  1.00 6.65  ? 17  CYS A C   1 
ATOM   102 O  O   . CYS A 1 17 ? 8.348   -3.908  -5.691  1.00 7.54  ? 17  CYS A O   1 
ATOM   103 C  CB  . CYS A 1 17 ? 9.432   -1.181  -4.877  1.00 6.94  ? 17  CYS A CB  1 
ATOM   104 S  SG  . CYS A 1 17 ? 10.990  -0.222  -4.778  1.00 7.24  ? 17  CYS A SG  1 
ATOM   105 N  N   . HIS A 1 18 ? 6.928   -2.424  -6.682  1.00 6.03  ? 18  HIS A N   1 
ATOM   106 C  CA  . HIS A 1 18 ? 5.735   -3.242  -6.483  1.00 5.98  ? 18  HIS A CA  1 
ATOM   107 C  C   . HIS A 1 18 ? 4.968   -3.524  -7.787  1.00 6.31  ? 18  HIS A C   1 
ATOM   108 O  O   . HIS A 1 18 ? 3.762   -3.755  -7.753  1.00 6.83  ? 18  HIS A O   1 
ATOM   109 C  CB  . HIS A 1 18 ? 4.777   -2.618  -5.472  1.00 5.71  ? 18  HIS A CB  1 
ATOM   110 C  CG  . HIS A 1 18 ? 5.300   -2.532  -4.078  1.00 5.48  ? 18  HIS A CG  1 
ATOM   111 N  ND1 . HIS A 1 18 ? 5.511   -3.654  -3.303  1.00 5.62  ? 18  HIS A ND1 1 
ATOM   112 C  CD2 . HIS A 1 18 ? 5.531   -1.466  -3.278  1.00 5.22  ? 18  HIS A CD2 1 
ATOM   113 C  CE1 . HIS A 1 18 ? 5.872   -3.227  -2.058  1.00 5.68  ? 18  HIS A CE1 1 
ATOM   114 N  NE2 . HIS A 1 18 ? 5.897   -1.901  -2.006  1.00 5.13  ? 18  HIS A NE2 1 
ATOM   115 N  N   . ALA A 1 19 ? 5.673   -3.536  -8.929  1.00 7.51  ? 19  ALA A N   1 
ATOM   116 C  CA  . ALA A 1 19 ? 4.987   -3.839  -10.194 1.00 8.24  ? 19  ALA A CA  1 
ATOM   117 C  C   . ALA A 1 19 ? 4.196   -5.148  -10.042 1.00 7.48  ? 19  ALA A C   1 
ATOM   118 O  O   . ALA A 1 19 ? 4.656   -6.129  -9.470  1.00 8.15  ? 19  ALA A O   1 
ATOM   119 C  CB  . ALA A 1 19 ? 6.003   -4.012  -11.312 1.00 9.75  ? 19  ALA A CB  1 
ATOM   120 N  N   . GLY A 1 20 ? 2.987   -5.124  -10.571 1.00 8.42  ? 20  GLY A N   1 
ATOM   121 C  CA  . GLY A 1 20 ? 2.096   -6.298  -10.520 1.00 8.89  ? 20  GLY A CA  1 
ATOM   122 C  C   . GLY A 1 20 ? 1.495   -6.593  -9.173  1.00 7.76  ? 20  GLY A C   1 
ATOM   123 O  O   . GLY A 1 20 ? 0.875   -7.624  -9.021  1.00 8.80  ? 20  GLY A O   1 
ATOM   124 N  N   . GLY A 1 21 ? 1.713   -5.688  -8.194  1.00 7.29  ? 21  GLY A N   1 
ATOM   125 C  CA  . GLY A 1 21 ? 1.294   -6.019  -6.839  1.00 7.41  ? 21  GLY A CA  1 
ATOM   126 C  C   . GLY A 1 21 ? 2.246   -6.911  -6.117  1.00 6.75  ? 21  GLY A C   1 
ATOM   127 O  O   . GLY A 1 21 ? 1.888   -7.408  -5.029  1.00 7.74  ? 21  GLY A O   1 
ATOM   128 N  N   . ASN A 1 22 ? 3.415   -7.154  -6.680  1.00 6.70  ? 22  ASN A N   1 
ATOM   129 C  CA  . ASN A 1 22 ? 4.441   -8.021  -6.062  1.00 7.07  ? 22  ASN A CA  1 
ATOM   130 C  C   . ASN A 1 22 ? 5.393   -7.153  -5.241  1.00 6.38  ? 22  ASN A C   1 
ATOM   131 O  O   . ASN A 1 22 ? 5.070   -6.036  -4.868  1.00 6.82  ? 22  ASN A O   1 
ATOM   132 C  CB  . ASN A 1 22 ? 5.030   -8.889  -7.159  1.00 8.46  ? 22  ASN A CB  1 
ATOM   133 C  CG  . ASN A 1 22 ? 3.995   -9.917  -7.629  1.00 11.25 ? 22  ASN A CG  1 
ATOM   134 O  OD1 . ASN A 1 22 ? 3.206   -10.444 -6.807  1.00 13.15 ? 22  ASN A OD1 1 
ATOM   135 N  ND2 . ASN A 1 22 ? 3.955   -10.103 -8.872  1.00 16.71 ? 22  ASN A ND2 1 
ATOM   136 N  N   . ASN A 1 23 ? 6.560   -7.726  -4.931  1.00 6.81  ? 23  ASN A N   1 
ATOM   137 C  CA  . ASN A 1 23 ? 7.549   -6.994  -4.111  1.00 7.03  ? 23  ASN A CA  1 
ATOM   138 C  C   . ASN A 1 23 ? 8.918   -7.415  -4.585  1.00 8.56  ? 23  ASN A C   1 
ATOM   139 O  O   . ASN A 1 23 ? 9.361   -8.487  -4.343  1.00 10.81 ? 23  ASN A O   1 
ATOM   140 C  CB  . ASN A 1 23 ? 7.340   -7.222  -2.656  1.00 6.87  ? 23  ASN A CB  1 
ATOM   141 C  CG  . ASN A 1 23 ? 8.169   -6.327  -1.757  1.00 7.35  ? 23  ASN A CG  1 
ATOM   142 O  OD1 . ASN A 1 23 ? 9.296   -5.965  -2.144  1.00 8.76  ? 23  ASN A OD1 1 
ATOM   143 N  ND2 . ASN A 1 23 ? 7.642   -5.960  -0.617  1.00 8.06  ? 23  ASN A ND2 1 
ATOM   144 N  N   . ALA A 1 24 ? 9.556   -6.536  -5.395  1.00 9.40  ? 24  ALA A N   1 
ATOM   145 C  CA  . ALA A 1 24 ? 10.827  -6.882  -5.971  1.00 11.34 ? 24  ALA A CA  1 
ATOM   146 C  C   . ALA A 1 24 ? 11.950  -7.067  -4.922  1.00 11.85 ? 24  ALA A C   1 
ATOM   147 O  O   . ALA A 1 24 ? 12.882  -7.765  -5.137  1.00 19.91 ? 24  ALA A O   1 
ATOM   148 C  CB  . ALA A 1 24 ? 11.199  -5.800  -7.023  1.00 15.95 ? 24  ALA A CB  1 
ATOM   149 N  N   . VAL A 1 25 ? 11.805  -6.430  -3.803  1.00 10.66 ? 25  VAL A N   1 
ATOM   150 C  CA  . VAL A 1 25 ? 12.840  -6.365  -2.748  1.00 11.36 ? 25  VAL A CA  1 
ATOM   151 C  C   . VAL A 1 25 ? 12.697  -7.526  -1.776  1.00 11.70 ? 25  VAL A C   1 
ATOM   152 O  O   . VAL A 1 25 ? 13.651  -8.207  -1.320  1.00 15.01 ? 25  VAL A O   1 
ATOM   153 C  CB  A VAL A 1 25 ? 12.899  -5.085  -1.890  0.49 11.08 ? 25  VAL A CB  1 
ATOM   154 C  CB  B VAL A 1 25 ? 12.686  -4.907  -2.246  0.51 11.82 ? 25  VAL A CB  1 
ATOM   155 C  CG1 A VAL A 1 25 ? 13.706  -5.190  -0.593  0.49 9.99  ? 25  VAL A CG1 1 
ATOM   156 C  CG1 B VAL A 1 25 ? 13.733  -4.549  -1.231  0.51 13.03 ? 25  VAL A CG1 1 
ATOM   157 C  CG2 A VAL A 1 25 ? 13.436  -3.958  -2.728  0.49 12.94 ? 25  VAL A CG2 1 
ATOM   158 C  CG2 B VAL A 1 25 ? 12.677  -3.836  -3.339  0.51 11.54 ? 25  VAL A CG2 1 
ATOM   159 N  N   . MET A 1 26 ? 11.454  -7.757  -1.290  1.00 10.45 ? 26  MET A N   1 
ATOM   160 C  CA  . MET A 1 26 ? 11.135  -8.784  -0.276  1.00 10.35 ? 26  MET A CA  1 
ATOM   161 C  C   . MET A 1 26 ? 9.958   -9.572  -0.795  1.00 9.45  ? 26  MET A C   1 
ATOM   162 O  O   . MET A 1 26 ? 8.787   -9.251  -0.594  1.00 8.78  ? 26  MET A O   1 
ATOM   163 C  CB  . MET A 1 26 ? 10.774  -8.151  0.993   1.00 12.10 ? 26  MET A CB  1 
ATOM   164 C  CG  . MET A 1 26 ? 10.664  -9.064  2.154   0.65 14.33 ? 26  MET A CG  1 
ATOM   165 S  SD  . MET A 1 26 ? 10.553  -8.232  3.721   0.42 18.27 ? 26  MET A SD  1 
ATOM   166 C  CE  . MET A 1 26 ? 11.573  -6.830  3.509   0.42 17.21 ? 26  MET A CE  1 
ATOM   167 N  N   . PRO A 1 27 ? 10.246  -10.635 -1.644  1.00 10.37 ? 27  PRO A N   1 
ATOM   168 C  CA  . PRO A 1 27 ? 9.192   -11.227 -2.504  1.00 9.92  ? 27  PRO A CA  1 
ATOM   169 C  C   . PRO A 1 27 ? 8.043   -11.778 -1.796  1.00 9.42  ? 27  PRO A C   1 
ATOM   170 O  O   . PRO A 1 27 ? 6.980   -11.886 -2.365  1.00 10.85 ? 27  PRO A O   1 
ATOM   171 C  CB  . PRO A 1 27 ? 9.948   -12.208 -3.299  1.00 12.99 ? 27  PRO A CB  1 
ATOM   172 C  CG  . PRO A 1 27 ? 11.300  -11.712 -3.425  1.00 16.12 ? 27  PRO A CG  1 
ATOM   173 C  CD  . PRO A 1 27 ? 11.621  -11.050 -2.058  1.00 13.79 ? 27  PRO A CD  1 
ATOM   174 N  N   . THR A 1 28 ? 8.166   -12.195 -0.494  1.00 9.70  ? 28  THR A N   1 
ATOM   175 C  CA  . THR A 1 28 ? 6.980   -12.699 0.259   1.00 11.00 ? 28  THR A CA  1 
ATOM   176 C  C   . THR A 1 28 ? 5.980   -11.613 0.520   1.00 9.35  ? 28  THR A C   1 
ATOM   177 O  O   . THR A 1 28 ? 4.781   -11.872 0.699   1.00 10.87 ? 28  THR A O   1 
ATOM   178 C  CB  . THR A 1 28 ? 7.448   -13.331 1.596   1.00 12.32 ? 28  THR A CB  1 
ATOM   179 O  OG1 . THR A 1 28 ? 8.229   -12.342 2.313   1.00 16.97 ? 28  THR A OG1 1 
ATOM   180 C  CG2 . THR A 1 28 ? 8.230   -14.594 1.252   1.00 14.55 ? 28  THR A CG2 1 
ATOM   181 N  N   . LYS A 1 29 ? 6.415   -10.404 0.723   1.00 8.55  ? 29  LYS A N   1 
ATOM   182 C  CA  . LYS A 1 29 ? 5.578   -9.354  1.282   1.00 9.00  ? 29  LYS A CA  1 
ATOM   183 C  C   . LYS A 1 29 ? 4.937   -8.557  0.135   1.00 7.76  ? 29  LYS A C   1 
ATOM   184 O  O   . LYS A 1 29 ? 5.162   -7.346  -0.112  1.00 8.24  ? 29  LYS A O   1 
ATOM   185 C  CB  . LYS A 1 29 ? 6.409   -8.463  2.208   1.00 11.34 ? 29  LYS A CB  1 
ATOM   186 C  CG  . LYS A 1 29 ? 6.767   -9.308  3.513   1.00 10.87 ? 29  LYS A CG  1 
ATOM   187 C  CD  . LYS A 1 29 ? 7.175   -8.441  4.587   1.00 14.55 ? 29  LYS A CD  1 
ATOM   188 C  CE  . LYS A 1 29 ? 7.704   -9.141  5.776   1.00 14.62 ? 29  LYS A CE  1 
ATOM   189 N  NZ  . LYS A 1 29 ? 8.117   -8.095  6.848   1.00 19.77 ? 29  LYS A NZ  1 
ATOM   190 N  N   . THR A 1 30 ? 4.071   -9.263  -0.586  1.00 7.59  ? 30  THR A N   1 
ATOM   191 C  CA  . THR A 1 30 ? 3.397   -8.670  -1.729  1.00 6.56  ? 30  THR A CA  1 
ATOM   192 C  C   . THR A 1 30 ? 2.187   -7.823  -1.268  1.00 5.78  ? 30  THR A C   1 
ATOM   193 O  O   . THR A 1 30 ? 1.851   -7.690  -0.098  1.00 6.22  ? 30  THR A O   1 
ATOM   194 C  CB  . THR A 1 30 ? 2.916   -9.774  -2.677  1.00 7.28  ? 30  THR A CB  1 
ATOM   195 O  OG1 . THR A 1 30 ? 1.849   -10.421 -2.014  1.00 7.91  ? 30  THR A OG1 1 
ATOM   196 C  CG2 . THR A 1 30 ? 4.039   -10.712 -3.062  1.00 9.61  ? 30  THR A CG2 1 
ATOM   197 N  N   . LEU A 1 31 ? 1.532   -7.237  -2.277  1.00 5.86  ? 31  LEU A N   1 
ATOM   198 C  CA  . LEU A 1 31 ? 0.363   -6.408  -2.071  1.00 5.56  ? 31  LEU A CA  1 
ATOM   199 C  C   . LEU A 1 31 ? -0.929  -7.198  -2.300  1.00 5.72  ? 31  LEU A C   1 
ATOM   200 O  O   . LEU A 1 31 ? -2.012  -6.602  -2.412  1.00 6.49  ? 31  LEU A O   1 
ATOM   201 C  CB  . LEU A 1 31 ? 0.396   -5.136  -2.935  1.00 5.91  ? 31  LEU A CB  1 
ATOM   202 C  CG  . LEU A 1 31 ? 1.728   -4.363  -2.877  1.00 6.08  ? 31  LEU A CG  1 
ATOM   203 C  CD1 . LEU A 1 31 ? 1.597   -3.059  -3.621  1.00 7.10  ? 31  LEU A CD1 1 
ATOM   204 C  CD2 . LEU A 1 31 ? 2.182   -4.107  -1.453  1.00 7.68  ? 31  LEU A CD2 1 
ATOM   205 N  N   . LYS A 1 32 ? -0.847  -8.506  -2.379  1.00 6.04  ? 32  LYS A N   1 
ATOM   206 C  CA  . LYS A 1 32 ? -2.014  -9.373  -2.504  1.00 6.31  ? 32  LYS A CA  1 
ATOM   207 C  C   . LYS A 1 32 ? -2.670  -9.541  -1.165  1.00 5.57  ? 32  LYS A C   1 
ATOM   208 O  O   . LYS A 1 32 ? -2.051  -9.447  -0.108  1.00 6.08  ? 32  LYS A O   1 
ATOM   209 C  CB  . LYS A 1 32 ? -1.623  -10.728 -3.134  1.00 7.83  ? 32  LYS A CB  1 
ATOM   210 C  CG  . LYS A 1 32 ? -1.419  -10.686 -4.557  1.00 14.33 ? 32  LYS A CG  1 
ATOM   211 C  CD  . LYS A 1 32 ? -0.420  -9.871  -5.161  1.00 16.13 ? 32  LYS A CD  1 
ATOM   212 C  CE  . LYS A 1 32 ? -0.119  -10.078 -6.675  1.00 11.52 ? 32  LYS A CE  1 
ATOM   213 N  NZ  . LYS A 1 32 ? 0.484   -11.320 -7.143  1.00 17.41 ? 32  LYS A NZ  1 
ATOM   214 N  N   . ALA A 1 33 ? -3.980  -9.832  -1.198  1.00 6.09  ? 33  ALA A N   1 
ATOM   215 C  CA  . ALA A 1 33 ? -4.811  -9.831  0.013   1.00 6.40  ? 33  ALA A CA  1 
ATOM   216 C  C   . ALA A 1 33 ? -4.257  -10.736 1.094   1.00 6.00  ? 33  ALA A C   1 
ATOM   217 O  O   . ALA A 1 33 ? -4.294  -10.391 2.296   1.00 7.03  ? 33  ALA A O   1 
ATOM   218 C  CB  . ALA A 1 33 ? -6.206  -10.279 -0.386  1.00 7.53  ? 33  ALA A CB  1 
ATOM   219 N  N   . ASP A 1 34 ? -3.844  -11.954 0.715   1.00 6.10  ? 34  ASP A N   1 
ATOM   220 C  CA  . ASP A 1 34 ? -3.385  -12.922 1.704   1.00 6.42  ? 34  ASP A CA  1 
ATOM   221 C  C   . ASP A 1 34 ? -2.102  -12.482 2.357   1.00 5.86  ? 34  ASP A C   1 
ATOM   222 O  O   . ASP A 1 34 ? -1.916  -12.614 3.595   1.00 6.57  ? 34  ASP A O   1 
ATOM   223 C  CB  . ASP A 1 34 ? -3.221  -14.296 1.054   1.00 7.46  ? 34  ASP A CB  1 
ATOM   224 C  CG  . ASP A 1 34 ? -2.206  -14.348 -0.101  1.00 8.45  ? 34  ASP A CG  1 
ATOM   225 O  OD1 . ASP A 1 34 ? -2.170  -13.397 -0.897  1.00 10.48 ? 34  ASP A OD1 1 
ATOM   226 O  OD2 . ASP A 1 34 ? -1.474  -15.385 -0.226  1.00 10.16 ? 34  ASP A OD2 1 
ATOM   227 N  N   . ALA A 1 35 ? -1.145  -11.981 1.579   1.00 5.86  ? 35  ALA A N   1 
ATOM   228 C  CA  . ALA A 1 35 ? 0.108   -11.507 2.105   1.00 5.87  ? 35  ALA A CA  1 
ATOM   229 C  C   . ALA A 1 35 ? -0.102  -10.311 3.017   1.00 5.52  ? 35  ALA A C   1 
ATOM   230 O  O   . ALA A 1 35 ? 0.498   -10.226 4.100   1.00 6.09  ? 35  ALA A O   1 
ATOM   231 C  CB  . ALA A 1 35 ? 1.060   -11.123 0.955   1.00 6.83  ? 35  ALA A CB  1 
ATOM   232 N  N   . LEU A 1 36 ? -0.943  -9.362  2.602   1.00 5.69  ? 36  LEU A N   1 
ATOM   233 C  CA  . LEU A 1 36 ? -1.189  -8.175  3.432   1.00 5.71  ? 36  LEU A CA  1 
ATOM   234 C  C   . LEU A 1 36 ? -1.695  -8.581  4.801   1.00 5.65  ? 36  LEU A C   1 
ATOM   235 O  O   . LEU A 1 36 ? -1.266  -8.033  5.833   1.00 6.32  ? 36  LEU A O   1 
ATOM   236 C  CB  . LEU A 1 36 ? -2.161  -7.243  2.748   1.00 5.82  ? 36  LEU A CB  1 
ATOM   237 C  CG  . LEU A 1 36 ? -1.593  -6.542  1.508   1.00 5.86  ? 36  LEU A CG  1 
ATOM   238 C  CD1 . LEU A 1 36 ? -2.747  -5.945  0.686   1.00 7.35  ? 36  LEU A CD1 1 
ATOM   239 C  CD2 . LEU A 1 36 ? -0.605  -5.468  1.883   1.00 7.39  ? 36  LEU A CD2 1 
ATOM   240 N  N   . LYS A 1 37 ? -2.657  -9.501  4.864   1.00 6.06  ? 37  LYS A N   1 
ATOM   241 C  CA  . LYS A 1 37 ? -3.212  -9.885  6.180   1.00 6.87  ? 37  LYS A CA  1 
ATOM   242 C  C   . LYS A 1 37 ? -2.215  -10.614 7.048   1.00 7.08  ? 37  LYS A C   1 
ATOM   243 O  O   . LYS A 1 37 ? -2.319  -10.616 8.267   1.00 8.89  ? 37  LYS A O   1 
ATOM   244 C  CB  . LYS A 1 37 ? -4.521  -10.673 6.030   1.00 8.14  ? 37  LYS A CB  1 
ATOM   245 C  CG  . LYS A 1 37 ? -5.331  -10.714 7.335   1.00 9.52  ? 37  LYS A CG  1 
ATOM   246 C  CD  . LYS A 1 37 ? -5.896  -9.393  7.792   1.00 8.19  ? 37  LYS A CD  1 
ATOM   247 C  CE  . LYS A 1 37 ? -6.479  -9.432  9.178   1.00 8.39  ? 37  LYS A CE  1 
ATOM   248 N  NZ  . LYS A 1 37 ? -7.100  -8.166  9.548   1.00 7.98  ? 37  LYS A NZ  1 
ATOM   249 N  N   . THR A 1 38 ? -1.186  -11.249 6.407   1.00 6.53  ? 38  THR A N   1 
ATOM   250 C  CA  . THR A 1 38 ? -0.167  -11.946 7.155   1.00 6.76  ? 38  THR A CA  1 
ATOM   251 C  C   . THR A 1 38 ? 0.933   -11.010 7.672   1.00 6.82  ? 38  THR A C   1 
ATOM   252 O  O   . THR A 1 38 ? 1.441   -11.214 8.753   1.00 8.33  ? 38  THR A O   1 
ATOM   253 C  CB  . THR A 1 38 ? 0.453   -13.062 6.277   1.00 7.79  ? 38  THR A CB  1 
ATOM   254 O  OG1 . THR A 1 38 ? -0.560  -13.913 5.792   1.00 9.67  ? 38  THR A OG1 1 
ATOM   255 C  CG2 . THR A 1 38 ? 1.430   -13.925 7.052   1.00 9.84  ? 38  THR A CG2 1 
ATOM   256 N  N   . TYR A 1 39 ? 1.300   -9.999  6.854   1.00 6.48  ? 39  TYR A N   1 
ATOM   257 C  CA  . TYR A 1 39 ? 2.554   -9.279  7.078   1.00 6.81  ? 39  TYR A CA  1 
ATOM   258 C  C   . TYR A 1 39 ? 2.405   -7.776  7.311   1.00 6.95  ? 39  TYR A C   1 
ATOM   259 O  O   . TYR A 1 39 ? 3.377   -7.173  7.822   1.00 9.55  ? 39  TYR A O   1 
ATOM   260 C  CB  A TYR A 1 39 ? 3.539   -9.377  5.899   0.52 7.30  ? 39  TYR A CB  1 
ATOM   261 C  CB  B TYR A 1 39 ? 3.456   -9.557  5.849   0.48 7.31  ? 39  TYR A CB  1 
ATOM   262 C  CG  A TYR A 1 39 ? 3.969   -10.766 5.558   0.52 7.54  ? 39  TYR A CG  1 
ATOM   263 C  CG  B TYR A 1 39 ? 3.818   -11.017 5.743   0.48 7.65  ? 39  TYR A CG  1 
ATOM   264 C  CD1 A TYR A 1 39 ? 4.766   -11.540 6.405   0.52 10.05 ? 39  TYR A CD1 1 
ATOM   265 C  CD1 B TYR A 1 39 ? 4.634   -11.594 6.729   0.48 8.44  ? 39  TYR A CD1 1 
ATOM   266 C  CD2 A TYR A 1 39 ? 3.595   -11.334 4.330   0.52 7.54  ? 39  TYR A CD2 1 
ATOM   267 C  CD2 B TYR A 1 39 ? 3.409   -11.864 4.697   0.48 8.51  ? 39  TYR A CD2 1 
ATOM   268 C  CE1 A TYR A 1 39 ? 5.162   -12.816 6.070   0.52 11.58 ? 39  TYR A CE1 1 
ATOM   269 C  CE1 B TYR A 1 39 ? 4.984   -12.927 6.647   0.48 8.73  ? 39  TYR A CE1 1 
ATOM   270 C  CE2 A TYR A 1 39 ? 3.982   -12.617 3.998   0.52 9.63  ? 39  TYR A CE2 1 
ATOM   271 C  CE2 B TYR A 1 39 ? 3.755   -13.216 4.629   0.48 9.64  ? 39  TYR A CE2 1 
ATOM   272 C  CZ  A TYR A 1 39 ? 4.759   -13.359 4.868   0.52 11.99 ? 39  TYR A CZ  1 
ATOM   273 C  CZ  B TYR A 1 39 ? 4.543   -13.719 5.622   0.48 9.65  ? 39  TYR A CZ  1 
ATOM   274 O  OH  A TYR A 1 39 ? 5.177   -14.649 4.569   0.52 17.44 ? 39  TYR A OH  1 
ATOM   275 O  OH  B TYR A 1 39 ? 4.937   -15.051 5.614   0.48 12.63 ? 39  TYR A OH  1 
ATOM   276 N  N   . LEU A 1 40 ? 1.307   -7.116  6.956   1.00 5.92  ? 40  LEU A N   1 
ATOM   277 C  CA  . LEU A 1 40 ? 1.281   -5.658  7.069   1.00 5.63  ? 40  LEU A CA  1 
ATOM   278 C  C   . LEU A 1 40 ? 0.942   -5.246  8.506   1.00 5.82  ? 40  LEU A C   1 
ATOM   279 O  O   . LEU A 1 40 ? -0.149  -5.577  9.025   1.00 6.31  ? 40  LEU A O   1 
ATOM   280 C  CB  . LEU A 1 40 ? 0.241   -5.087  6.099   1.00 5.88  ? 40  LEU A CB  1 
ATOM   281 C  CG  . LEU A 1 40 ? -0.019  -3.590  6.196   1.00 5.83  ? 40  LEU A CG  1 
ATOM   282 C  CD1 . LEU A 1 40 ? 1.244   -2.728  5.995   1.00 6.74  ? 40  LEU A CD1 1 
ATOM   283 C  CD2 . LEU A 1 40 ? -1.103  -3.186  5.231   1.00 6.48  ? 40  LEU A CD2 1 
ATOM   284 N  N   . ALA A 1 41 ? 1.826   -4.482  9.108   1.00 6.37  ? 41  ALA A N   1 
ATOM   285 C  CA  . ALA A 1 41 ? 1.643   -4.015  10.503  1.00 6.77  ? 41  ALA A CA  1 
ATOM   286 C  C   . ALA A 1 41 ? 0.285   -3.386  10.678  1.00 6.52  ? 41  ALA A C   1 
ATOM   287 O  O   . ALA A 1 41 ? -0.209  -2.611  9.851   1.00 6.76  ? 41  ALA A O   1 
ATOM   288 C  CB  . ALA A 1 41 ? 2.752   -3.020  10.843  1.00 8.74  ? 41  ALA A CB  1 
ATOM   289 N  N   . GLY A 1 42 ? -0.334  -3.671  11.835  1.00 6.75  ? 42  GLY A N   1 
ATOM   290 C  CA  . GLY A 1 42 ? -1.589  -3.067  12.221  1.00 7.21  ? 42  GLY A CA  1 
ATOM   291 C  C   . GLY A 1 42 ? -2.780  -3.840  11.604  1.00 6.58  ? 42  GLY A C   1 
ATOM   292 O  O   . GLY A 1 42 ? -3.640  -4.383  12.320  1.00 8.23  ? 42  GLY A O   1 
ATOM   293 N  N   . TYR A 1 43 ? -2.783  -3.930  10.281  1.00 5.93  ? 43  TYR A N   1 
ATOM   294 C  CA  . TYR A 1 43 ? -3.781  -4.726  9.623   1.00 5.71  ? 43  TYR A CA  1 
ATOM   295 C  C   . TYR A 1 43 ? -3.699  -6.220  10.049  1.00 5.68  ? 43  TYR A C   1 
ATOM   296 O  O   . TYR A 1 43 ? -4.720  -6.851  10.322  1.00 6.28  ? 43  TYR A O   1 
ATOM   297 C  CB  . TYR A 1 43 ? -3.582  -4.591  8.104   1.00 6.16  ? 43  TYR A CB  1 
ATOM   298 C  CG  . TYR A 1 43 ? -4.604  -5.363  7.283   1.00 5.67  ? 43  TYR A CG  1 
ATOM   299 C  CD1 . TYR A 1 43 ? -5.991  -5.208  7.485   1.00 6.52  ? 43  TYR A CD1 1 
ATOM   300 C  CD2 . TYR A 1 43 ? -4.181  -6.198  6.253   1.00 5.83  ? 43  TYR A CD2 1 
ATOM   301 C  CE1 . TYR A 1 43 ? -6.878  -5.880  6.699   1.00 6.73  ? 43  TYR A CE1 1 
ATOM   302 C  CE2 . TYR A 1 43 ? -5.104  -6.833  5.422   1.00 5.89  ? 43  TYR A CE2 1 
ATOM   303 C  CZ  . TYR A 1 43 ? -6.448  -6.654  5.624   1.00 6.33  ? 43  TYR A CZ  1 
ATOM   304 O  OH  . TYR A 1 43 ? -7.382  -7.233  4.801   1.00 7.80  ? 43  TYR A OH  1 
ATOM   305 N  N   . LYS A 1 44 ? -2.496  -6.736  10.139  1.00 6.04  ? 44  LYS A N   1 
ATOM   306 C  CA  . LYS A 1 44 ? -2.321  -8.161  10.465  1.00 6.70  ? 44  LYS A CA  1 
ATOM   307 C  C   . LYS A 1 44 ? -2.818  -8.481  11.868  1.00 6.71  ? 44  LYS A C   1 
ATOM   308 O  O   . LYS A 1 44 ? -3.200  -9.646  12.127  1.00 8.90  ? 44  LYS A O   1 
ATOM   309 C  CB  . LYS A 1 44 ? -0.890  -8.584  10.307  1.00 8.13  ? 44  LYS A CB  1 
ATOM   310 C  CG  . LYS A 1 44 ? 0.060   -7.996  11.315  1.00 9.48  ? 44  LYS A CG  1 
ATOM   311 C  CD  A LYS A 1 44 ? 1.439   -8.595  10.969  0.65 10.75 ? 44  LYS A CD  1 
ATOM   312 C  CD  B LYS A 1 44 ? 1.538   -7.999  11.203  0.35 10.78 ? 44  LYS A CD  1 
ATOM   313 C  CE  A LYS A 1 44 ? 2.443   -8.129  11.972  0.50 12.16 ? 44  LYS A CE  1 
ATOM   314 C  CE  B LYS A 1 44 ? 2.182   -9.345  11.346  0.35 11.53 ? 44  LYS A CE  1 
ATOM   315 N  NZ  A LYS A 1 44 ? 2.174   -8.786  13.296  0.31 14.23 ? 44  LYS A NZ  1 
ATOM   316 N  NZ  B LYS A 1 44 ? 2.109   -9.892  12.727  0.29 15.33 ? 44  LYS A NZ  1 
ATOM   317 N  N   . ASP A 1 45 ? -2.855  -7.506  12.764  1.00 6.43  ? 45  ASP A N   1 
ATOM   318 C  CA  . ASP A 1 45 ? -3.252  -7.715  14.149  1.00 6.61  ? 45  ASP A CA  1 
ATOM   319 C  C   . ASP A 1 45 ? -4.701  -7.351  14.419  1.00 6.20  ? 45  ASP A C   1 
ATOM   320 O  O   . ASP A 1 45 ? -5.210  -7.560  15.511  1.00 7.59  ? 45  ASP A O   1 
ATOM   321 C  CB  . ASP A 1 45 ? -2.295  -7.074  15.113  0.68 8.92  ? 45  ASP A CB  1 
ATOM   322 C  CG  . ASP A 1 45 ? -2.301  -5.604  15.320  0.68 11.82 ? 45  ASP A CG  1 
ATOM   323 O  OD1 . ASP A 1 45 ? -3.358  -5.005  15.218  0.68 14.17 ? 45  ASP A OD1 1 
ATOM   324 O  OD2 . ASP A 1 45 ? -1.194  -5.140  15.701  0.68 21.65 ? 45  ASP A OD2 1 
ATOM   325 N  N   . GLY A 1 46 ? -5.400  -6.806  13.415  1.00 5.93  ? 46  GLY A N   1 
ATOM   326 C  CA  . GLY A 1 46 ? -6.787  -6.440  13.537  1.00 6.10  ? 46  GLY A CA  1 
ATOM   327 C  C   . GLY A 1 46 ? -7.048  -5.038  14.051  1.00 6.14  ? 46  GLY A C   1 
ATOM   328 O  O   . GLY A 1 46 ? -8.191  -4.613  14.111  1.00 8.53  ? 46  GLY A O   1 
ATOM   329 N  N   . SER A 1 47 ? -6.009  -4.307  14.455  1.00 6.66  ? 47  SER A N   1 
ATOM   330 C  CA  . SER A 1 47 ? -6.192  -3.023  15.099  1.00 7.55  ? 47  SER A CA  1 
ATOM   331 C  C   . SER A 1 47 ? -6.314  -1.857  14.094  1.00 7.27  ? 47  SER A C   1 
ATOM   332 O  O   . SER A 1 47 ? -6.674  -0.771  14.529  1.00 10.37 ? 47  SER A O   1 
ATOM   333 C  CB  . SER A 1 47 ? -5.094  -2.726  16.092  1.00 10.59 ? 47  SER A CB  1 
ATOM   334 O  OG  . SER A 1 47 ? -3.862  -2.591  15.450  1.00 12.56 ? 47  SER A OG  1 
ATOM   335 N  N   . LYS A 1 48 ? -6.007  -2.101  12.833  1.00 6.55  ? 48  LYS A N   1 
ATOM   336 C  CA  . LYS A 1 48 ? -6.126  -1.109  11.778  1.00 6.48  ? 48  LYS A CA  1 
ATOM   337 C  C   . LYS A 1 48 ? -6.879  -1.752  10.610  1.00 6.48  ? 48  LYS A C   1 
ATOM   338 O  O   . LYS A 1 48 ? -6.686  -2.944  10.321  1.00 7.15  ? 48  LYS A O   1 
ATOM   339 C  CB  . LYS A 1 48 ? -4.764  -0.601  11.260  1.00 6.94  ? 48  LYS A CB  1 
ATOM   340 C  CG  . LYS A 1 48 ? -3.902  0.002   12.353  1.00 7.68  ? 48  LYS A CG  1 
ATOM   341 C  CD  . LYS A 1 48 ? -2.664  0.711   11.797  1.00 9.55  ? 48  LYS A CD  1 
ATOM   342 C  CE  . LYS A 1 48 ? -1.774  1.225   12.944  1.00 12.85 ? 48  LYS A CE  1 
ATOM   343 N  NZ  . LYS A 1 48 ? -0.785  2.128   12.504  1.00 16.98 ? 48  LYS A NZ  1 
ATOM   344 N  N   . SER A 1 49 ? -7.638  -0.936  9.881   1.00 6.74  ? 49  SER A N   1 
ATOM   345 C  CA  . SER A 1 49 ? -8.157  -1.360  8.589   1.00 6.70  ? 49  SER A CA  1 
ATOM   346 C  C   . SER A 1 49 ? -7.003  -1.482  7.597   1.00 6.55  ? 49  SER A C   1 
ATOM   347 O  O   . SER A 1 49 ? -5.914  -0.957  7.794   1.00 6.57  ? 49  SER A O   1 
ATOM   348 C  CB  . SER A 1 49 ? -9.161  -0.357  8.056   1.00 7.85  ? 49  SER A CB  1 
ATOM   349 O  OG  . SER A 1 49 ? -8.478  0.859   7.720   1.00 8.55  ? 49  SER A OG  1 
ATOM   350 N  N   . LEU A 1 50 ? -7.283  -2.150  6.475   1.00 6.79  ? 50  LEU A N   1 
ATOM   351 C  CA  . LEU A 1 50 ? -6.285  -2.269  5.425   1.00 6.75  ? 50  LEU A CA  1 
ATOM   352 C  C   . LEU A 1 50 ? -5.866  -0.864  4.920   1.00 6.74  ? 50  LEU A C   1 
ATOM   353 O  O   . LEU A 1 50 ? -4.693  -0.550  4.820   1.00 6.52  ? 50  LEU A O   1 
ATOM   354 C  CB  . LEU A 1 50 ? -6.788  -3.114  4.287   1.00 7.76  ? 50  LEU A CB  1 
ATOM   355 C  CG  . LEU A 1 50 ? -5.836  -3.258  3.104   1.00 7.35  ? 50  LEU A CG  1 
ATOM   356 C  CD1 . LEU A 1 50 ? -4.435  -3.647  3.490   1.00 7.74  ? 50  LEU A CD1 1 
ATOM   357 C  CD2 . LEU A 1 50 ? -6.436  -4.281  2.116   1.00 8.05  ? 50  LEU A CD2 1 
ATOM   358 N  N   . GLU A 1 51 ? -6.858  -0.011  4.606   1.00 7.36  ? 51  GLU A N   1 
ATOM   359 C  CA  A GLU A 1 51 ? -6.518  1.382   4.082   0.46 7.63  ? 51  GLU A CA  1 
ATOM   360 C  CA  B GLU A 1 51 ? -6.562  1.204   4.066   0.54 7.57  ? 51  GLU A CA  1 
ATOM   361 C  C   . GLU A 1 51 ? -5.721  2.095   5.078   1.00 7.06  ? 51  GLU A C   1 
ATOM   362 O  O   . GLU A 1 51 ? -4.718  2.753   4.672   1.00 7.58  ? 51  GLU A O   1 
ATOM   363 C  CB  A GLU A 1 51 ? -7.673  2.326   3.727   0.46 7.96  ? 51  GLU A CB  1 
ATOM   364 C  CB  B GLU A 1 51 ? -7.931  1.751   3.646   0.54 8.41  ? 51  GLU A CB  1 
ATOM   365 C  CG  A GLU A 1 51 ? -8.337  1.898   2.443   0.46 8.34  ? 51  GLU A CG  1 
ATOM   366 C  CG  B GLU A 1 51 ? -7.786  3.062   2.946   0.54 8.85  ? 51  GLU A CG  1 
ATOM   367 C  CD  A GLU A 1 51 ? -9.311  2.797   1.785   0.46 11.89 ? 51  GLU A CD  1 
ATOM   368 C  CD  B GLU A 1 51 ? -9.077  3.650   2.411   0.54 10.00 ? 51  GLU A CD  1 
ATOM   369 O  OE1 A GLU A 1 51 ? -10.190 2.199   1.118   0.46 19.97 ? 51  GLU A OE1 1 
ATOM   370 O  OE1 B GLU A 1 51 ? -10.078 2.920   2.462   0.54 14.25 ? 51  GLU A OE1 1 
ATOM   371 O  OE2 A GLU A 1 51 ? -9.253  4.047   1.826   0.46 13.45 ? 51  GLU A OE2 1 
ATOM   372 O  OE2 B GLU A 1 51 ? -9.071  4.801   1.921   0.54 13.76 ? 51  GLU A OE2 1 
ATOM   373 N  N   . GLU A 1 52 ? -6.089  2.107   6.358   1.00 6.62  ? 52  GLU A N   1 
ATOM   374 C  CA  . GLU A 1 52 ? -5.303  2.864   7.332   1.00 6.92  ? 52  GLU A CA  1 
ATOM   375 C  C   . GLU A 1 52 ? -3.893  2.328   7.443   1.00 6.20  ? 52  GLU A C   1 
ATOM   376 O  O   . GLU A 1 52 ? -2.932  3.104   7.538   1.00 6.73  ? 52  GLU A O   1 
ATOM   377 C  CB  . GLU A 1 52 ? -5.999  2.838   8.722   1.00 8.49  ? 52  GLU A CB  1 
ATOM   378 C  CG  . GLU A 1 52 ? -5.128  3.489   9.782   1.00 9.09  ? 52  GLU A CG  1 
ATOM   379 C  CD  . GLU A 1 52 ? -4.665  4.952   9.485   0.91 10.81 ? 52  GLU A CD  1 
ATOM   380 O  OE1 . GLU A 1 52 ? -3.648  5.384   10.101  0.91 13.23 ? 52  GLU A OE1 1 
ATOM   381 O  OE2 . GLU A 1 52 ? -5.380  5.677   8.720   0.91 15.39 ? 52  GLU A OE2 1 
ATOM   382 N  N   . ALA A 1 53 ? -3.758  0.993   7.490   1.00 5.91  ? 53  ALA A N   1 
ATOM   383 C  CA  . ALA A 1 53 ? -2.428  0.418   7.627   1.00 5.68  ? 53  ALA A CA  1 
ATOM   384 C  C   . ALA A 1 53 ? -1.556  0.737   6.412   1.00 5.55  ? 53  ALA A C   1 
ATOM   385 O  O   . ALA A 1 53 ? -0.347  1.008   6.585   1.00 6.23  ? 53  ALA A O   1 
ATOM   386 C  CB  . ALA A 1 53 ? -2.538  -1.100  7.821   1.00 6.10  ? 53  ALA A CB  1 
ATOM   387 N  N   . VAL A 1 54 ? -2.111  0.705   5.219   1.00 5.51  ? 54  VAL A N   1 
ATOM   388 C  CA  . VAL A 1 54 ? -1.337  1.090   4.043   1.00 5.42  ? 54  VAL A CA  1 
ATOM   389 C  C   . VAL A 1 54 ? -0.944  2.556   4.134   1.00 5.56  ? 54  VAL A C   1 
ATOM   390 O  O   . VAL A 1 54 ? 0.217   2.912   3.859   1.00 6.11  ? 54  VAL A O   1 
ATOM   391 C  CB  . VAL A 1 54 ? -2.093  0.811   2.730   1.00 5.52  ? 54  VAL A CB  1 
ATOM   392 C  CG1 . VAL A 1 54 ? -1.290  1.320   1.550   1.00 5.80  ? 54  VAL A CG1 1 
ATOM   393 C  CG2 . VAL A 1 54 ? -2.384  -0.679  2.562   1.00 5.98  ? 54  VAL A CG2 1 
ATOM   394 N  N   . ALA A 1 55 ? -1.876  3.426   4.495   1.00 5.75  ? 55  ALA A N   1 
ATOM   395 C  CA  . ALA A 1 55 ? -1.569  4.843   4.597   1.00 6.13  ? 55  ALA A CA  1 
ATOM   396 C  C   . ALA A 1 55 ? -0.461  5.099   5.587   1.00 6.08  ? 55  ALA A C   1 
ATOM   397 O  O   . ALA A 1 55 ? 0.429   5.928   5.356   1.00 6.36  ? 55  ALA A O   1 
ATOM   398 C  CB  . ALA A 1 55 ? -2.843  5.642   4.937   1.00 7.24  ? 55  ALA A CB  1 
ATOM   399 N  N   . TYR A 1 56 ? -0.499  4.400   6.729   1.00 6.27  ? 56  TYR A N   1 
ATOM   400 C  CA  . TYR A 1 56 ? 0.531   4.571   7.754   1.00 6.62  ? 56  TYR A CA  1 
ATOM   401 C  C   . TYR A 1 56 ? 1.901   4.151   7.207   1.00 6.25  ? 56  TYR A C   1 
ATOM   402 O  O   . TYR A 1 56 ? 2.901   4.860   7.398   1.00 7.08  ? 56  TYR A O   1 
ATOM   403 C  CB  . TYR A 1 56 ? 0.185   3.812   9.017   1.00 7.76  ? 56  TYR A CB  1 
ATOM   404 C  CG  . TYR A 1 56 ? 1.131   4.126   10.173  1.00 9.24  ? 56  TYR A CG  1 
ATOM   405 C  CD1 . TYR A 1 56 ? 2.397   3.523   10.345  1.00 10.27 ? 56  TYR A CD1 1 
ATOM   406 C  CD2 . TYR A 1 56 ? 0.777   5.097   11.120  1.00 10.76 ? 56  TYR A CD2 1 
ATOM   407 C  CE1 . TYR A 1 56 ? 3.260   3.896   11.367  1.00 11.71 ? 56  TYR A CE1 1 
ATOM   408 C  CE2 . TYR A 1 56 ? 1.672   5.456   12.156  1.00 12.33 ? 56  TYR A CE2 1 
ATOM   409 C  CZ  . TYR A 1 56 ? 2.919   4.877   12.262  1.00 12.17 ? 56  TYR A CZ  1 
ATOM   410 O  OH  . TYR A 1 56 ? 3.695   5.274   13.258  1.00 16.42 ? 56  TYR A OH  1 
ATOM   411 N  N   . GLN A 1 57 ? 1.946   2.989   6.551   1.00 6.13  ? 57  GLN A N   1 
ATOM   412 C  CA  . GLN A 1 57 ? 3.240   2.498   6.050   1.00 6.45  ? 57  GLN A CA  1 
ATOM   413 C  C   . GLN A 1 57 ? 3.768   3.358   4.913   1.00 5.77  ? 57  GLN A C   1 
ATOM   414 O  O   . GLN A 1 57 ? 4.973   3.555   4.820   1.00 6.56  ? 57  GLN A O   1 
ATOM   415 C  CB  . GLN A 1 57 ? 3.060   1.030   5.647   1.00 8.01  ? 57  GLN A CB  1 
ATOM   416 C  CG  . GLN A 1 57 ? 4.421   0.415   5.249   1.00 8.10  ? 57  GLN A CG  1 
ATOM   417 C  CD  . GLN A 1 57 ? 4.542   -0.998  5.574   1.00 7.48  ? 57  GLN A CD  1 
ATOM   418 O  OE1 . GLN A 1 57 ? 4.299   -1.351  6.735   1.00 8.49  ? 57  GLN A OE1 1 
ATOM   419 N  NE2 . GLN A 1 57 ? 4.984   -1.884  4.733   1.00 8.17  ? 57  GLN A NE2 1 
ATOM   420 N  N   . VAL A 1 58 ? 2.898   3.867   4.038   1.00 5.63  ? 58  VAL A N   1 
ATOM   421 C  CA  . VAL A 1 58 ? 3.353   4.798   3.007   1.00 5.46  ? 58  VAL A CA  1 
ATOM   422 C  C   . VAL A 1 58 ? 3.903   6.056   3.644   1.00 5.66  ? 58  VAL A C   1 
ATOM   423 O  O   . VAL A 1 58 ? 4.935   6.589   3.239   1.00 6.39  ? 58  VAL A O   1 
ATOM   424 C  CB  . VAL A 1 58 ? 2.195   5.103   2.042   1.00 5.48  ? 58  VAL A CB  1 
ATOM   425 C  CG1 . VAL A 1 58 ? 2.525   6.292   1.127   1.00 6.24  ? 58  VAL A CG1 1 
ATOM   426 C  CG2 . VAL A 1 58 ? 1.871   3.876   1.196   1.00 5.99  ? 58  VAL A CG2 1 
ATOM   427 N  N   . THR A 1 59 ? 3.186   6.611   4.637   1.00 5.74  ? 59  THR A N   1 
ATOM   428 C  CA  . THR A 1 59 ? 3.617   7.860   5.245   1.00 6.30  ? 59  THR A CA  1 
ATOM   429 C  C   . THR A 1 59 ? 4.969   7.708   5.918   1.00 6.72  ? 59  THR A C   1 
ATOM   430 O  O   . THR A 1 59 ? 5.843   8.566   5.835   1.00 7.65  ? 59  THR A O   1 
ATOM   431 C  CB  . THR A 1 59 ? 2.560   8.350   6.258   1.00 6.97  ? 59  THR A CB  1 
ATOM   432 O  OG1 . THR A 1 59 ? 1.314   8.545   5.593   1.00 7.18  ? 59  THR A OG1 1 
ATOM   433 C  CG2 . THR A 1 59 ? 2.962   9.648   6.907   1.00 10.10 ? 59  THR A CG2 1 
ATOM   434 N  N   . ASN A 1 60 ? 5.110   6.602   6.686   1.00 7.34  ? 60  ASN A N   1 
ATOM   435 C  CA  . ASN A 1 60 ? 6.200   6.461   7.642   1.00 9.04  ? 60  ASN A CA  1 
ATOM   436 C  C   . ASN A 1 60 ? 7.314   5.498   7.254   1.00 9.90  ? 60  ASN A C   1 
ATOM   437 O  O   . ASN A 1 60 ? 8.329   5.422   7.928   1.00 12.03 ? 60  ASN A O   1 
ATOM   438 C  CB  . ASN A 1 60 ? 5.619   6.119   8.995   1.00 11.00 ? 60  ASN A CB  1 
ATOM   439 C  CG  . ASN A 1 60 ? 4.659   7.313   9.467   1.00 12.40 ? 60  ASN A CG  1 
ATOM   440 O  OD1 . ASN A 1 60 ? 5.171   8.398   9.531   1.00 19.47 ? 60  ASN A OD1 1 
ATOM   441 N  ND2 . ASN A 1 60 ? 3.469   7.001   9.747   1.00 11.87 ? 60  ASN A ND2 1 
ATOM   442 N  N   . GLY A 1 61 ? 7.122   4.732   6.146   1.00 8.84  ? 61  GLY A N   1 
ATOM   443 C  CA  . GLY A 1 61 ? 8.072   3.748   5.745   1.00 9.06  ? 61  GLY A CA  1 
ATOM   444 C  C   . GLY A 1 61 ? 8.030   2.519   6.657   1.00 8.95  ? 61  GLY A C   1 
ATOM   445 O  O   . GLY A 1 61 ? 7.355   2.451   7.650   1.00 10.62 ? 61  GLY A O   1 
ATOM   446 N  N   . GLN A 1 62 ? 8.810   1.500   6.230   1.00 9.08  ? 62  GLN A N   1 
ATOM   447 C  CA  . GLN A 1 62 ? 8.928   0.238   6.979   1.00 9.80  ? 62  GLN A CA  1 
ATOM   448 C  C   . GLN A 1 62 ? 10.096  -0.487  6.483   1.00 10.14 ? 62  GLN A C   1 
ATOM   449 O  O   . GLN A 1 62 ? 10.120  -0.874  5.287   1.00 10.41 ? 62  GLN A O   1 
ATOM   450 C  CB  . GLN A 1 62 ? 7.657   -0.646  6.848   1.00 9.36  ? 62  GLN A CB  1 
ATOM   451 C  CG  . GLN A 1 62 ? 7.807   -2.061  7.392   1.00 9.18  ? 62  GLN A CG  1 
ATOM   452 C  CD  . GLN A 1 62 ? 8.152   -2.040  8.847   1.00 10.00 ? 62  GLN A CD  1 
ATOM   453 O  OE1 . GLN A 1 62 ? 7.641   -1.254  9.644   1.00 13.87 ? 62  GLN A OE1 1 
ATOM   454 N  NE2 . GLN A 1 62 ? 9.101   -2.907  9.260   1.00 17.20 ? 62  GLN A NE2 1 
ATOM   455 N  N   . GLY A 1 63 ? 11.094  -0.781  7.348   1.00 10.72 ? 63  GLY A N   1 
ATOM   456 C  CA  . GLY A 1 63 ? 12.220  -1.621  6.810   1.00 11.36 ? 63  GLY A CA  1 
ATOM   457 C  C   . GLY A 1 63 ? 12.891  -0.911  5.669   1.00 10.73 ? 63  GLY A C   1 
ATOM   458 O  O   . GLY A 1 63 ? 13.276  0.256   5.791   1.00 11.78 ? 63  GLY A O   1 
ATOM   459 N  N   . ALA A 1 64 ? 13.057  -1.651  4.547   1.00 10.48 ? 64  ALA A N   1 
ATOM   460 C  CA  . ALA A 1 64 ? 13.655  -1.107  3.384   1.00 10.42 ? 64  ALA A CA  1 
ATOM   461 C  C   . ALA A 1 64 ? 12.724  -0.209  2.625   1.00 9.04  ? 64  ALA A C   1 
ATOM   462 O  O   . ALA A 1 64 ? 13.193  0.491   1.676   1.00 9.46  ? 64  ALA A O   1 
ATOM   463 C  CB  . ALA A 1 64 ? 14.101  -2.315  2.395   1.00 12.50 ? 64  ALA A CB  1 
ATOM   464 N  N   . MET A 1 65 ? 11.454  -0.180  2.882   1.00 8.18  ? 65  MET A N   1 
ATOM   465 C  CA  . MET A 1 65 ? 10.535  0.675   2.140   1.00 7.10  ? 65  MET A CA  1 
ATOM   466 C  C   . MET A 1 65 ? 10.670  2.136   2.665   1.00 6.40  ? 65  MET A C   1 
ATOM   467 O  O   . MET A 1 65 ? 10.502  2.385   3.872   1.00 6.67  ? 65  MET A O   1 
ATOM   468 C  CB  . MET A 1 65 ? 9.074   0.231   2.380   1.00 6.33  ? 65  MET A CB  1 
ATOM   469 C  CG  . MET A 1 65 ? 8.115   1.154   1.672   1.00 5.81  ? 65  MET A CG  1 
ATOM   470 S  SD  . MET A 1 65 ? 6.462   0.409   1.591   1.00 5.34  ? 65  MET A SD  1 
ATOM   471 C  CE  . MET A 1 65 ? 5.467   1.911   1.559   1.00 6.37  ? 65  MET A CE  1 
ATOM   472 N  N   . PRO A 1 66 ? 10.946  3.076   1.774   1.00 6.31  ? 66  PRO A N   1 
ATOM   473 C  CA  . PRO A 1 66 ? 11.048  4.470   2.197   1.00 6.54  ? 66  PRO A CA  1 
ATOM   474 C  C   . PRO A 1 66 ? 9.717   5.035   2.649   1.00 6.48  ? 66  PRO A C   1 
ATOM   475 O  O   . PRO A 1 66 ? 8.646   4.608   2.263   1.00 7.70  ? 66  PRO A O   1 
ATOM   476 C  CB  . PRO A 1 66 ? 11.599  5.194   0.962   1.00 8.33  ? 66  PRO A CB  1 
ATOM   477 C  CG  A PRO A 1 66 ? 11.190  4.415   -0.181  0.60 7.56  ? 66  PRO A CG  1 
ATOM   478 C  CG  B PRO A 1 66 ? 11.979  4.142   -0.006  0.40 7.99  ? 66  PRO A CG  1 
ATOM   479 C  CD  . PRO A 1 66 ? 11.212  2.943   0.334   1.00 7.31  ? 66  PRO A CD  1 
ATOM   480 N  N   . ALA A 1 67 ? 9.853   6.100   3.477   1.00 6.82  ? 67  ALA A N   1 
ATOM   481 C  CA  . ALA A 1 67 ? 8.714   6.933   3.872   1.00 6.76  ? 67  ALA A CA  1 
ATOM   482 C  C   . ALA A 1 67 ? 8.402   7.944   2.777   1.00 7.11  ? 67  ALA A C   1 
ATOM   483 O  O   . ALA A 1 67 ? 9.310   8.482   2.087   1.00 9.33  ? 67  ALA A O   1 
ATOM   484 C  CB  . ALA A 1 67 ? 9.082   7.678   5.134   1.00 8.00  ? 67  ALA A CB  1 
ATOM   485 N  N   . PHE A 1 68 ? 7.122   8.253   2.632   1.00 6.23  ? 68  PHE A N   1 
ATOM   486 C  CA  . PHE A 1 68 ? 6.626   9.250   1.684   1.00 6.53  ? 68  PHE A CA  1 
ATOM   487 C  C   . PHE A 1 68 ? 6.039   10.478  2.357   1.00 7.02  ? 68  PHE A C   1 
ATOM   488 O  O   . PHE A 1 68 ? 5.699   11.450  1.649   1.00 7.95  ? 68  PHE A O   1 
ATOM   489 C  CB  . PHE A 1 68 ? 5.625   8.638   0.716   1.00 6.36  ? 68  PHE A CB  1 
ATOM   490 C  CG  . PHE A 1 68 ? 6.267   7.659   -0.237  1.00 6.36  ? 68  PHE A CG  1 
ATOM   491 C  CD1 . PHE A 1 68 ? 6.541   6.324   0.137   1.00 6.32  ? 68  PHE A CD1 1 
ATOM   492 C  CD2 . PHE A 1 68 ? 6.635   8.054   -1.512  1.00 6.58  ? 68  PHE A CD2 1 
ATOM   493 C  CE1 . PHE A 1 68 ? 7.156   5.461   -0.718  1.00 6.75  ? 68  PHE A CE1 1 
ATOM   494 C  CE2 . PHE A 1 68 ? 7.250   7.172   -2.383  1.00 7.13  ? 68  PHE A CE2 1 
ATOM   495 C  CZ  . PHE A 1 68 ? 7.494   5.866   -1.991  1.00 6.96  ? 68  PHE A CZ  1 
ATOM   496 N  N   . GLY A 1 69 ? 5.901   10.507  3.689   1.00 8.06  ? 69  GLY A N   1 
ATOM   497 C  CA  . GLY A 1 69 ? 5.464   11.746  4.321   1.00 10.18 ? 69  GLY A CA  1 
ATOM   498 C  C   . GLY A 1 69 ? 6.514   12.882  3.952   1.00 10.60 ? 69  GLY A C   1 
ATOM   499 O  O   . GLY A 1 69 ? 7.748   12.660  3.926   1.00 13.61 ? 69  GLY A O   1 
ATOM   500 N  N   . GLY A 1 70 ? 5.921   14.035  3.654   1.00 13.00 ? 70  GLY A N   1 
ATOM   501 C  CA  . GLY A 1 70 ? 6.807   15.145  3.180   1.00 15.67 ? 70  GLY A CA  1 
ATOM   502 C  C   . GLY A 1 70 ? 7.132   15.096  1.711   1.00 14.33 ? 70  GLY A C   1 
ATOM   503 O  O   . GLY A 1 70 ? 7.847   16.029  1.179   1.00 20.46 ? 70  GLY A O   1 
ATOM   504 N  N   . ARG A 1 71 ? 6.829   14.009  1.042   1.00 11.12 ? 71  ARG A N   1 
ATOM   505 C  CA  . ARG A 1 71 ? 7.141   13.778  -0.484  1.00 12.73 ? 71  ARG A CA  1 
ATOM   506 C  C   . ARG A 1 71 ? 5.821   13.739  -1.196  1.00 10.06 ? 71  ARG A C   1 
ATOM   507 O  O   . ARG A 1 71 ? 5.868   13.938  -2.379  1.00 12.81 ? 71  ARG A O   1 
ATOM   508 C  CB  . ARG A 1 71 ? 7.975   12.462  -0.626  1.00 12.98 ? 71  ARG A CB  1 
ATOM   509 C  CG  A ARG A 1 71 ? 9.395   12.578  -0.132  0.51 15.21 ? 71  ARG A CG  1 
ATOM   510 C  CG  B ARG A 1 71 ? 9.190   12.388  0.246   0.49 14.36 ? 71  ARG A CG  1 
ATOM   511 C  CD  A ARG A 1 71 ? 10.227  11.614  -0.961  0.51 17.46 ? 71  ARG A CD  1 
ATOM   512 C  CD  B ARG A 1 71 ? 9.942   11.090  0.056   0.49 15.58 ? 71  ARG A CD  1 
ATOM   513 N  NE  A ARG A 1 71 ? 10.031  10.208  -0.527  0.51 14.97 ? 71  ARG A NE  1 
ATOM   514 N  NE  B ARG A 1 71 ? 10.181  10.642  -1.326  0.49 15.61 ? 71  ARG A NE  1 
ATOM   515 C  CZ  A ARG A 1 71 ? 10.304  9.188   -1.320  0.51 13.02 ? 71  ARG A CZ  1 
ATOM   516 C  CZ  B ARG A 1 71 ? 10.353  9.389   -1.703  0.49 13.74 ? 71  ARG A CZ  1 
ATOM   517 N  NH1 A ARG A 1 71 ? 10.769  9.333   -2.568  0.51 13.25 ? 71  ARG A NH1 1 
ATOM   518 N  NH1 B ARG A 1 71 ? 10.348  8.389   -0.860  0.49 10.19 ? 71  ARG A NH1 1 
ATOM   519 N  NH2 A ARG A 1 71 ? 10.115  7.960   -0.878  0.51 11.40 ? 71  ARG A NH2 1 
ATOM   520 N  NH2 B ARG A 1 71 ? 10.558  9.134   -3.014  0.49 18.62 ? 71  ARG A NH2 1 
ATOM   521 N  N   . LEU A 1 72 ? 4.728   13.313  -0.621  1.00 9.35  ? 72  LEU A N   1 
ATOM   522 C  CA  . LEU A 1 72 ? 3.419   13.195  -1.238  1.00 8.04  ? 72  LEU A CA  1 
ATOM   523 C  C   . LEU A 1 72 ? 2.406   13.917  -0.420  1.00 8.12  ? 72  LEU A C   1 
ATOM   524 O  O   . LEU A 1 72 ? 2.505   14.055  0.815   1.00 10.95 ? 72  LEU A O   1 
ATOM   525 C  CB  . LEU A 1 72 ? 2.982   11.750  -1.309  1.00 9.11  ? 72  LEU A CB  1 
ATOM   526 C  CG  . LEU A 1 72 ? 3.752   10.883  -2.228  1.00 9.81  ? 72  LEU A CG  1 
ATOM   527 C  CD1 . LEU A 1 72 ? 3.186   9.399   -2.136  1.00 12.51 ? 72  LEU A CD1 1 
ATOM   528 C  CD2 . LEU A 1 72 ? 3.781   11.385  -3.708  1.00 14.03 ? 72  LEU A CD2 1 
ATOM   529 N  N   . SER A 1 73 ? 1.375   14.467  -1.090  1.00 7.06  ? 73  SER A N   1 
ATOM   530 C  CA  . SER A 1 73 ? 0.317   15.159  -0.411  1.00 6.99  ? 73  SER A CA  1 
ATOM   531 C  C   . SER A 1 73 ? -0.509  14.179  0.466   1.00 6.59  ? 73  SER A C   1 
ATOM   532 O  O   . SER A 1 73 ? -0.521  12.962  0.232   1.00 6.72  ? 73  SER A O   1 
ATOM   533 C  CB  . SER A 1 73 ? -0.616  15.832  -1.397  1.00 7.31  ? 73  SER A CB  1 
ATOM   534 O  OG  . SER A 1 73 ? -1.305  14.843  -2.141  1.00 7.55  ? 73  SER A OG  1 
ATOM   535 N  N   . ASP A 1 74 ? -1.238  14.736  1.438   1.00 7.22  ? 74  ASP A N   1 
ATOM   536 C  CA  . ASP A 1 74 ? -2.134  13.938  2.224   1.00 7.11  ? 74  ASP A CA  1 
ATOM   537 C  C   . ASP A 1 74 ? -3.144  13.184  1.346   1.00 6.92  ? 74  ASP A C   1 
ATOM   538 O  O   . ASP A 1 74 ? -3.384  11.984  1.596   1.00 7.30  ? 74  ASP A O   1 
ATOM   539 C  CB  . ASP A 1 74 ? -2.862  14.796  3.245   1.00 8.44  ? 74  ASP A CB  1 
ATOM   540 C  CG  . ASP A 1 74 ? -2.005  15.380  4.343   1.00 11.14 ? 74  ASP A CG  1 
ATOM   541 O  OD1 . ASP A 1 74 ? -2.443  16.381  4.954   1.00 18.30 ? 74  ASP A OD1 1 
ATOM   542 O  OD2 . ASP A 1 74 ? -0.930  14.932  4.570   1.00 14.56 ? 74  ASP A OD2 1 
ATOM   543 N  N   . ALA A 1 75 ? -3.731  13.856  0.364   1.00 6.59  ? 75  ALA A N   1 
ATOM   544 C  CA  . ALA A 1 75 ? -4.724  13.206  -0.471  1.00 7.02  ? 75  ALA A CA  1 
ATOM   545 C  C   . ALA A 1 75 ? -4.077  12.093  -1.302  1.00 6.02  ? 75  ALA A C   1 
ATOM   546 O  O   . ALA A 1 75 ? -4.680  11.041  -1.480  1.00 6.59  ? 75  ALA A O   1 
ATOM   547 C  CB  . ALA A 1 75 ? -5.390  14.224  -1.411  1.00 8.41  ? 75  ALA A CB  1 
ATOM   548 N  N   . ASP A 1 76 ? -2.864  12.307  -1.821  1.00 6.23  ? 76  ASP A N   1 
ATOM   549 C  CA  . ASP A 1 76 ? -2.220  11.270  -2.597  1.00 6.08  ? 76  ASP A CA  1 
ATOM   550 C  C   . ASP A 1 76 ? -1.957  10.020  -1.762  1.00 5.69  ? 76  ASP A C   1 
ATOM   551 O  O   . ASP A 1 76 ? -2.106  8.892   -2.241  1.00 6.08  ? 76  ASP A O   1 
ATOM   552 C  CB  . ASP A 1 76 ? -0.935  11.752  -3.240  1.00 7.36  ? 76  ASP A CB  1 
ATOM   553 C  CG  . ASP A 1 76 ? -1.184  12.570  -4.542  1.00 10.05 ? 76  ASP A CG  1 
ATOM   554 O  OD1 . ASP A 1 76 ? -0.115  12.909  -5.134  1.00 13.41 ? 76  ASP A OD1 1 
ATOM   555 O  OD2 . ASP A 1 76 ? -2.321  12.782  -4.955  1.00 11.70 ? 76  ASP A OD2 1 
ATOM   556 N  N   . ILE A 1 77 ? -1.506  10.213  -0.522  1.00 5.89  ? 77  ILE A N   1 
ATOM   557 C  CA  . ILE A 1 77 ? -1.274  9.068   0.352   1.00 5.95  ? 77  ILE A CA  1 
ATOM   558 C  C   . ILE A 1 77 ? -2.573  8.334   0.648   1.00 5.97  ? 77  ILE A C   1 
ATOM   559 O  O   . ILE A 1 77 ? -2.651  7.092   0.570   1.00 6.25  ? 77  ILE A O   1 
ATOM   560 C  CB  . ILE A 1 77 ? -0.547  9.507   1.629   1.00 6.94  ? 77  ILE A CB  1 
ATOM   561 C  CG1 . ILE A 1 77 ? 0.867   10.004  1.289   1.00 7.95  ? 77  ILE A CG1 1 
ATOM   562 C  CG2 . ILE A 1 77 ? -0.534  8.370   2.644   1.00 8.47  ? 77  ILE A CG2 1 
ATOM   563 C  CD1 . ILE A 1 77 ? 1.637   10.594  2.407   1.00 11.97 ? 77  ILE A CD1 1 
ATOM   564 N  N   . ALA A 1 78 ? -3.631  9.092   0.985   1.00 6.12  ? 78  ALA A N   1 
ATOM   565 C  CA  . ALA A 1 78 ? -4.923  8.463   1.264   1.00 6.36  ? 78  ALA A CA  1 
ATOM   566 C  C   . ALA A 1 78 ? -5.386  7.701   0.014   1.00 5.78  ? 78  ALA A C   1 
ATOM   567 O  O   . ALA A 1 78 ? -5.922  6.558   0.123   1.00 6.50  ? 78  ALA A O   1 
ATOM   568 C  CB  . ALA A 1 78 ? -5.934  9.492   1.677   1.00 7.27  ? 78  ALA A CB  1 
ATOM   569 N  N   . ASN A 1 79 ? -5.275  8.305   -1.149  1.00 5.52  ? 79  ASN A N   1 
ATOM   570 C  CA  . ASN A 1 79 ? -5.794  7.690   -2.354  1.00 5.61  ? 79  ASN A CA  1 
ATOM   571 C  C   . ASN A 1 79 ? -4.997  6.448   -2.761  1.00 5.12  ? 79  ASN A C   1 
ATOM   572 O  O   . ASN A 1 79 ? -5.582  5.453   -3.190  1.00 5.42  ? 79  ASN A O   1 
ATOM   573 C  CB  . ASN A 1 79 ? -5.853  8.710   -3.490  1.00 5.82  ? 79  ASN A CB  1 
ATOM   574 C  CG  . ASN A 1 79 ? -6.917  9.779   -3.237  1.00 6.65  ? 79  ASN A CG  1 
ATOM   575 O  OD1 . ASN A 1 79 ? -7.845  9.573   -2.433  1.00 7.32  ? 79  ASN A OD1 1 
ATOM   576 N  ND2 . ASN A 1 79 ? -6.807  10.872  -3.951  1.00 7.58  ? 79  ASN A ND2 1 
ATOM   577 N  N   . VAL A 1 80 ? -3.652  6.481   -2.632  1.00 5.10  ? 80  VAL A N   1 
ATOM   578 C  CA  . VAL A 1 80 ? -2.910  5.277   -2.984  1.00 5.03  ? 80  VAL A CA  1 
ATOM   579 C  C   . VAL A 1 80 ? -3.265  4.142   -2.019  1.00 5.17  ? 80  VAL A C   1 
ATOM   580 O  O   . VAL A 1 80 ? -3.298  2.969   -2.423  1.00 5.51  ? 80  VAL A O   1 
ATOM   581 C  CB  . VAL A 1 80 ? -1.387  5.530   -3.111  1.00 5.46  ? 80  VAL A CB  1 
ATOM   582 C  CG1 . VAL A 1 80 ? -0.654  5.627   -1.760  1.00 6.07  ? 80  VAL A CG1 1 
ATOM   583 C  CG2 . VAL A 1 80 ? -0.767  4.459   -3.996  1.00 6.27  ? 80  VAL A CG2 1 
ATOM   584 N  N   . ALA A 1 81 ? -3.529  4.475   -0.742  1.00 5.41  ? 81  ALA A N   1 
ATOM   585 C  CA  . ALA A 1 81 ? -3.952  3.433   0.196   1.00 5.68  ? 81  ALA A CA  1 
ATOM   586 C  C   . ALA A 1 81 ? -5.264  2.817   -0.242  1.00 5.65  ? 81  ALA A C   1 
ATOM   587 O  O   . ALA A 1 81 ? -5.460  1.601   -0.143  1.00 6.16  ? 81  ALA A O   1 
ATOM   588 C  CB  . ALA A 1 81 ? -4.014  4.033   1.607   1.00 6.61  ? 81  ALA A CB  1 
ATOM   589 N  N   . ALA A 1 82 ? -6.214  3.657   -0.692  1.00 5.81  ? 82  ALA A N   1 
ATOM   590 C  CA  . ALA A 1 82 ? -7.476  3.135   -1.235  1.00 6.09  ? 82  ALA A CA  1 
ATOM   591 C  C   . ALA A 1 82 ? -7.257  2.256   -2.450  1.00 5.98  ? 82  ALA A C   1 
ATOM   592 O  O   . ALA A 1 82 ? -7.952  1.243   -2.613  1.00 6.48  ? 82  ALA A O   1 
ATOM   593 C  CB  . ALA A 1 82 ? -8.415  4.304   -1.540  1.00 7.24  ? 82  ALA A CB  1 
ATOM   594 N  N   . TYR A 1 83 ? -6.304  2.618   -3.319  1.00 5.59  ? 83  TYR A N   1 
ATOM   595 C  CA  . TYR A 1 83 ? -5.991  1.792   -4.485  1.00 5.62  ? 83  TYR A CA  1 
ATOM   596 C  C   . TYR A 1 83 ? -5.483  0.417   -4.040  1.00 5.53  ? 83  TYR A C   1 
ATOM   597 O  O   . TYR A 1 83 ? -5.919  -0.609  -4.543  1.00 5.91  ? 83  TYR A O   1 
ATOM   598 C  CB  . TYR A 1 83 ? -5.001  2.505   -5.390  1.00 6.21  ? 83  TYR A CB  1 
ATOM   599 C  CG  . TYR A 1 83 ? -4.534  1.704   -6.575  1.00 6.18  ? 83  TYR A CG  1 
ATOM   600 C  CD1 . TYR A 1 83 ? -5.383  1.432   -7.655  1.00 7.11  ? 83  TYR A CD1 1 
ATOM   601 C  CD2 . TYR A 1 83 ? -3.217  1.220   -6.656  1.00 6.23  ? 83  TYR A CD2 1 
ATOM   602 C  CE1 . TYR A 1 83 ? -4.915  0.746   -8.774  1.00 7.50  ? 83  TYR A CE1 1 
ATOM   603 C  CE2 . TYR A 1 83 ? -2.782  0.544   -7.778  1.00 6.63  ? 83  TYR A CE2 1 
ATOM   604 C  CZ  . TYR A 1 83 ? -3.613  0.314   -8.836  1.00 6.87  ? 83  TYR A CZ  1 
ATOM   605 O  OH  . TYR A 1 83 ? -3.107  -0.341  -9.940  1.00 8.61  ? 83  TYR A OH  1 
ATOM   606 N  N   . ILE A 1 84 ? -4.502  0.385   -3.108  1.00 5.45  ? 84  ILE A N   1 
ATOM   607 C  CA  . ILE A 1 84 ? -4.026  -0.894  -2.642  1.00 5.48  ? 84  ILE A CA  1 
ATOM   608 C  C   . ILE A 1 84 ? -5.156  -1.735  -2.073  1.00 5.62  ? 84  ILE A C   1 
ATOM   609 O  O   . ILE A 1 84 ? -5.274  -2.938  -2.361  1.00 5.87  ? 84  ILE A O   1 
ATOM   610 C  CB  . ILE A 1 84 ? -2.893  -0.738  -1.595  1.00 5.63  ? 84  ILE A CB  1 
ATOM   611 C  CG1 . ILE A 1 84 ? -1.677  0.042   -2.179  1.00 6.24  ? 84  ILE A CG1 1 
ATOM   612 C  CG2 . ILE A 1 84 ? -2.454  -2.095  -1.076  1.00 6.48  ? 84  ILE A CG2 1 
ATOM   613 C  CD1 . ILE A 1 84 ? -1.187  -0.476  -3.500  1.00 7.34  ? 84  ILE A CD1 1 
ATOM   614 N  N   . ALA A 1 85 ? -6.003  -1.126  -1.220  1.00 5.91  ? 85  ALA A N   1 
ATOM   615 C  CA  . ALA A 1 85 ? -7.087  -1.882  -0.626  1.00 6.27  ? 85  ALA A CA  1 
ATOM   616 C  C   . ALA A 1 85 ? -8.035  -2.406  -1.693  1.00 6.43  ? 85  ALA A C   1 
ATOM   617 O  O   . ALA A 1 85 ? -8.485  -3.586  -1.600  1.00 7.30  ? 85  ALA A O   1 
ATOM   618 C  CB  . ALA A 1 85 ? -7.815  -1.021  0.389   1.00 7.29  ? 85  ALA A CB  1 
ATOM   619 N  N   . ASP A 1 86 ? -8.394  -1.604  -2.679  1.00 6.31  ? 86  ASP A N   1 
ATOM   620 C  CA  . ASP A 1 86 ? -9.322  -2.051  -3.720  1.00 6.89  ? 86  ASP A CA  1 
ATOM   621 C  C   . ASP A 1 86 ? -8.720  -3.161  -4.566  1.00 6.40  ? 86  ASP A C   1 
ATOM   622 O  O   . ASP A 1 86 ? -9.382  -4.160  -4.867  1.00 7.44  ? 86  ASP A O   1 
ATOM   623 C  CB  . ASP A 1 86 ? -9.716  -0.839  -4.553  1.00 8.06  ? 86  ASP A CB  1 
ATOM   624 C  CG  . ASP A 1 86 ? -10.811 -1.169  -5.520  1.00 10.80 ? 86  ASP A CG  1 
ATOM   625 O  OD1 . ASP A 1 86 ? -10.611 -1.257  -6.705  1.00 21.80 ? 86  ASP A OD1 1 
ATOM   626 O  OD2 . ASP A 1 86 ? -11.951 -1.487  -5.131  1.00 21.58 ? 86  ASP A OD2 1 
ATOM   627 N  N   . GLN A 1 87 ? -7.449  -2.995  -4.962  1.00 5.95  ? 87  GLN A N   1 
ATOM   628 C  CA  . GLN A 1 87 ? -6.786  -3.993  -5.761  1.00 5.98  ? 87  GLN A CA  1 
ATOM   629 C  C   . GLN A 1 87 ? -6.733  -5.340  -5.004  1.00 5.78  ? 87  GLN A C   1 
ATOM   630 O  O   . GLN A 1 87 ? -6.980  -6.413  -5.566  1.00 6.82  ? 87  GLN A O   1 
ATOM   631 C  CB  . GLN A 1 87 ? -5.345  -3.573  -6.059  1.00 6.06  ? 87  GLN A CB  1 
ATOM   632 C  CG  . GLN A 1 87 ? -5.181  -2.392  -7.032  1.00 6.43  ? 87  GLN A CG  1 
ATOM   633 C  CD  . GLN A 1 87 ? -5.547  -2.753  -8.444  1.00 6.89  ? 87  GLN A CD  1 
ATOM   634 O  OE1 . GLN A 1 87 ? -6.690  -2.507  -8.878  1.00 8.22  ? 87  GLN A OE1 1 
ATOM   635 N  NE2 . GLN A 1 87 ? -4.649  -3.344  -9.156  1.00 9.81  ? 87  GLN A NE2 1 
ATOM   636 N  N   . ALA A 1 88 ? -6.360  -5.275  -3.719  1.00 5.54  ? 88  ALA A N   1 
ATOM   637 C  CA  . ALA A 1 88 ? -6.190  -6.505  -2.954  1.00 5.93  ? 88  ALA A CA  1 
ATOM   638 C  C   . ALA A 1 88 ? -7.529  -7.154  -2.658  1.00 5.83  ? 88  ALA A C   1 
ATOM   639 O  O   . ALA A 1 88 ? -7.716  -8.370  -2.849  1.00 6.40  ? 88  ALA A O   1 
ATOM   640 C  CB  . ALA A 1 88 ? -5.444  -6.191  -1.650  1.00 6.51  ? 88  ALA A CB  1 
ATOM   641 N  N   . GLU A 1 89 ? -8.484  -6.369  -2.123  1.00 5.90  ? 89  GLU A N   1 
ATOM   642 C  CA  . GLU A 1 89 ? -9.753  -6.954  -1.699  1.00 6.45  ? 89  GLU A CA  1 
ATOM   643 C  C   . GLU A 1 89 ? -10.535 -7.546  -2.824  1.00 6.75  ? 89  GLU A C   1 
ATOM   644 O  O   . GLU A 1 89 ? -11.298 -8.491  -2.625  1.00 7.74  ? 89  GLU A O   1 
ATOM   645 C  CB  . GLU A 1 89 ? -10.605 -5.936  -0.940  1.00 7.44  ? 89  GLU A CB  1 
ATOM   646 C  CG  . GLU A 1 89 ? -10.008 -5.488  0.383   1.00 8.45  ? 89  GLU A CG  1 
ATOM   647 C  CD  . GLU A 1 89 ? -10.742 -4.410  1.076   1.00 13.08 ? 89  GLU A CD  1 
ATOM   648 O  OE1 . GLU A 1 89 ? -10.452 -4.154  2.241   1.00 21.18 ? 89  GLU A OE1 1 
ATOM   649 O  OE2 . GLU A 1 89 ? -11.757 -3.895  0.533   1.00 16.93 ? 89  GLU A OE2 1 
ATOM   650 N  N   . ASN A 1 90 ? -10.389 -6.970  -4.037  1.00 6.81  ? 90  ASN A N   1 
ATOM   651 C  CA  . ASN A 1 90 ? -11.121 -7.424  -5.197  1.00 7.73  ? 90  ASN A CA  1 
ATOM   652 C  C   . ASN A 1 90 ? -10.270 -8.295  -6.130  1.00 8.07  ? 90  ASN A C   1 
ATOM   653 O  O   . ASN A 1 90 ? -10.704 -8.647  -7.220  1.00 9.45  ? 90  ASN A O   1 
ATOM   654 C  CB  . ASN A 1 90 ? -11.689 -6.254  -5.962  1.00 8.41  ? 90  ASN A CB  1 
ATOM   655 C  CG  . ASN A 1 90 ? -12.705 -5.575  -5.066  1.00 10.14 ? 90  ASN A CG  1 
ATOM   656 O  OD1 . ASN A 1 90 ? -13.766 -6.104  -4.768  1.00 11.67 ? 90  ASN A OD1 1 
ATOM   657 N  ND2 . ASN A 1 90 ? -12.397 -4.428  -4.652  1.00 17.13 ? 90  ASN A ND2 1 
ATOM   658 N  N   . ASN A 1 91 ? -9.056  -8.658  -5.695  1.00 7.12  ? 91  ASN A N   1 
ATOM   659 C  CA  . ASN A 1 91 ? -8.214  -9.568  -6.462  1.00 7.95  ? 91  ASN A CA  1 
ATOM   660 C  C   . ASN A 1 91 ? -7.980  -9.079  -7.899  1.00 8.11  ? 91  ASN A C   1 
ATOM   661 O  O   . ASN A 1 91 ? -8.146  -9.817  -8.851  1.00 10.34 ? 91  ASN A O   1 
ATOM   662 C  CB  . ASN A 1 91 ? -8.788  -10.997 -6.423  1.00 9.43  ? 91  ASN A CB  1 
ATOM   663 C  CG  . ASN A 1 91 ? -9.132  -11.429 -5.058  1.00 11.26 ? 91  ASN A CG  1 
ATOM   664 O  OD1 . ASN A 1 91 ? -8.264  -11.685 -4.275  1.00 15.36 ? 91  ASN A OD1 1 
ATOM   665 N  ND2 . ASN A 1 91 ? -10.304 -11.519 -4.654  1.00 15.00 ? 91  ASN A ND2 1 
ATOM   666 N  N   . LYS A 1 92 ? -7.558  -7.796  -7.996  1.00 7.72  ? 92  LYS A N   1 
ATOM   667 C  CA  . LYS A 1 92 ? -7.392  -7.155  -9.315  1.00 8.24  ? 92  LYS A CA  1 
ATOM   668 C  C   . LYS A 1 92 ? -5.958  -7.042  -9.721  1.00 10.19 ? 92  LYS A C   1 
ATOM   669 O  O   . LYS A 1 92 ? -5.713  -6.458  -10.759 1.00 16.50 ? 92  LYS A O   1 
ATOM   670 C  CB  . LYS A 1 92 ? -8.023  -5.774  -9.308  1.00 9.47  ? 92  LYS A CB  1 
ATOM   671 C  CG  . LYS A 1 92 ? -9.506  -5.769  -9.176  1.00 11.85 ? 92  LYS A CG  1 
ATOM   672 C  CD  . LYS A 1 92 ? -9.986  -4.313  -9.075  0.74 14.85 ? 92  LYS A CD  1 
ATOM   673 C  CE  . LYS A 1 92 ? -11.415 -3.980  -9.083  0.67 17.12 ? 92  LYS A CE  1 
ATOM   674 N  NZ  . LYS A 1 92 ? -11.447 -2.480  -9.096  0.67 14.59 ? 92  LYS A NZ  1 
ATOM   675 N  N   . TRP A 1 93 ? -4.996  -7.550  -8.973  1.00 8.80  ? 93  TRP A N   1 
ATOM   676 C  CA  . TRP A 1 93 ? -3.615  -7.394  -9.442  1.00 11.03 ? 93  TRP A CA  1 
ATOM   677 C  C   . TRP A 1 93 ? -3.345  -8.141  -10.738 1.00 14.67 ? 93  TRP A C   1 
ATOM   678 O  O   . TRP A 1 93 ? -2.451  -7.748  -11.506 1.00 17.99 ? 93  TRP A O   1 
ATOM   679 C  CB  . TRP A 1 93 ? -2.634  -7.788  -8.329  1.00 9.75  ? 93  TRP A CB  1 
ATOM   680 C  CG  . TRP A 1 93 ? -2.630  -6.805  -7.168  1.00 8.79  ? 93  TRP A CG  1 
ATOM   681 C  CD1 . TRP A 1 93 ? -3.027  -7.057  -5.886  1.00 9.22  ? 93  TRP A CD1 1 
ATOM   682 C  CD2 . TRP A 1 93 ? -2.158  -5.462  -7.136  1.00 8.34  ? 93  TRP A CD2 1 
ATOM   683 N  NE1 . TRP A 1 93 ? -2.834  -5.954  -5.055  1.00 9.26  ? 93  TRP A NE1 1 
ATOM   684 C  CE2 . TRP A 1 93 ? -2.273  -5.011  -5.837  1.00 7.74  ? 93  TRP A CE2 1 
ATOM   685 C  CE3 . TRP A 1 93 ? -1.600  -4.641  -8.162  1.00 8.92  ? 93  TRP A CE3 1 
ATOM   686 C  CZ2 . TRP A 1 93 ? -1.880  -3.692  -5.455  1.00 8.97  ? 93  TRP A CZ2 1 
ATOM   687 C  CZ3 . TRP A 1 93 ? -1.200  -3.313  -7.722  1.00 9.57  ? 93  TRP A CZ3 1 
ATOM   688 C  CH2 . TRP A 1 93 ? -1.347  -2.917  -6.445  1.00 9.57  ? 93  TRP A CH2 1 
ATOM   689 O  OXT . TRP A 1 93 ? -3.910  -9.262  -10.782 1.00 18.95 ? 93  TRP A OXT 1 
HETATM 690 FE FE  . HEC B 2 .  ? 6.201   -0.785  -0.403  1.00 4.29  ? 101 HEC A FE  1 
HETATM 691 C  CHA . HEC B 2 .  ? 5.850   -3.324  1.822   1.00 5.53  ? 101 HEC A CHA 1 
HETATM 692 C  CHB . HEC B 2 .  ? 2.861   -0.227  -0.312  1.00 5.04  ? 101 HEC A CHB 1 
HETATM 693 C  CHC . HEC B 2 .  ? 6.657   2.025   -2.244  1.00 5.35  ? 101 HEC A CHC 1 
HETATM 694 C  CHD . HEC B 2 .  ? 9.466   -1.624  -0.872  1.00 6.09  ? 101 HEC A CHD 1 
HETATM 695 N  NA  . HEC B 2 .  ? 4.660   -1.628  0.521   1.00 5.06  ? 101 HEC A NA  1 
HETATM 696 C  C1A . HEC B 2 .  ? 4.699   -2.704  1.400   1.00 5.11  ? 101 HEC A C1A 1 
HETATM 697 C  C2A . HEC B 2 .  ? 3.351   -3.033  1.857   1.00 5.46  ? 101 HEC A C2A 1 
HETATM 698 C  C3A . HEC B 2 .  ? 2.514   -2.136  1.276   1.00 5.48  ? 101 HEC A C3A 1 
HETATM 699 C  C4A . HEC B 2 .  ? 3.339   -1.263  0.455   1.00 5.09  ? 101 HEC A C4A 1 
HETATM 700 C  CMA . HEC B 2 .  ? 1.043   -1.992  1.462   1.00 6.52  ? 101 HEC A CMA 1 
HETATM 701 C  CAA . HEC B 2 .  ? 3.043   -4.205  2.735   1.00 5.86  ? 101 HEC A CAA 1 
HETATM 702 C  CBA . HEC B 2 .  ? 3.147   -5.519  2.011   1.00 5.53  ? 101 HEC A CBA 1 
HETATM 703 C  CGA . HEC B 2 .  ? 3.111   -6.738  2.924   1.00 5.93  ? 101 HEC A CGA 1 
HETATM 704 O  O1A . HEC B 2 .  ? 2.734   -7.891  2.378   1.00 6.35  ? 101 HEC A O1A 1 
HETATM 705 O  O2A . HEC B 2 .  ? 3.429   -6.675  4.081   1.00 7.75  ? 101 HEC A O2A 1 
HETATM 706 N  NB  . HEC B 2 .  ? 5.005   0.606   -1.143  1.00 4.80  ? 101 HEC A NB  1 
HETATM 707 C  C1B . HEC B 2 .  ? 3.639   0.664   -1.056  1.00 4.69  ? 101 HEC A C1B 1 
HETATM 708 C  C2B . HEC B 2 .  ? 3.073   1.797   -1.769  1.00 4.76  ? 101 HEC A C2B 1 
HETATM 709 C  C3B . HEC B 2 .  ? 4.177   2.482   -2.276  1.00 4.87  ? 101 HEC A C3B 1 
HETATM 710 C  C4B . HEC B 2 .  ? 5.353   1.727   -1.878  1.00 4.83  ? 101 HEC A C4B 1 
HETATM 711 C  CMB . HEC B 2 .  ? 1.624   2.067   -1.915  1.00 5.37  ? 101 HEC A CMB 1 
HETATM 712 C  CAB . HEC B 2 .  ? 4.193   3.741   -3.080  1.00 5.21  ? 101 HEC A CAB 1 
HETATM 713 C  CBB . HEC B 2 .  ? 3.708   4.973   -2.335  1.00 5.83  ? 101 HEC A CBB 1 
HETATM 714 N  NC  . HEC B 2 .  ? 7.733   0.037   -1.320  1.00 5.21  ? 101 HEC A NC  1 
HETATM 715 C  C1C . HEC B 2 .  ? 7.760   1.243   -2.032  1.00 5.51  ? 101 HEC A C1C 1 
HETATM 716 C  C2C . HEC B 2 .  ? 9.059   1.469   -2.629  1.00 6.22  ? 101 HEC A C2C 1 
HETATM 717 C  C3C . HEC B 2 .  ? 9.818   0.357   -2.349  1.00 6.11  ? 101 HEC A C3C 1 
HETATM 718 C  C4C . HEC B 2 .  ? 9.018   -0.498  -1.513  1.00 5.72  ? 101 HEC A C4C 1 
HETATM 719 C  CMC . HEC B 2 .  ? 9.419   2.707   -3.382  1.00 8.15  ? 101 HEC A CMC 1 
HETATM 720 C  CAC . HEC B 2 .  ? 11.143  -0.032  -2.959  1.00 6.81  ? 101 HEC A CAC 1 
HETATM 721 C  CBC . HEC B 2 .  ? 12.299  0.920   -2.676  1.00 8.75  ? 101 HEC A CBC 1 
HETATM 722 N  ND  . HEC B 2 .  ? 7.415   -2.175  0.360   1.00 5.58  ? 101 HEC A ND  1 
HETATM 723 C  C1D . HEC B 2 .  ? 8.742   -2.365  0.065   1.00 5.84  ? 101 HEC A C1D 1 
HETATM 724 C  C2D . HEC B 2 .  ? 9.287   -3.392  0.940   1.00 6.49  ? 101 HEC A C2D 1 
HETATM 725 C  C3D . HEC B 2 .  ? 8.319   -3.789  1.746   1.00 6.25  ? 101 HEC A C3D 1 
HETATM 726 C  C4D . HEC B 2 .  ? 7.128   -3.076  1.346   1.00 5.55  ? 101 HEC A C4D 1 
HETATM 727 C  CMD . HEC B 2 .  ? 10.753  -3.838  0.916   1.00 7.97  ? 101 HEC A CMD 1 
HETATM 728 C  CAD . HEC B 2 .  ? 8.394   -4.760  2.908   1.00 6.87  ? 101 HEC A CAD 1 
HETATM 729 C  CBD . HEC B 2 .  ? 8.532   -4.030  4.249   1.00 8.00  ? 101 HEC A CBD 1 
HETATM 730 C  CGD . HEC B 2 .  ? 8.755   -4.999  5.375   1.00 8.43  ? 101 HEC A CGD 1 
HETATM 731 O  O1D . HEC B 2 .  ? 7.761   -5.492  5.940   1.00 9.72  ? 101 HEC A O1D 1 
HETATM 732 O  O2D . HEC B 2 .  ? 9.894   -5.306  5.646   1.00 13.30 ? 101 HEC A O2D 1 
HETATM 733 O  O1  . MES C 3 .  ? 14.816  -0.882  -7.672  0.78 9.29  ? 102 MES A O1  1 
HETATM 734 C  C2  . MES C 3 .  ? 13.600  -0.131  -7.743  0.78 8.69  ? 102 MES A C2  1 
HETATM 735 C  C3  . MES C 3 .  ? 13.637  1.058   -6.982  0.78 8.67  ? 102 MES A C3  1 
HETATM 736 N  N4  . MES C 3 .  ? 14.742  1.960   -7.413  0.78 8.17  ? 102 MES A N4  1 
HETATM 737 C  C5  . MES C 3 .  ? 15.988  1.196   -7.342  0.78 9.11  ? 102 MES A C5  1 
HETATM 738 C  C6  . MES C 3 .  ? 15.864  -0.093  -8.117  0.78 9.70  ? 102 MES A C6  1 
HETATM 739 C  C7  . MES C 3 .  ? 14.803  3.175   -6.570  0.78 10.80 ? 102 MES A C7  1 
HETATM 740 C  C8  . MES C 3 .  ? 15.780  4.149   -7.078  0.78 11.15 ? 102 MES A C8  1 
HETATM 741 S  S   . MES C 3 .  ? 15.257  5.825   -6.500  0.78 10.47 ? 102 MES A S   1 
HETATM 742 O  O1S . MES C 3 .  ? 16.311  6.688   -6.979  0.78 11.75 ? 102 MES A O1S 1 
HETATM 743 O  O2S . MES C 3 .  ? 13.965  6.115   -7.024  0.78 13.56 ? 102 MES A O2S 1 
HETATM 744 O  O3S . MES C 3 .  ? 15.194  5.694   -5.054  0.78 9.08  ? 102 MES A O3S 1 
HETATM 745 O  O   . HOH D 4 .  ? 5.197   -4.868  5.472   1.00 7.79  ? 201 HOH A O   1 
HETATM 746 O  O   . HOH D 4 .  ? 4.427   -3.940  7.973   1.00 8.85  ? 202 HOH A O   1 
HETATM 747 O  O   . HOH D 4 .  ? -5.326  -9.699  -3.725  1.00 9.04  ? 203 HOH A O   1 
HETATM 748 O  O   . HOH D 4 .  ? -3.542  -14.807 4.555   1.00 8.57  ? 204 HOH A O   1 
HETATM 749 O  O   . HOH D 4 .  ? 15.803  0.361   0.877   1.00 9.90  ? 205 HOH A O   1 
HETATM 750 O  O   . HOH D 4 .  ? -9.817  -3.486  6.132   1.00 9.93  ? 206 HOH A O   1 
HETATM 751 O  O   . HOH D 4 .  ? 6.851   -10.698 -5.036  1.00 11.65 ? 207 HOH A O   1 
HETATM 752 O  O   . HOH D 4 .  ? -12.259 -12.413 -2.808  1.00 11.33 ? 208 HOH A O   1 
HETATM 753 O  O   . HOH D 4 .  ? 9.177   5.885   -5.154  1.00 10.84 ? 209 HOH A O   1 
HETATM 754 O  O   . HOH D 4 .  ? 3.810   -1.664  -13.603 1.00 10.94 ? 210 HOH A O   1 
HETATM 755 O  O   . HOH D 4 .  ? 10.822  6.408   -3.006  1.00 11.28 ? 211 HOH A O   1 
HETATM 756 O  O   . HOH D 4 .  ? -6.444  -8.455  2.674   0.81 8.37  ? 212 HOH A O   1 
HETATM 757 O  O   . HOH D 4 .  ? 12.172  -1.910  -10.870 1.00 11.30 ? 213 HOH A O   1 
HETATM 758 O  O   . HOH D 4 .  ? -10.995 12.398  -5.395  1.00 12.03 ? 214 HOH A O   1 
HETATM 759 O  O   . HOH D 4 .  ? 12.089  -4.300  4.394   1.00 13.20 ? 215 HOH A O   1 
HETATM 760 O  O   . HOH D 4 .  ? -7.071  1.845   13.712  1.00 10.57 ? 216 HOH A O   1 
HETATM 761 O  O   . HOH D 4 .  ? 11.739  3.919   5.927   1.00 11.37 ? 217 HOH A O   1 
HETATM 762 O  O   . HOH D 4 .  ? 1.708   14.466  -3.934  1.00 10.95 ? 218 HOH A O   1 
HETATM 763 O  O   . HOH D 4 .  ? -9.666  -5.600  4.327   1.00 12.51 ? 219 HOH A O   1 
HETATM 764 O  O   . HOH D 4 .  ? -9.244  11.533  -1.039  1.00 12.58 ? 220 HOH A O   1 
HETATM 765 O  O   . HOH D 4 .  ? 8.598   2.134   -6.507  1.00 11.49 ? 221 HOH A O   1 
HETATM 766 O  O   . HOH D 4 .  ? -4.487  11.417  -5.592  1.00 12.40 ? 222 HOH A O   1 
HETATM 767 O  O   . HOH D 4 .  ? -2.586  4.210   12.177  1.00 14.50 ? 223 HOH A O   1 
HETATM 768 O  O   . HOH D 4 .  ? 0.928   -0.185  8.895   0.62 8.95  ? 224 HOH A O   1 
HETATM 769 O  O   . HOH D 4 .  ? -7.113  5.946   2.559   1.00 16.02 ? 225 HOH A O   1 
HETATM 770 O  O   . HOH D 4 .  ? 11.063  3.841   -5.927  1.00 12.66 ? 226 HOH A O   1 
HETATM 771 O  O   . HOH D 4 .  ? 8.782   -4.097  -9.259  1.00 13.59 ? 227 HOH A O   1 
HETATM 772 O  O   . HOH D 4 .  ? 3.497   0.202   8.940   1.00 14.55 ? 228 HOH A O   1 
HETATM 773 O  O   . HOH D 4 .  ? 5.797   -8.030  8.463   1.00 16.32 ? 229 HOH A O   1 
HETATM 774 O  O   . HOH D 4 .  ? 8.250   4.265   -8.144  1.00 17.19 ? 230 HOH A O   1 
HETATM 775 O  O   . HOH D 4 .  ? -8.392  -0.397  -7.949  1.00 17.07 ? 231 HOH A O   1 
HETATM 776 O  O   . HOH D 4 .  ? 7.302   -6.225  -8.137  1.00 14.56 ? 232 HOH A O   1 
HETATM 777 O  O   . HOH D 4 .  ? -4.556  -0.637  -12.246 1.00 14.38 ? 233 HOH A O   1 
HETATM 778 O  O   . HOH D 4 .  ? -4.170  10.976  -8.389  1.00 18.72 ? 234 HOH A O   1 
HETATM 779 O  O   . HOH D 4 .  ? -7.107  -2.293  -11.520 1.00 16.82 ? 235 HOH A O   1 
HETATM 780 O  O   . HOH D 4 .  ? 12.987  2.361   7.832   1.00 15.75 ? 236 HOH A O   1 
HETATM 781 O  O   . HOH D 4 .  ? -12.589 4.415   -4.555  1.00 20.09 ? 237 HOH A O   1 
HETATM 782 O  O   . HOH D 4 .  ? 1.556   -12.976 -2.944  1.00 18.26 ? 238 HOH A O   1 
HETATM 783 O  O   . HOH D 4 .  ? -9.681  -0.800  4.538   1.00 18.83 ? 239 HOH A O   1 
HETATM 784 O  O   . HOH D 4 .  ? -9.339  -8.099  7.812   1.00 18.60 ? 240 HOH A O   1 
HETATM 785 O  O   . HOH D 4 .  ? -3.109  10.890  4.166   1.00 21.84 ? 241 HOH A O   1 
HETATM 786 O  O   . HOH D 4 .  ? -10.183 2.960   7.638   1.00 17.22 ? 242 HOH A O   1 
HETATM 787 O  O   . HOH D 4 .  ? -11.637 -8.812  -9.827  1.00 23.63 ? 243 HOH A O   1 
HETATM 788 O  O   A HOH D 4 .  ? 2.953   14.263  3.460   0.59 11.53 ? 244 HOH A O   1 
HETATM 789 O  O   B HOH D 4 .  ? 1.543   14.051  3.373   0.41 12.36 ? 244 HOH A O   1 
HETATM 790 O  O   . HOH D 4 .  ? -7.940  12.935  0.958   1.00 17.85 ? 245 HOH A O   1 
HETATM 791 O  O   . HOH D 4 .  ? -5.630  -14.267 6.172   1.00 25.43 ? 246 HOH A O   1 
HETATM 792 O  O   . HOH D 4 .  ? 1.034   8.904   -12.443 1.00 16.71 ? 247 HOH A O   1 
HETATM 793 O  O   . HOH D 4 .  ? 4.656   -15.455 2.480   0.58 13.86 ? 248 HOH A O   1 
HETATM 794 O  O   . HOH D 4 .  ? -10.528 1.226   -1.439  0.85 18.52 ? 249 HOH A O   1 
HETATM 795 O  O   . HOH D 4 .  ? 0.620   0.102   10.039  0.38 9.11  ? 250 HOH A O   1 
HETATM 796 O  O   . HOH D 4 .  ? 1.446   11.272  -6.890  0.47 15.10 ? 251 HOH A O   1 
HETATM 797 O  O   . HOH D 4 .  ? 3.655   11.725  -7.471  0.53 13.62 ? 252 HOH A O   1 
HETATM 798 O  O   . HOH D 4 .  ? -6.148  -10.538 -10.624 1.00 21.61 ? 253 HOH A O   1 
HETATM 799 O  O   A HOH D 4 .  ? -7.789  2.224   -10.925 0.40 11.33 ? 254 HOH A O   1 
HETATM 800 O  O   B HOH D 4 .  ? -9.483  1.473   -9.465  0.60 14.61 ? 254 HOH A O   1 
HETATM 801 O  O   . HOH D 4 .  ? -13.366 7.316   -7.361  0.74 20.18 ? 255 HOH A O   1 
HETATM 802 O  O   . HOH D 4 .  ? -1.270  -14.192 -3.243  1.00 23.22 ? 256 HOH A O   1 
HETATM 803 O  O   . HOH D 4 .  ? 1.240   -14.646 -0.660  0.71 14.49 ? 257 HOH A O   1 
HETATM 804 O  O   . HOH D 4 .  ? 0.119   -12.575 10.788  0.64 23.04 ? 258 HOH A O   1 
HETATM 805 O  O   . HOH D 4 .  ? -0.379  10.839  5.558   1.00 20.89 ? 259 HOH A O   1 
HETATM 806 O  O   . HOH D 4 .  ? -2.970  -11.980 10.689  0.67 19.51 ? 260 HOH A O   1 
HETATM 807 O  O   A HOH D 4 .  ? 10.587  -12.009 1.188   0.74 20.37 ? 261 HOH A O   1 
HETATM 808 O  O   B HOH D 4 .  ? 11.663  -12.329 1.619   0.26 14.78 ? 261 HOH A O   1 
HETATM 809 O  O   . HOH D 4 .  ? 0.485   16.202  6.551   1.00 27.55 ? 262 HOH A O   1 
HETATM 810 O  O   . HOH D 4 .  ? -4.505  8.673   5.198   0.78 18.04 ? 263 HOH A O   1 
HETATM 811 O  O   . HOH D 4 .  ? -7.595  4.800   -12.100 0.59 15.43 ? 264 HOH A O   1 
HETATM 812 O  O   A HOH D 4 .  ? 0.544   -10.045 -9.920  0.51 15.50 ? 265 HOH A O   1 
HETATM 813 O  O   B HOH D 4 .  ? 0.158   -9.278  -11.052 0.25 14.08 ? 265 HOH A O   1 
HETATM 814 O  O   A HOH D 4 .  ? -4.552  -3.856  -12.175 0.44 17.04 ? 266 HOH A O   1 
HETATM 815 O  O   B HOH D 4 .  ? -2.402  -4.956  -11.957 0.36 21.29 ? 266 HOH A O   1 
HETATM 816 O  O   . HOH D 4 .  ? -6.704  7.558   4.697   0.92 20.06 ? 267 HOH A O   1 
HETATM 817 O  O   . HOH D 4 .  ? 10.258  -5.594  8.055   1.00 31.39 ? 268 HOH A O   1 
HETATM 818 O  O   . HOH D 4 .  ? 12.059  9.052   2.202   0.72 38.89 ? 269 HOH A O   1 
HETATM 819 O  O   . HOH D 4 .  ? 2.996   -13.911 1.264   0.53 14.54 ? 270 HOH A O   1 
HETATM 820 O  O   . HOH D 4 .  ? 7.204   9.958   -10.350 0.70 19.17 ? 271 HOH A O   1 
HETATM 821 O  O   . HOH D 4 .  ? -1.569  5.947   -14.195 0.49 19.30 ? 272 HOH A O   1 
HETATM 822 O  O   . HOH D 4 .  ? -8.926  -1.072  16.352  0.77 17.04 ? 273 HOH A O   1 
HETATM 823 O  O   . HOH D 4 .  ? 15.645  0.742   6.764   0.32 11.63 ? 274 HOH A O   1 
HETATM 824 O  O   . HOH D 4 .  ? 5.197   2.264   9.262   0.71 21.07 ? 275 HOH A O   1 
HETATM 825 O  O   . HOH D 4 .  ? -13.029 -13.855 -5.181  1.00 27.77 ? 276 HOH A O   1 
HETATM 826 O  O   . HOH D 4 .  ? -14.455 -4.742  -8.338  1.00 23.32 ? 277 HOH A O   1 
HETATM 827 O  O   . HOH D 4 .  ? -7.276  6.093   6.880   1.00 23.92 ? 278 HOH A O   1 
HETATM 828 O  O   . HOH D 4 .  ? -2.823  -0.107  16.292  0.59 13.44 ? 279 HOH A O   1 
HETATM 829 O  O   . HOH D 4 .  ? 8.026   18.642  1.007   0.89 27.30 ? 280 HOH A O   1 
HETATM 830 O  O   . HOH D 4 .  ? 8.815   3.458   10.104  0.76 19.17 ? 281 HOH A O   1 
HETATM 831 O  O   . HOH D 4 .  ? 15.061  -5.781  -6.364  0.66 20.07 ? 282 HOH A O   1 
HETATM 832 O  O   . HOH D 4 .  ? -9.480  -2.391  12.621  0.53 17.72 ? 283 HOH A O   1 
HETATM 833 O  O   . HOH D 4 .  ? 0.745   2.796   14.765  0.65 19.23 ? 284 HOH A O   1 
HETATM 834 O  O   . HOH D 4 .  ? -13.961 -2.516  -6.581  0.36 15.95 ? 285 HOH A O   1 
HETATM 835 O  O   . HOH D 4 .  ? -5.146  -13.275 -2.014  1.00 26.31 ? 286 HOH A O   1 
HETATM 836 O  O   . HOH D 4 .  ? -5.628  4.326   -13.840 0.51 24.03 ? 287 HOH A O   1 
HETATM 837 O  O   . HOH D 4 .  ? 3.285   7.526   15.086  0.50 17.60 ? 288 HOH A O   1 
HETATM 838 O  O   . HOH D 4 .  ? 8.517   -8.537  -8.737  0.91 26.21 ? 289 HOH A O   1 
HETATM 839 O  O   . HOH D 4 .  ? 1.869   0.184   12.706  0.34 13.06 ? 290 HOH A O   1 
HETATM 840 O  O   . HOH D 4 .  ? -4.914  17.572  4.567   0.46 21.26 ? 291 HOH A O   1 
HETATM 841 O  O   . HOH D 4 .  ? 3.309   -8.202  15.928  0.52 22.29 ? 292 HOH A O   1 
HETATM 842 O  O   . HOH D 4 .  ? 9.112   -10.713 -6.671  0.69 32.04 ? 293 HOH A O   1 
HETATM 843 O  O   . HOH D 4 .  ? 3.585   12.494  -10.264 0.59 20.01 ? 294 HOH A O   1 
HETATM 844 O  O   . HOH D 4 .  ? 9.713   10.233  -11.186 0.52 22.11 ? 295 HOH A O   1 
HETATM 845 O  O   . HOH D 4 .  ? 3.851   -15.129 9.546   0.69 23.25 ? 296 HOH A O   1 
HETATM 846 O  O   . HOH D 4 .  ? 0.672   0.425   11.446  0.46 15.31 ? 297 HOH A O   1 
HETATM 847 O  O   . HOH D 4 .  ? -1.051  -1.813  15.410  0.44 15.91 ? 298 HOH A O   1 
HETATM 848 O  O   . HOH D 4 .  ? -11.281 -2.909  10.647  0.53 27.00 ? 299 HOH A O   1 
HETATM 849 O  O   . HOH D 4 .  ? -0.391  6.673   15.797  0.21 14.53 ? 300 HOH A O   1 
HETATM 850 O  O   . HOH D 4 .  ? 12.240  8.477   6.675   0.88 26.81 ? 301 HOH A O   1 
HETATM 851 O  O   . HOH D 4 .  ? 13.922  12.065  -2.666  0.41 15.61 ? 302 HOH A O   1 
HETATM 852 O  O   . HOH D 4 .  ? 12.098  11.409  -4.505  0.43 19.94 ? 303 HOH A O   1 
HETATM 853 O  O   . HOH D 4 .  ? 3.998   11.039  10.184  0.50 21.94 ? 304 HOH A O   1 
HETATM 854 O  O   . HOH D 4 .  ? 1.222   -5.025  13.712  0.64 36.13 ? 305 HOH A O   1 
HETATM 855 O  O   . HOH D 4 .  ? 5.427   -5.436  10.349  1.00 32.89 ? 306 HOH A O   1 
HETATM 856 O  O   . HOH D 4 .  ? -0.360  9.362   9.344   0.31 19.76 ? 307 HOH A O   1 
HETATM 857 O  O   . HOH D 4 .  ? -0.633  8.358   8.605   0.39 19.08 ? 308 HOH A O   1 
HETATM 858 O  O   . HOH D 4 .  ? -2.645  7.753   9.473   0.57 17.70 ? 309 HOH A O   1 
HETATM 859 O  O   . HOH D 4 .  ? -1.753  7.530   8.494   0.39 17.77 ? 310 HOH A O   1 
HETATM 860 O  O   . HOH D 4 .  ? 2.040   9.154   10.682  0.56 19.31 ? 311 HOH A O   1 
HETATM 861 O  O   . HOH D 4 .  ? -4.989  -9.644  -6.843  0.50 12.09 ? 312 HOH A O   1 
HETATM 862 O  O   . HOH D 4 .  ? -4.898  -11.235 -6.948  0.50 7.17  ? 313 HOH A O   1 
HETATM 863 O  O   . HOH D 4 .  ? -4.994  -13.030 -5.635  0.50 9.92  ? 314 HOH A O   1 
HETATM 864 O  O   . HOH D 4 .  ? 10.070  -9.506  8.073   0.50 22.47 ? 315 HOH A O   1 
HETATM 865 O  O   . HOH D 4 .  ? -14.215 5.746   -2.419  0.38 13.53 ? 316 HOH A O   1 
HETATM 866 O  O   . HOH D 4 .  ? 10.693  4.300   8.458   0.46 17.56 ? 317 HOH A O   1 
HETATM 867 O  O   . HOH D 4 .  ? 8.046   -18.368 -0.140  0.42 21.96 ? 318 HOH A O   1 
HETATM 868 O  O   . HOH D 4 .  ? -10.739 8.685   2.778   0.27 19.92 ? 319 HOH A O   1 
HETATM 869 O  O   A HOH D 4 .  ? -5.899  -13.230 10.324  0.39 16.63 ? 320 HOH A O   1 
HETATM 870 O  O   B HOH D 4 .  ? -5.620  -14.189 11.745  0.31 19.07 ? 320 HOH A O   1 
# 
loop_
_atom_site_anisotrop.id 
_atom_site_anisotrop.type_symbol 
_atom_site_anisotrop.pdbx_label_atom_id 
_atom_site_anisotrop.pdbx_label_alt_id 
_atom_site_anisotrop.pdbx_label_comp_id 
_atom_site_anisotrop.pdbx_label_asym_id 
_atom_site_anisotrop.pdbx_label_seq_id 
_atom_site_anisotrop.pdbx_PDB_ins_code 
_atom_site_anisotrop.U[1][1] 
_atom_site_anisotrop.U[2][2] 
_atom_site_anisotrop.U[3][3] 
_atom_site_anisotrop.U[1][2] 
_atom_site_anisotrop.U[1][3] 
_atom_site_anisotrop.U[2][3] 
_atom_site_anisotrop.pdbx_auth_seq_id 
_atom_site_anisotrop.pdbx_auth_comp_id 
_atom_site_anisotrop.pdbx_auth_asym_id 
_atom_site_anisotrop.pdbx_auth_atom_id 
1   N  N   . ALA A 1  ? 0.1272 0.2262 0.2189 0.0077  0.0191  0.0826  1   ALA A N   
2   C  CA  . ALA A 1  ? 0.1176 0.1426 0.1570 0.0056  0.0057  0.0062  1   ALA A CA  
3   C  C   . ALA A 1  ? 0.0906 0.1299 0.1745 -0.0120 0.0287  -0.0211 1   ALA A C   
4   O  O   . ALA A 1  ? 0.1175 0.1410 0.1962 -0.0226 0.0025  0.0110  1   ALA A O   
5   C  CB  . ALA A 1  ? 0.1124 0.1356 0.1709 0.0137  0.0181  -0.0082 1   ALA A CB  
6   N  N   . ASP A 2  ? 0.0958 0.1147 0.1620 -0.0087 0.0076  -0.0311 2   ASP A N   
7   C  CA  . ASP A 2  ? 0.0804 0.1043 0.1785 0.0051  -0.0074 -0.0244 2   ASP A CA  
8   C  C   . ASP A 2  ? 0.0739 0.0916 0.1435 0.0078  -0.0142 -0.0109 2   ASP A C   
9   O  O   . ASP A 2  ? 0.0799 0.0897 0.1387 0.0046  -0.0119 -0.0114 2   ASP A O   
10  C  CB  . ASP A 2  ? 0.0970 0.1073 0.1956 0.0209  -0.0240 -0.0183 2   ASP A CB  
11  C  CG  . ASP A 2  ? 0.1044 0.1067 0.2146 0.0250  -0.0372 -0.0191 2   ASP A CG  
12  O  OD1 . ASP A 2  ? 0.1411 0.1243 0.1973 0.0377  -0.0631 -0.0176 2   ASP A OD1 
13  O  OD2 . ASP A 2  ? 0.2089 0.1195 0.2750 0.0493  -0.1021 -0.0197 2   ASP A OD2 
14  N  N   . ALA A 3  ? 0.0854 0.0946 0.1354 0.0036  -0.0146 -0.0074 3   ALA A N   
15  C  CA  . ALA A 3  ? 0.0889 0.0895 0.1299 0.0135  -0.0214 -0.0060 3   ALA A CA  
16  C  C   . ALA A 3  ? 0.0969 0.0825 0.1256 0.0096  -0.0277 -0.0067 3   ALA A C   
17  O  O   . ALA A 3  ? 0.1100 0.1013 0.1207 0.0031  -0.0151 0.0004  3   ALA A O   
18  C  CB  . ALA A 3  ? 0.1095 0.0888 0.1514 0.0035  -0.0149 0.0025  3   ALA A CB  
19  N  N   . ALA A 4  ? 0.1153 0.1030 0.1375 0.0044  -0.0547 -0.0042 4   ALA A N   
20  C  CA  . ALA A 4  ? 0.1716 0.1338 0.1366 -0.0125 -0.0786 0.0040  4   ALA A CA  
21  C  C   . ALA A 4  ? 0.1651 0.1269 0.1044 -0.0034 -0.0552 0.0082  4   ALA A C   
22  O  O   . ALA A 4  ? 0.2072 0.1337 0.0999 -0.0032 -0.0431 -0.0017 4   ALA A O   
23  C  CB  . ALA A 4  ? 0.1764 0.1937 0.1641 -0.0259 -0.0951 0.0284  4   ALA A CB  
24  N  N   . ALA A 5  ? 0.1425 0.1004 0.1300 0.0076  -0.0572 0.0101  5   ALA A N   
25  C  CA  . ALA A 5  ? 0.1667 0.0941 0.1180 0.0076  -0.0417 0.0247  5   ALA A CA  
26  C  C   . ALA A 5  ? 0.1336 0.0849 0.0927 -0.0147 -0.0162 0.0189  5   ALA A C   
27  O  O   . ALA A 5  ? 0.1567 0.1068 0.1029 -0.0356 -0.0104 0.0286  5   ALA A O   
28  C  CB  . ALA A 5  ? 0.1743 0.1012 0.1400 0.0110  -0.0374 0.0074  5   ALA A CB  
29  N  N   . GLY A 6  ? 0.0910 0.0867 0.0857 -0.0005 -0.0137 0.0144  6   GLY A N   
30  C  CA  . GLY A 6  ? 0.0785 0.0863 0.0820 -0.0068 -0.0095 0.0097  6   GLY A CA  
31  C  C   . GLY A 6  ? 0.0758 0.0988 0.0699 -0.0087 0.0004  0.0176  6   GLY A C   
32  O  O   . GLY A 6  ? 0.0775 0.1179 0.0685 -0.0095 -0.0026 0.0166  6   GLY A O   
33  N  N   . ALA A 7  ? 0.0818 0.0979 0.0785 -0.0076 -0.0059 0.0040  7   ALA A N   
34  C  CA  . ALA A 7  ? 0.0847 0.1029 0.0798 -0.0040 -0.0043 0.0036  7   ALA A CA  
35  C  C   . ALA A 7  ? 0.0859 0.1002 0.0772 0.0019  -0.0123 0.0108  7   ALA A C   
36  O  O   . ALA A 7  ? 0.0925 0.1113 0.0811 0.0012  0.0009  0.0199  7   ALA A O   
37  C  CB  . ALA A 7  ? 0.1065 0.1205 0.0843 -0.0057 -0.0150 -0.0034 7   ALA A CB  
38  N  N   . GLN A 8  ? 0.0987 0.1044 0.0806 0.0057  -0.0067 0.0178  8   GLN A N   
39  C  CA  . GLN A 8  ? 0.1179 0.1070 0.0823 0.0127  -0.0077 0.0294  8   GLN A CA  
40  C  C   . GLN A 8  ? 0.1002 0.0868 0.0788 0.0019  0.0035  0.0197  8   GLN A C   
41  O  O   . GLN A 8  ? 0.1092 0.1072 0.0804 -0.0074 0.0141  0.0250  8   GLN A O   
42  C  CB  . GLN A 8  ? 0.1680 0.1185 0.1181 0.0213  -0.0179 0.0518  8   GLN A CB  
43  C  CG  . GLN A 8  ? 0.1920 0.1758 0.1513 0.0344  -0.0532 0.0614  8   GLN A CG  
44  C  CD  . GLN A 8  ? 0.2020 0.1949 0.2270 0.0221  -0.0840 0.1033  8   GLN A CD  
45  O  OE1 . GLN A 8  ? 0.2181 0.2413 0.3104 0.0136  -0.1217 0.1331  8   GLN A OE1 
46  N  NE2 . GLN A 8  ? 0.2391 0.1822 0.3141 0.0241  -0.1178 0.0966  8   GLN A NE2 
47  N  N   . VAL A 9  ? 0.0884 0.0814 0.0760 -0.0014 0.0031  0.0187  9   VAL A N   
48  C  CA  . VAL A 9  ? 0.0854 0.0704 0.0784 -0.0026 0.0055  0.0100  9   VAL A CA  
49  C  C   . VAL A 9  ? 0.0738 0.0751 0.0699 -0.0081 0.0056  0.0072  9   VAL A C   
50  O  O   . VAL A 9  ? 0.0805 0.0810 0.0804 -0.0077 0.0090  0.0021  9   VAL A O   
51  C  CB  . VAL A 9  ? 0.0857 0.0692 0.0777 -0.0034 0.0070  0.0059  9   VAL A CB  
52  C  CG1 . VAL A 9  ? 0.0845 0.0845 0.0773 -0.0092 0.0077  0.0037  9   VAL A CG1 
53  C  CG2 . VAL A 9  ? 0.1079 0.0843 0.1033 0.0133  0.0034  -0.0021 9   VAL A CG2 
54  N  N   . PHE A 10 ? 0.0666 0.0746 0.0685 -0.0060 0.0057  0.0082  10  PHE A N   
55  C  CA  . PHE A 10 ? 0.0708 0.0662 0.0688 -0.0062 0.0058  0.0134  10  PHE A CA  
56  C  C   . PHE A 10 ? 0.0718 0.0748 0.0673 -0.0137 0.0059  0.0061  10  PHE A C   
57  O  O   . PHE A 10 ? 0.0741 0.0833 0.0742 -0.0069 0.0041  0.0058  10  PHE A O   
58  C  CB  . PHE A 10 ? 0.0675 0.0779 0.0724 -0.0064 0.0011  0.0084  10  PHE A CB  
59  C  CG  . PHE A 10 ? 0.0675 0.0693 0.0822 -0.0094 -0.0001 0.0065  10  PHE A CG  
60  C  CD1 . PHE A 10 ? 0.0886 0.0819 0.0977 -0.0045 0.0100  0.0018  10  PHE A CD1 
61  C  CD2 . PHE A 10 ? 0.0790 0.0805 0.0916 -0.0118 -0.0044 0.0199  10  PHE A CD2 
62  C  CE1 . PHE A 10 ? 0.0959 0.0849 0.1232 -0.0011 0.0096  -0.0157 10  PHE A CE1 
63  C  CE2 . PHE A 10 ? 0.0840 0.0857 0.1176 -0.0115 -0.0200 0.0264  10  PHE A CE2 
64  C  CZ  . PHE A 10 ? 0.0803 0.0793 0.1410 -0.0050 -0.0041 0.0052  10  PHE A CZ  
65  N  N   . ALA A 11 ? 0.0825 0.0903 0.0655 -0.0089 0.0063  0.0106  11  ALA A N   
66  C  CA  . ALA A 11 ? 0.0931 0.0959 0.0672 -0.0141 0.0142  0.0099  11  ALA A CA  
67  C  C   . ALA A 11 ? 0.0923 0.0925 0.0672 -0.0119 0.0098  0.0072  11  ALA A C   
68  O  O   . ALA A 11 ? 0.0944 0.1171 0.1054 -0.0181 0.0300  -0.0114 11  ALA A O   
69  C  CB  . ALA A 11 ? 0.1107 0.1152 0.0695 -0.0221 0.0013  0.0031  11  ALA A CB  
70  N  N   . ALA A 12 ? 0.0914 0.0928 0.0572 -0.0132 0.0093  0.0116  12  ALA A N   
71  C  CA  . ALA A 12 ? 0.0931 0.0797 0.0780 -0.0165 0.0178  0.0137  12  ALA A CA  
72  C  C   . ALA A 12 ? 0.0911 0.0872 0.0732 -0.0207 0.0174  0.0031  12  ALA A C   
73  O  O   . ALA A 12 ? 0.1002 0.1157 0.0821 -0.0339 0.0098  0.0143  12  ALA A O   
74  C  CB  . ALA A 12 ? 0.1121 0.0906 0.1034 -0.0075 0.0122  0.0168  12  ALA A CB  
75  N  N   . ASN A 13 ? 0.0816 0.0765 0.0726 -0.0158 0.0074  0.0079  13  ASN A N   
76  C  CA  . ASN A 13 ? 0.0759 0.0807 0.0742 -0.0136 0.0031  0.0042  13  ASN A CA  
77  C  C   . ASN A 13 ? 0.0758 0.0814 0.0665 -0.0108 0.0083  0.0037  13  ASN A C   
78  O  O   . ASN A 13 ? 0.0797 0.0915 0.0878 -0.0146 -0.0067 0.0019  13  ASN A O   
79  C  CB  . ASN A 13 ? 0.0860 0.0822 0.0753 -0.0091 0.0023  0.0020  13  ASN A CB  
80  C  CG  . ASN A 13 ? 0.1016 0.0856 0.0921 -0.0128 0.0076  -0.0107 13  ASN A CG  
81  O  OD1 . ASN A 13 ? 0.1239 0.0904 0.1622 -0.0308 0.0118  -0.0154 13  ASN A OD1 
82  N  ND2 . ASN A 13 ? 0.1209 0.0767 0.1068 -0.0066 -0.0064 0.0039  13  ASN A ND2 
83  N  N   . CYS A 14 ? 0.0728 0.0755 0.0663 -0.0073 0.0053  0.0075  14  CYS A N   
84  C  CA  . CYS A 14 ? 0.0724 0.0734 0.0607 -0.0081 0.0056  0.0108  14  CYS A CA  
85  C  C   . CYS A 14 ? 0.0701 0.0781 0.0687 0.0025  0.0042  0.0073  14  CYS A C   
86  O  O   . CYS A 14 ? 0.1016 0.0819 0.0730 0.0060  0.0108  0.0091  14  CYS A O   
87  C  CB  . CYS A 14 ? 0.0774 0.0735 0.0629 -0.0018 0.0060  0.0040  14  CYS A CB  
88  S  SG  . CYS A 14 ? 0.0713 0.0762 0.0618 0.0028  0.0017  0.0109  14  CYS A SG  
89  N  N   . ALA A 15 ? 0.1063 0.0771 0.0693 0.0016  0.0012  0.0051  15  ALA A N   
90  C  CA  . ALA A 15 ? 0.1127 0.0805 0.0678 -0.0071 0.0013  0.0042  15  ALA A CA  
91  C  C   . ALA A 15 ? 0.1095 0.0887 0.0604 -0.0063 0.0087  0.0044  15  ALA A C   
92  O  O   . ALA A 15 ? 0.1122 0.1019 0.0857 -0.0007 0.0069  -0.0100 15  ALA A O   
93  C  CB  . ALA A 15 ? 0.1204 0.1120 0.0738 -0.0055 -0.0132 -0.0040 15  ALA A CB  
94  N  N   . ALA A 16 ? 0.1056 0.0950 0.0738 -0.0064 0.0089  0.0079  16  ALA A N   
95  C  CA  . ALA A 16 ? 0.1102 0.1166 0.0772 -0.0067 0.0199  0.0104  16  ALA A CA  
96  C  C   . ALA A 16 ? 0.0880 0.1125 0.0795 -0.0064 0.0216  0.0041  16  ALA A C   
97  O  O   . ALA A 16 ? 0.1234 0.1303 0.0880 0.0197  0.0326  -0.0022 16  ALA A O   
98  C  CB  . ALA A 16 ? 0.1083 0.1384 0.1446 -0.0239 0.0210  0.0415  16  ALA A CB  
99  N  N   . CYS A 17 ? 0.0873 0.0912 0.0739 0.0019  0.0140  0.0024  17  CYS A N   
100 C  CA  . CYS A 17 ? 0.0796 0.0862 0.0847 0.0040  0.0214  0.0081  17  CYS A CA  
101 C  C   . CYS A 17 ? 0.0833 0.0866 0.0829 0.0088  0.0032  0.0039  17  CYS A C   
102 O  O   . CYS A 17 ? 0.0946 0.0841 0.1078 0.0028  0.0061  0.0150  17  CYS A O   
103 C  CB  . CYS A 17 ? 0.0749 0.1096 0.0792 -0.0088 0.0145  0.0086  17  CYS A CB  
104 S  SG  . CYS A 17 ? 0.0717 0.1099 0.0934 -0.0097 0.0168  0.0095  17  CYS A SG  
105 N  N   . HIS A 18 ? 0.0810 0.0774 0.0706 -0.0016 0.0126  0.0047  18  HIS A N   
106 C  CA  . HIS A 18 ? 0.0853 0.0768 0.0651 0.0014  0.0076  0.0006  18  HIS A CA  
107 C  C   . HIS A 18 ? 0.0962 0.0773 0.0661 -0.0056 0.0074  -0.0017 18  HIS A C   
108 O  O   . HIS A 18 ? 0.0936 0.0956 0.0704 -0.0028 0.0031  -0.0071 18  HIS A O   
109 C  CB  . HIS A 18 ? 0.0783 0.0774 0.0611 -0.0046 0.0059  0.0026  18  HIS A CB  
110 C  CG  . HIS A 18 ? 0.0709 0.0699 0.0676 -0.0055 0.0074  0.0022  18  HIS A CG  
111 N  ND1 . HIS A 18 ? 0.0807 0.0665 0.0662 -0.0028 0.0032  0.0029  18  HIS A ND1 
112 C  CD2 . HIS A 18 ? 0.0645 0.0692 0.0648 0.0005  0.0046  0.0053  18  HIS A CD2 
113 C  CE1 . HIS A 18 ? 0.0747 0.0678 0.0736 -0.0017 0.0058  0.0021  18  HIS A CE1 
114 N  NE2 . HIS A 18 ? 0.0607 0.0656 0.0686 -0.0010 0.0043  0.0098  18  HIS A NE2 
115 N  N   . ALA A 19 ? 0.1189 0.1047 0.0619 -0.0219 0.0123  -0.0054 19  ALA A N   
116 C  CA  . ALA A 19 ? 0.1433 0.1073 0.0626 -0.0303 0.0082  -0.0013 19  ALA A CA  
117 C  C   . ALA A 19 ? 0.1202 0.0973 0.0666 -0.0173 0.0085  -0.0066 19  ALA A C   
118 O  O   . ALA A 19 ? 0.1179 0.0978 0.0938 -0.0128 0.0100  -0.0089 19  ALA A O   
119 C  CB  . ALA A 19 ? 0.1592 0.1344 0.0768 -0.0388 0.0246  -0.0154 19  ALA A CB  
120 N  N   . GLY A 20 ? 0.1363 0.1111 0.0724 -0.0223 -0.0061 0.0014  20  GLY A N   
121 C  CA  . GLY A 20 ? 0.1374 0.1180 0.0822 -0.0332 -0.0119 -0.0002 20  GLY A CA  
122 C  C   . GLY A 20 ? 0.1027 0.1035 0.0886 -0.0113 -0.0101 -0.0066 20  GLY A C   
123 O  O   . GLY A 20 ? 0.1093 0.1248 0.1003 -0.0265 0.0003  -0.0112 20  GLY A O   
124 N  N   . GLY A 21 ? 0.1008 0.0974 0.0788 0.0018  -0.0029 0.0013  21  GLY A N   
125 C  CA  . GLY A 21 ? 0.0990 0.1002 0.0822 0.0022  0.0032  -0.0013 21  GLY A CA  
126 C  C   . GLY A 21 ? 0.0953 0.0909 0.0703 -0.0097 0.0030  -0.0029 21  GLY A C   
127 O  O   . GLY A 21 ? 0.1161 0.0973 0.0809 -0.0088 0.0138  0.0037  21  GLY A O   
128 N  N   . ASN A 22 ? 0.0955 0.0843 0.0749 -0.0016 0.0010  0.0041  22  ASN A N   
129 C  CA  . ASN A 22 ? 0.1001 0.0764 0.0920 0.0024  -0.0040 -0.0025 22  ASN A CA  
130 C  C   . ASN A 22 ? 0.0925 0.0706 0.0791 -0.0065 0.0095  0.0078  22  ASN A C   
131 O  O   . ASN A 22 ? 0.0940 0.0722 0.0932 0.0011  -0.0029 -0.0044 22  ASN A O   
132 C  CB  . ASN A 22 ? 0.1146 0.1031 0.1039 0.0117  -0.0060 -0.0228 22  ASN A CB  
133 C  CG  . ASN A 22 ? 0.1482 0.1212 0.1581 0.0116  -0.0218 -0.0505 22  ASN A CG  
134 O  OD1 . ASN A 22 ? 0.1621 0.1269 0.2107 -0.0288 -0.0216 -0.0352 22  ASN A OD1 
135 N  ND2 . ASN A 22 ? 0.1950 0.2613 0.1785 -0.0249 -0.0116 -0.1160 22  ASN A ND2 
136 N  N   . ASN A 23 ? 0.0865 0.0722 0.0999 -0.0028 0.0079  -0.0013 23  ASN A N   
137 C  CA  . ASN A 23 ? 0.0776 0.0784 0.1111 -0.0038 0.0028  -0.0048 23  ASN A CA  
138 C  C   . ASN A 23 ? 0.0774 0.0960 0.1520 0.0010  0.0190  -0.0090 23  ASN A C   
139 O  O   . ASN A 23 ? 0.0850 0.0892 0.2365 0.0063  0.0236  0.0052  23  ASN A O   
140 C  CB  . ASN A 23 ? 0.0766 0.0762 0.1084 -0.0015 -0.0016 -0.0004 23  ASN A CB  
141 C  CG  . ASN A 23 ? 0.0716 0.0768 0.1309 0.0044  -0.0144 -0.0066 23  ASN A CG  
142 O  OD1 . ASN A 23 ? 0.0766 0.0927 0.1634 -0.0067 -0.0133 -0.0073 23  ASN A OD1 
143 N  ND2 . ASN A 23 ? 0.0878 0.0944 0.1241 0.0065  -0.0220 -0.0228 23  ASN A ND2 
144 N  N   . ALA A 24 ? 0.0877 0.1057 0.1636 0.0030  0.0322  -0.0043 24  ALA A N   
145 C  CA  . ALA A 24 ? 0.0997 0.1390 0.1921 -0.0050 0.0536  -0.0081 24  ALA A CA  
146 C  C   . ALA A 24 ? 0.0889 0.1366 0.2248 0.0002  0.0315  -0.0392 24  ALA A C   
147 O  O   . ALA A 24 ? 0.1180 0.2950 0.3436 0.0710  0.0019  -0.1424 24  ALA A O   
148 C  CB  . ALA A 24 ? 0.1394 0.2073 0.2595 0.0126  0.1051  0.0537  24  ALA A CB  
149 N  N   . VAL A 25 ? 0.0890 0.1068 0.2092 -0.0181 0.0358  -0.0196 25  VAL A N   
150 C  CA  . VAL A 25 ? 0.0773 0.1339 0.2206 -0.0152 0.0306  -0.0252 25  VAL A CA  
151 C  C   . VAL A 25 ? 0.0744 0.1372 0.2328 -0.0043 -0.0050 -0.0212 25  VAL A C   
152 O  O   . VAL A 25 ? 0.0789 0.1623 0.3294 0.0119  -0.0245 -0.0111 25  VAL A O   
153 C  CB  A VAL A 25 ? 0.0840 0.1402 0.1965 -0.0350 0.0276  -0.0101 25  VAL A CB  
154 C  CB  B VAL A 25 ? 0.0936 0.1346 0.2210 -0.0567 0.0373  -0.0300 25  VAL A CB  
155 C  CG1 A VAL A 25 ? 0.0589 0.1001 0.2205 -0.0212 0.0150  -0.0080 25  VAL A CG1 
156 C  CG1 B VAL A 25 ? 0.1012 0.1348 0.2591 -0.0220 -0.0046 -0.0197 25  VAL A CG1 
157 C  CG2 A VAL A 25 ? 0.1282 0.1590 0.2042 -0.0639 0.0151  0.0040  25  VAL A CG2 
158 C  CG2 B VAL A 25 ? 0.1082 0.1282 0.2019 -0.0355 0.0313  -0.0432 25  VAL A CG2 
159 N  N   . MET A 26 ? 0.0770 0.1255 0.1945 0.0072  -0.0049 0.0039  26  MET A N   
160 C  CA  . MET A 26 ? 0.1039 0.1079 0.1814 0.0195  -0.0230 0.0014  26  MET A CA  
161 C  C   . MET A 26 ? 0.0952 0.1103 0.1535 0.0192  -0.0123 -0.0021 26  MET A C   
162 O  O   . MET A 26 ? 0.0981 0.0954 0.1400 0.0177  -0.0093 -0.0001 26  MET A O   
163 C  CB  . MET A 26 ? 0.1371 0.1611 0.1616 0.0091  -0.0430 -0.0028 26  MET A CB  
164 C  CG  . MET A 26 ? 0.1570 0.2028 0.1846 -0.0066 -0.0074 0.0217  26  MET A CG  
165 S  SD  . MET A 26 ? 0.2234 0.3055 0.1654 0.0820  0.0103  0.0151  26  MET A SD  
166 C  CE  . MET A 26 ? 0.1617 0.2646 0.2275 0.0998  -0.1321 -0.0708 26  MET A CE  
167 N  N   . PRO A 27 ? 0.1032 0.1011 0.1897 0.0160  -0.0053 -0.0111 27  PRO A N   
168 C  CA  . PRO A 27 ? 0.1203 0.1075 0.1493 0.0152  -0.0004 -0.0116 27  PRO A CA  
169 C  C   . PRO A 27 ? 0.1076 0.0908 0.1598 0.0166  -0.0097 -0.0107 27  PRO A C   
170 O  O   . PRO A 27 ? 0.1206 0.1380 0.1535 0.0206  -0.0184 -0.0200 27  PRO A O   
171 C  CB  . PRO A 27 ? 0.1454 0.1465 0.2017 0.0103  0.0368  -0.0394 27  PRO A CB  
172 C  CG  . PRO A 27 ? 0.1581 0.1794 0.2750 0.0036  0.0568  -0.0631 27  PRO A CG  
173 C  CD  . PRO A 27 ? 0.1084 0.1443 0.2712 0.0175  0.0250  -0.0406 27  PRO A CD  
174 N  N   . THR A 28 ? 0.1070 0.0924 0.1691 0.0124  -0.0089 0.0136  28  THR A N   
175 C  CA  . THR A 28 ? 0.1075 0.1150 0.1956 0.0098  -0.0058 0.0210  28  THR A CA  
176 C  C   . THR A 28 ? 0.0977 0.1180 0.1396 -0.0001 -0.0077 0.0207  28  THR A C   
177 O  O   . THR A 28 ? 0.0915 0.1705 0.1510 -0.0076 -0.0029 0.0368  28  THR A O   
178 C  CB  . THR A 28 ? 0.1372 0.1213 0.2097 0.0141  0.0016  0.0512  28  THR A CB  
179 O  OG1 . THR A 28 ? 0.2362 0.1660 0.2426 -0.0101 -0.0689 0.0470  28  THR A OG1 
180 C  CG2 . THR A 28 ? 0.1598 0.1361 0.2569 0.0442  0.0051  0.0663  28  THR A CG2 
181 N  N   . LYS A 29 ? 0.0811 0.1254 0.1184 0.0205  -0.0132 0.0055  29  LYS A N   
182 C  CA  . LYS A 29 ? 0.0910 0.1417 0.1093 0.0261  -0.0128 0.0003  29  LYS A CA  
183 C  C   . LYS A 29 ? 0.0784 0.1187 0.0979 0.0221  -0.0019 -0.0031 29  LYS A C   
184 O  O   . LYS A 29 ? 0.0795 0.1236 0.1100 0.0091  -0.0009 -0.0129 29  LYS A O   
185 C  CB  . LYS A 29 ? 0.1324 0.1705 0.1278 0.0500  -0.0508 -0.0330 29  LYS A CB  
186 C  CG  . LYS A 29 ? 0.1158 0.1396 0.1576 0.0075  -0.0320 0.0087  29  LYS A CG  
187 C  CD  . LYS A 29 ? 0.2153 0.2094 0.1282 -0.0110 -0.0558 0.0178  29  LYS A CD  
188 C  CE  . LYS A 29 ? 0.1994 0.2151 0.1409 0.0119  -0.0301 0.0477  29  LYS A CE  
189 N  NZ  . LYS A 29 ? 0.2729 0.3335 0.1448 -0.0384 -0.0738 0.0149  29  LYS A NZ  
190 N  N   . THR A 30 ? 0.0743 0.1209 0.0931 0.0126  -0.0070 0.0060  30  THR A N   
191 C  CA  . THR A 30 ? 0.0708 0.0927 0.0858 0.0041  0.0041  0.0158  30  THR A CA  
192 C  C   . THR A 30 ? 0.0669 0.0784 0.0745 -0.0058 -0.0003 0.0100  30  THR A C   
193 O  O   . THR A 30 ? 0.0743 0.0889 0.0731 -0.0077 0.0009  0.0129  30  THR A O   
194 C  CB  . THR A 30 ? 0.0925 0.0992 0.0850 0.0109  0.0069  0.0017  30  THR A CB  
195 O  OG1 . THR A 30 ? 0.1183 0.0938 0.0882 -0.0058 0.0118  0.0057  30  THR A OG1 
196 C  CG2 . THR A 30 ? 0.1302 0.1289 0.1062 0.0485  0.0076  0.0003  30  THR A CG2 
197 N  N   . LEU A 31 ? 0.0661 0.0794 0.0772 -0.0012 0.0030  0.0061  31  LEU A N   
198 C  CA  . LEU A 31 ? 0.0680 0.0785 0.0649 -0.0051 0.0039  0.0059  31  LEU A CA  
199 C  C   . LEU A 31 ? 0.0691 0.0815 0.0667 -0.0057 0.0054  0.0097  31  LEU A C   
200 O  O   . LEU A 31 ? 0.0687 0.0865 0.0914 0.0003  0.0044  0.0037  31  LEU A O   
201 C  CB  . LEU A 31 ? 0.0665 0.0812 0.0767 -0.0080 0.0058  0.0114  31  LEU A CB  
202 C  CG  . LEU A 31 ? 0.0698 0.0798 0.0813 -0.0099 0.0078  0.0123  31  LEU A CG  
203 C  CD1 . LEU A 31 ? 0.0804 0.0850 0.1045 -0.0050 0.0075  0.0159  31  LEU A CD1 
204 C  CD2 . LEU A 31 ? 0.1049 0.1004 0.0866 -0.0323 0.0050  0.0073  31  LEU A CD2 
205 N  N   . LYS A 32 ? 0.0671 0.0802 0.0822 -0.0072 -0.0006 0.0085  32  LYS A N   
206 C  CA  . LYS A 32 ? 0.0743 0.0848 0.0805 -0.0127 -0.0011 0.0115  32  LYS A CA  
207 C  C   . LYS A 32 ? 0.0679 0.0619 0.0817 -0.0016 0.0014  0.0109  32  LYS A C   
208 O  O   . LYS A 32 ? 0.0741 0.0771 0.0798 -0.0100 0.0026  0.0057  32  LYS A O   
209 C  CB  . LYS A 32 ? 0.0999 0.0961 0.1015 -0.0186 0.0157  -0.0138 32  LYS A CB  
210 C  CG  . LYS A 32 ? 0.2396 0.1912 0.1138 -0.0043 0.0607  -0.0102 32  LYS A CG  
211 C  CD  . LYS A 32 ? 0.2894 0.2082 0.1152 -0.0343 0.0387  0.0282  32  LYS A CD  
212 C  CE  . LYS A 32 ? 0.1637 0.1731 0.1010 -0.0247 0.0208  0.0258  32  LYS A CE  
213 N  NZ  . LYS A 32 ? 0.2729 0.1698 0.2188 -0.0301 0.0265  -0.0312 32  LYS A NZ  
214 N  N   . ALA A 33 ? 0.0692 0.0784 0.0839 -0.0054 -0.0007 0.0149  33  ALA A N   
215 C  CA  . ALA A 33 ? 0.0754 0.0706 0.0973 0.0034  0.0062  0.0135  33  ALA A CA  
216 C  C   . ALA A 33 ? 0.0677 0.0707 0.0896 -0.0046 0.0141  0.0132  33  ALA A C   
217 O  O   . ALA A 33 ? 0.0890 0.0815 0.0967 0.0050  0.0146  0.0077  33  ALA A O   
218 C  CB  . ALA A 33 ? 0.0675 0.0984 0.1203 -0.0047 0.0052  0.0299  33  ALA A CB  
219 N  N   . ASP A 34 ? 0.0807 0.0671 0.0840 -0.0029 0.0035  0.0097  34  ASP A N   
220 C  CA  . ASP A 34 ? 0.0861 0.0674 0.0906 -0.0072 -0.0043 0.0134  34  ASP A CA  
221 C  C   . ASP A 34 ? 0.0848 0.0581 0.0796 0.0028  0.0028  0.0092  34  ASP A C   
222 O  O   . ASP A 34 ? 0.0918 0.0778 0.0802 -0.0012 0.0013  0.0104  34  ASP A O   
223 C  CB  . ASP A 34 ? 0.1112 0.0626 0.1096 -0.0084 -0.0249 0.0079  34  ASP A CB  
224 C  CG  . ASP A 34 ? 0.1459 0.0744 0.1008 0.0124  -0.0190 0.0015  34  ASP A CG  
225 O  OD1 . ASP A 34 ? 0.2094 0.0906 0.0981 0.0332  0.0098  0.0117  34  ASP A OD1 
226 O  OD2 . ASP A 34 ? 0.1658 0.1029 0.1174 0.0315  -0.0061 0.0125  34  ASP A OD2 
227 N  N   . ALA A 35 ? 0.0825 0.0698 0.0705 0.0025  0.0054  0.0027  35  ALA A N   
228 C  CA  . ALA A 35 ? 0.0738 0.0734 0.0757 0.0060  0.0011  0.0024  35  ALA A CA  
229 C  C   . ALA A 35 ? 0.0691 0.0678 0.0730 -0.0003 0.0065  0.0071  35  ALA A C   
230 O  O   . ALA A 35 ? 0.0799 0.0782 0.0733 -0.0007 0.0017  0.0043  35  ALA A O   
231 C  CB  . ALA A 35 ? 0.0864 0.0885 0.0846 -0.0007 0.0136  -0.0049 35  ALA A CB  
232 N  N   . LEU A 36 ? 0.0766 0.0686 0.0708 -0.0007 0.0027  0.0027  36  LEU A N   
233 C  CA  . LEU A 36 ? 0.0762 0.0638 0.0769 -0.0006 0.0064  0.0027  36  LEU A CA  
234 C  C   . LEU A 36 ? 0.0796 0.0607 0.0742 0.0016  0.0053  -0.0022 36  LEU A C   
235 O  O   . LEU A 36 ? 0.0988 0.0629 0.0785 0.0026  0.0088  0.0002  36  LEU A O   
236 C  CB  . LEU A 36 ? 0.0719 0.0668 0.0826 -0.0038 0.0019  0.0023  36  LEU A CB  
237 C  CG  . LEU A 36 ? 0.0838 0.0663 0.0727 0.0020  0.0029  0.0004  36  LEU A CG  
238 C  CD1 . LEU A 36 ? 0.1038 0.0874 0.0879 0.0123  -0.0100 0.0079  36  LEU A CD1 
239 C  CD2 . LEU A 36 ? 0.1038 0.0928 0.0839 -0.0247 0.0075  0.0061  36  LEU A CD2 
240 N  N   . LYS A 37 ? 0.0874 0.0639 0.0791 -0.0006 0.0131  -0.0020 37  LYS A N   
241 C  CA  . LYS A 37 ? 0.0979 0.0800 0.0832 0.0008  0.0198  -0.0014 37  LYS A CA  
242 C  C   . LYS A 37 ? 0.1109 0.0776 0.0804 -0.0033 0.0099  -0.0015 37  LYS A C   
243 O  O   . LYS A 37 ? 0.1439 0.1143 0.0796 0.0086  0.0261  0.0061  37  LYS A O   
244 C  CB  . LYS A 37 ? 0.1064 0.1041 0.0987 -0.0213 0.0245  0.0036  37  LYS A CB  
245 C  CG  . LYS A 37 ? 0.1395 0.0904 0.1318 -0.0203 0.0486  -0.0027 37  LYS A CG  
246 C  CD  . LYS A 37 ? 0.1067 0.0998 0.1048 -0.0110 0.0292  0.0064  37  LYS A CD  
247 C  CE  . LYS A 37 ? 0.1174 0.1009 0.1004 -0.0124 0.0300  0.0079  37  LYS A CE  
248 N  NZ  . LYS A 37 ? 0.1131 0.1017 0.0883 -0.0076 0.0190  0.0085  37  LYS A NZ  
249 N  N   . THR A 38 ? 0.1133 0.0623 0.0725 0.0025  0.0090  0.0053  38  THR A N   
250 C  CA  . THR A 38 ? 0.1171 0.0607 0.0791 -0.0005 0.0018  0.0073  38  THR A CA  
251 C  C   . THR A 38 ? 0.1218 0.0616 0.0758 0.0040  -0.0042 0.0056  38  THR A C   
252 O  O   . THR A 38 ? 0.1440 0.0897 0.0829 -0.0137 -0.0186 0.0137  38  THR A O   
253 C  CB  . THR A 38 ? 0.1330 0.0595 0.1034 0.0117  -0.0180 -0.0034 38  THR A CB  
254 O  OG1 . THR A 38 ? 0.1604 0.0610 0.1461 0.0133  -0.0502 -0.0107 38  THR A OG1 
255 C  CG2 . THR A 38 ? 0.1618 0.0883 0.1237 0.0326  -0.0436 -0.0118 38  THR A CG2 
256 N  N   . TYR A 39 ? 0.0985 0.0697 0.0782 0.0022  -0.0033 0.0042  39  TYR A N   
257 C  CA  . TYR A 39 ? 0.0967 0.0704 0.0918 0.0076  -0.0064 0.0087  39  TYR A CA  
258 C  C   . TYR A 39 ? 0.0942 0.0751 0.0947 0.0032  -0.0089 0.0029  39  TYR A C   
259 O  O   . TYR A 39 ? 0.1014 0.0843 0.1772 0.0045  -0.0379 -0.0015 39  TYR A O   
260 C  CB  A TYR A 39 ? 0.0934 0.0839 0.0999 0.0112  0.0028  0.0132  39  TYR A CB  
261 C  CB  B TYR A 39 ? 0.1002 0.0829 0.0946 0.0047  0.0053  0.0128  39  TYR A CB  
262 C  CG  A TYR A 39 ? 0.1000 0.0866 0.0997 0.0136  0.0162  0.0185  39  TYR A CG  
263 C  CG  B TYR A 39 ? 0.0926 0.0829 0.1153 0.0089  0.0096  0.0006  39  TYR A CG  
264 C  CD1 A TYR A 39 ? 0.1433 0.1130 0.1256 0.0435  0.0102  0.0314  39  TYR A CD1 
265 C  CD1 B TYR A 39 ? 0.1207 0.0922 0.1075 0.0204  0.0044  0.0066  39  TYR A CD1 
266 C  CD2 A TYR A 39 ? 0.0874 0.0797 0.1195 -0.0033 0.0260  0.0036  39  TYR A CD2 
267 C  CD2 B TYR A 39 ? 0.0985 0.1019 0.1231 -0.0007 0.0007  -0.0033 39  TYR A CD2 
268 C  CE1 A TYR A 39 ? 0.1518 0.1111 0.1771 0.0425  0.0280  0.0406  39  TYR A CE1 
269 C  CE1 B TYR A 39 ? 0.1259 0.0931 0.1127 0.0185  -0.0087 -0.0030 39  TYR A CE1 
270 C  CE2 A TYR A 39 ? 0.1199 0.0832 0.1626 -0.0035 0.0450  -0.0042 39  TYR A CE2 
271 C  CE2 B TYR A 39 ? 0.1142 0.1115 0.1403 0.0092  -0.0188 -0.0338 39  TYR A CE2 
272 C  CZ  A TYR A 39 ? 0.1635 0.0866 0.2054 0.0328  0.0344  0.0088  39  TYR A CZ  
273 C  CZ  B TYR A 39 ? 0.1018 0.1052 0.1595 0.0148  -0.0181 -0.0266 39  TYR A CZ  
274 O  OH  A TYR A 39 ? 0.2491 0.1079 0.3055 0.0714  0.1001  0.0044  39  TYR A OH  
275 O  OH  B TYR A 39 ? 0.1244 0.1195 0.2361 0.0440  -0.0488 -0.0620 39  TYR A OH  
276 N  N   . LEU A 40 ? 0.0859 0.0640 0.0752 -0.0026 0.0010  0.0041  40  LEU A N   
277 C  CA  . LEU A 40 ? 0.0804 0.0643 0.0692 -0.0008 0.0037  0.0032  40  LEU A CA  
278 C  C   . LEU A 40 ? 0.0839 0.0661 0.0711 -0.0075 0.0013  0.0042  40  LEU A C   
279 O  O   . LEU A 40 ? 0.0914 0.0727 0.0758 -0.0100 0.0104  0.0014  40  LEU A O   
280 C  CB  . LEU A 40 ? 0.0884 0.0679 0.0672 -0.0044 -0.0035 0.0015  40  LEU A CB  
281 C  CG  . LEU A 40 ? 0.0866 0.0645 0.0704 -0.0014 0.0068  0.0022  40  LEU A CG  
282 C  CD1 . LEU A 40 ? 0.0977 0.0684 0.0898 -0.0096 0.0121  0.0055  40  LEU A CD1 
283 C  CD2 . LEU A 40 ? 0.1031 0.0721 0.0710 0.0031  0.0043  -0.0051 40  LEU A CD2 
284 N  N   . ALA A 41 ? 0.0885 0.0854 0.0682 -0.0063 0.0002  0.0038  41  ALA A N   
285 C  CA  . ALA A 41 ? 0.0970 0.0891 0.0711 -0.0030 -0.0073 -0.0033 41  ALA A CA  
286 C  C   . ALA A 41 ? 0.0970 0.0794 0.0711 0.0000  -0.0116 -0.0060 41  ALA A C   
287 O  O   . ALA A 41 ? 0.0999 0.0715 0.0855 -0.0047 -0.0049 0.0042  41  ALA A O   
288 C  CB  . ALA A 41 ? 0.1032 0.1229 0.1059 -0.0088 -0.0134 -0.0291 41  ALA A CB  
289 N  N   . GLY A 42 ? 0.0956 0.0928 0.0679 0.0075  -0.0026 -0.0020 42  GLY A N   
290 C  CA  . GLY A 42 ? 0.1024 0.0904 0.0811 0.0024  -0.0044 -0.0110 42  GLY A CA  
291 C  C   . GLY A 42 ? 0.0920 0.0859 0.0721 0.0052  0.0047  -0.0042 42  GLY A C   
292 O  O   . GLY A 42 ? 0.1114 0.1303 0.0709 -0.0092 0.0090  -0.0121 42  GLY A O   
293 N  N   . TYR A 43 ? 0.0880 0.0662 0.0710 -0.0016 -0.0017 0.0028  43  TYR A N   
294 C  CA  . TYR A 43 ? 0.0854 0.0669 0.0647 -0.0101 0.0084  0.0069  43  TYR A CA  
295 C  C   . TYR A 43 ? 0.0897 0.0659 0.0604 -0.0025 0.0117  0.0093  43  TYR A C   
296 O  O   . TYR A 43 ? 0.0886 0.0722 0.0779 -0.0111 0.0084  0.0113  43  TYR A O   
297 C  CB  . TYR A 43 ? 0.0954 0.0727 0.0658 -0.0171 0.0029  0.0092  43  TYR A CB  
298 C  CG  . TYR A 43 ? 0.0804 0.0684 0.0666 -0.0051 0.0040  0.0071  43  TYR A CG  
299 C  CD1 . TYR A 43 ? 0.0842 0.0888 0.0745 0.0054  0.0078  -0.0017 43  TYR A CD1 
300 C  CD2 . TYR A 43 ? 0.0736 0.0718 0.0762 -0.0035 0.0036  0.0073  43  TYR A CD2 
301 C  CE1 . TYR A 43 ? 0.0757 0.0924 0.0877 -0.0041 0.0040  -0.0021 43  TYR A CE1 
302 C  CE2 . TYR A 43 ? 0.0769 0.0761 0.0709 -0.0036 0.0059  0.0006  43  TYR A CE2 
303 C  CZ  . TYR A 43 ? 0.0774 0.0812 0.0820 -0.0070 0.0023  0.0004  43  TYR A CZ  
304 O  OH  . TYR A 43 ? 0.0792 0.1109 0.1060 -0.0090 -0.0056 -0.0184 43  TYR A OH  
305 N  N   . LYS A 44 ? 0.0925 0.0643 0.0726 -0.0047 0.0183  0.0119  44  LYS A N   
306 C  CA  . LYS A 44 ? 0.1053 0.0671 0.0820 0.0051  0.0193  0.0105  44  LYS A CA  
307 C  C   . LYS A 44 ? 0.0965 0.0696 0.0888 -0.0007 0.0187  0.0152  44  LYS A C   
308 O  O   . LYS A 44 ? 0.1602 0.0694 0.1088 -0.0090 0.0377  0.0134  44  LYS A O   
309 C  CB  . LYS A 44 ? 0.1089 0.0880 0.1119 0.0163  0.0350  0.0228  44  LYS A CB  
310 C  CG  . LYS A 44 ? 0.1125 0.1250 0.1227 0.0258  0.0095  0.0293  44  LYS A CG  
311 C  CD  A LYS A 44 ? 0.1171 0.1220 0.1695 0.0169  0.0073  -0.0074 44  LYS A CD  
312 C  CD  B LYS A 44 ? 0.1176 0.1075 0.1844 0.0127  0.0130  -0.0087 44  LYS A CD  
313 C  CE  A LYS A 44 ? 0.1181 0.1277 0.2164 0.0215  -0.0181 -0.0140 44  LYS A CE  
314 C  CE  B LYS A 44 ? 0.1287 0.1262 0.1831 0.0380  -0.0202 -0.0218 44  LYS A CE  
315 N  NZ  A LYS A 44 ? 0.2067 0.1457 0.1881 0.0202  -0.0506 -0.0265 44  LYS A NZ  
316 N  NZ  B LYS A 44 ? 0.2738 0.1357 0.1730 0.0703  -0.0554 -0.0304 44  LYS A NZ  
317 N  N   . ASP A 45 ? 0.0880 0.0778 0.0786 -0.0025 0.0143  0.0130  45  ASP A N   
318 C  CA  . ASP A 45 ? 0.0914 0.0850 0.0748 0.0048  0.0105  0.0100  45  ASP A CA  
319 C  C   . ASP A 45 ? 0.0899 0.0720 0.0736 -0.0003 0.0096  0.0106  45  ASP A C   
320 O  O   . ASP A 45 ? 0.1026 0.1159 0.0700 0.0118  0.0183  0.0185  45  ASP A O   
321 C  CB  . ASP A 45 ? 0.0758 0.1821 0.0810 -0.0256 0.0156  -0.0118 45  ASP A CB  
322 C  CG  . ASP A 45 ? 0.1343 0.1853 0.1295 -0.0775 0.0102  -0.0223 45  ASP A CG  
323 O  OD1 . ASP A 45 ? 0.2238 0.1241 0.1906 -0.0463 -0.1034 0.0268  45  ASP A OD1 
324 O  OD2 . ASP A 45 ? 0.1567 0.3142 0.3516 -0.1148 0.0022  -0.1359 45  ASP A OD2 
325 N  N   . GLY A 46 ? 0.0898 0.0679 0.0678 0.0024  0.0096  0.0064  46  GLY A N   
326 C  CA  . GLY A 46 ? 0.0825 0.0693 0.0798 -0.0021 0.0012  -0.0022 46  GLY A CA  
327 C  C   . GLY A 46 ? 0.0943 0.0659 0.0730 0.0025  0.0082  0.0042  46  GLY A C   
328 O  O   . GLY A 46 ? 0.1029 0.0870 0.1342 0.0136  0.0156  -0.0115 46  GLY A O   
329 N  N   . SER A 47 ? 0.1101 0.0659 0.0769 -0.0051 0.0071  0.0002  47  SER A N   
330 C  CA  . SER A 47 ? 0.1468 0.0708 0.0693 -0.0016 0.0028  -0.0040 47  SER A CA  
331 C  C   . SER A 47 ? 0.1349 0.0670 0.0743 -0.0014 0.0126  -0.0009 47  SER A C   
332 O  O   . SER A 47 ? 0.2327 0.0751 0.0862 0.0203  0.0340  0.0030  47  SER A O   
333 C  CB  . SER A 47 ? 0.2018 0.1167 0.0837 -0.0253 -0.0211 0.0030  47  SER A CB  
334 O  OG  . SER A 47 ? 0.1693 0.1695 0.1384 -0.0624 -0.0445 0.0141  47  SER A OG  
335 N  N   . LYS A 48 ? 0.1124 0.0639 0.0725 0.0027  0.0174  0.0039  48  LYS A N   
336 C  CA  . LYS A 48 ? 0.1054 0.0657 0.0751 0.0084  0.0173  0.0046  48  LYS A CA  
337 C  C   . LYS A 48 ? 0.0930 0.0755 0.0777 0.0050  0.0155  0.0018  48  LYS A C   
338 O  O   . LYS A 48 ? 0.1128 0.0772 0.0815 0.0120  0.0055  -0.0080 48  LYS A O   
339 C  CB  . LYS A 48 ? 0.1076 0.0746 0.0816 -0.0030 0.0167  0.0039  48  LYS A CB  
340 C  CG  . LYS A 48 ? 0.1071 0.0824 0.1024 -0.0030 0.0072  0.0094  48  LYS A CG  
341 C  CD  . LYS A 48 ? 0.1018 0.1040 0.1569 -0.0089 0.0031  0.0329  48  LYS A CD  
342 C  CE  . LYS A 48 ? 0.1348 0.1375 0.2158 -0.0276 -0.0419 0.0437  48  LYS A CE  
343 N  NZ  . LYS A 48 ? 0.1924 0.1923 0.2606 -0.0819 -0.0858 0.1045  48  LYS A NZ  
344 N  N   . SER A 49 ? 0.0918 0.0827 0.0814 0.0033  0.0199  0.0065  49  SER A N   
345 C  CA  . SER A 49 ? 0.0813 0.0928 0.0804 -0.0076 0.0149  0.0084  49  SER A CA  
346 C  C   . SER A 49 ? 0.0838 0.0910 0.0739 -0.0058 0.0109  0.0119  49  SER A C   
347 O  O   . SER A 49 ? 0.0819 0.0924 0.0755 -0.0139 0.0100  0.0040  49  SER A O   
348 C  CB  . SER A 49 ? 0.0860 0.1127 0.0995 -0.0011 0.0096  0.0100  49  SER A CB  
349 O  OG  . SER A 49 ? 0.1019 0.1068 0.1162 0.0131  0.0106  0.0201  49  SER A OG  
350 N  N   . LEU A 50 ? 0.0831 0.1023 0.0725 -0.0215 0.0101  0.0026  50  LEU A N   
351 C  CA  . LEU A 50 ? 0.0828 0.1042 0.0694 -0.0115 0.0092  0.0034  50  LEU A CA  
352 C  C   . LEU A 50 ? 0.0809 0.1042 0.0709 -0.0094 0.0090  0.0034  50  LEU A C   
353 O  O   . LEU A 50 ? 0.0771 0.0946 0.0762 -0.0097 0.0124  -0.0009 50  LEU A O   
354 C  CB  . LEU A 50 ? 0.1073 0.1074 0.0802 -0.0254 -0.0020 0.0012  50  LEU A CB  
355 C  CG  . LEU A 50 ? 0.1144 0.0928 0.0721 -0.0052 0.0033  0.0038  50  LEU A CG  
356 C  CD1 . LEU A 50 ? 0.1214 0.0872 0.0856 0.0027  0.0039  0.0090  50  LEU A CD1 
357 C  CD2 . LEU A 50 ? 0.1318 0.0939 0.0803 -0.0096 -0.0053 -0.0001 50  LEU A CD2 
358 N  N   . GLU A 51 ? 0.0766 0.1191 0.0837 -0.0018 0.0108  0.0172  51  GLU A N   
359 C  CA  A GLU A 51 ? 0.0940 0.1094 0.0866 0.0100  0.0196  0.0099  51  GLU A CA  
360 C  CA  B GLU A 51 ? 0.0827 0.1317 0.0731 0.0099  0.0069  0.0295  51  GLU A CA  
361 C  C   . GLU A 51 ? 0.0887 0.0945 0.0851 0.0161  0.0155  0.0259  51  GLU A C   
362 O  O   . GLU A 51 ? 0.0875 0.1085 0.0919 0.0063  0.0213  0.0298  51  GLU A O   
363 C  CB  A GLU A 51 ? 0.0886 0.1176 0.0962 0.0052  0.0160  0.0184  51  GLU A CB  
364 C  CB  B GLU A 51 ? 0.0952 0.1294 0.0950 0.0103  -0.0026 0.0269  51  GLU A CB  
365 C  CG  A GLU A 51 ? 0.1091 0.1109 0.0970 -0.0053 0.0102  0.0127  51  GLU A CG  
366 C  CG  B GLU A 51 ? 0.1155 0.1165 0.1043 0.0152  0.0070  0.0253  51  GLU A CG  
367 C  CD  A GLU A 51 ? 0.1291 0.1855 0.1372 -0.0061 -0.0070 0.0679  51  GLU A CD  
368 C  CD  B GLU A 51 ? 0.1208 0.1228 0.1364 0.0185  -0.0017 0.0353  51  GLU A CD  
369 O  OE1 A GLU A 51 ? 0.1526 0.3004 0.3056 -0.0568 -0.0908 0.1055  51  GLU A OE1 
370 O  OE1 B GLU A 51 ? 0.1598 0.1590 0.2225 -0.0212 -0.0771 0.0587  51  GLU A OE1 
371 O  OE2 A GLU A 51 ? 0.1528 0.1807 0.1777 0.0512  0.0180  0.0841  51  GLU A OE2 
372 O  OE2 B GLU A 51 ? 0.1375 0.1586 0.2268 0.0425  0.0439  0.0922  51  GLU A OE2 
373 N  N   . GLU A 52 ? 0.0810 0.0841 0.0864 0.0067  0.0172  0.0134  52  GLU A N   
374 C  CA  . GLU A 52 ? 0.0920 0.0753 0.0956 0.0117  0.0196  0.0088  52  GLU A CA  
375 C  C   . GLU A 52 ? 0.0920 0.0652 0.0784 0.0011  0.0164  0.0028  52  GLU A C   
376 O  O   . GLU A 52 ? 0.0884 0.0715 0.0959 -0.0006 0.0188  -0.0005 52  GLU A O   
377 C  CB  . GLU A 52 ? 0.1084 0.1105 0.1034 0.0170  0.0237  -0.0088 52  GLU A CB  
378 C  CG  . GLU A 52 ? 0.1365 0.1130 0.0957 0.0268  0.0103  -0.0084 52  GLU A CG  
379 C  CD  . GLU A 52 ? 0.1756 0.1136 0.1214 0.0034  0.0023  -0.0065 52  GLU A CD  
380 O  OE1 . GLU A 52 ? 0.2311 0.1490 0.1227 -0.0375 -0.0035 -0.0079 52  GLU A OE1 
381 O  OE2 . GLU A 52 ? 0.3171 0.1154 0.1524 0.0424  -0.0463 -0.0073 52  GLU A OE2 
382 N  N   . ALA A 53 ? 0.0836 0.0663 0.0745 0.0073  0.0104  0.0041  53  ALA A N   
383 C  CA  . ALA A 53 ? 0.0846 0.0656 0.0657 0.0006  0.0092  0.0040  53  ALA A CA  
384 C  C   . ALA A 53 ? 0.0729 0.0645 0.0736 0.0006  0.0068  0.0009  53  ALA A C   
385 O  O   . ALA A 53 ? 0.0805 0.0820 0.0745 -0.0003 0.0057  0.0015  53  ALA A O   
386 C  CB  . ALA A 53 ? 0.0921 0.0697 0.0700 0.0007  0.0100  0.0122  53  ALA A CB  
387 N  N   . VAL A 54 ? 0.0738 0.0695 0.0662 0.0024  0.0093  0.0041  54  VAL A N   
388 C  CA  . VAL A 54 ? 0.0678 0.0703 0.0678 0.0012  0.0105  0.0054  54  VAL A CA  
389 C  C   . VAL A 54 ? 0.0770 0.0677 0.0665 -0.0026 0.0069  0.0030  54  VAL A C   
390 O  O   . VAL A 54 ? 0.0743 0.0818 0.0762 -0.0074 0.0087  0.0025  54  VAL A O   
391 C  CB  . VAL A 54 ? 0.0674 0.0697 0.0725 0.0035  0.0035  0.0000  54  VAL A CB  
392 C  CG1 . VAL A 54 ? 0.0761 0.0809 0.0632 0.0049  0.0035  0.0050  54  VAL A CG1 
393 C  CG2 . VAL A 54 ? 0.0762 0.0748 0.0761 -0.0029 0.0076  -0.0012 54  VAL A CG2 
394 N  N   . ALA A 55 ? 0.0762 0.0619 0.0803 -0.0016 0.0082  0.0056  55  ALA A N   
395 C  CA  . ALA A 55 ? 0.0833 0.0681 0.0817 -0.0045 0.0105  0.0055  55  ALA A CA  
396 C  C   . ALA A 55 ? 0.0826 0.0662 0.0822 -0.0002 0.0131  0.0008  55  ALA A C   
397 O  O   . ALA A 55 ? 0.0889 0.0693 0.0835 -0.0068 0.0085  0.0021  55  ALA A O   
398 C  CB  . ALA A 55 ? 0.0989 0.0697 0.1064 0.0072  0.0072  0.0008  55  ALA A CB  
399 N  N   . TYR A 56 ? 0.0915 0.0719 0.0747 -0.0052 0.0129  0.0002  56  TYR A N   
400 C  CA  . TYR A 56 ? 0.1062 0.0739 0.0713 -0.0085 0.0112  -0.0044 56  TYR A CA  
401 C  C   . TYR A 56 ? 0.0988 0.0773 0.0612 -0.0065 0.0028  0.0088  56  TYR A C   
402 O  O   . TYR A 56 ? 0.1062 0.0867 0.0762 -0.0135 -0.0083 0.0094  56  TYR A O   
403 C  CB  . TYR A 56 ? 0.1337 0.0884 0.0726 -0.0130 0.0186  0.0007  56  TYR A CB  
404 C  CG  . TYR A 56 ? 0.1673 0.1063 0.0773 0.0034  0.0039  0.0123  56  TYR A CG  
405 C  CD1 . TYR A 56 ? 0.1784 0.1158 0.0961 0.0119  -0.0039 0.0189  56  TYR A CD1 
406 C  CD2 . TYR A 56 ? 0.1625 0.1666 0.0799 0.0146  -0.0009 -0.0185 56  TYR A CD2 
407 C  CE1 . TYR A 56 ? 0.1990 0.1257 0.1205 0.0316  -0.0402 0.0247  56  TYR A CE1 
408 C  CE2 . TYR A 56 ? 0.1861 0.1929 0.0895 0.0106  -0.0101 -0.0315 56  TYR A CE2 
409 C  CZ  . TYR A 56 ? 0.1999 0.1603 0.1021 0.0101  -0.0390 0.0071  56  TYR A CZ  
410 O  OH  . TYR A 56 ? 0.2661 0.2280 0.1299 0.0189  -0.0834 -0.0130 56  TYR A OH  
411 N  N   . GLN A 57 ? 0.0883 0.0730 0.0715 -0.0008 0.0063  0.0076  57  GLN A N   
412 C  CA  . GLN A 57 ? 0.0827 0.0817 0.0807 -0.0015 0.0017  0.0126  57  GLN A CA  
413 C  C   . GLN A 57 ? 0.0799 0.0665 0.0729 -0.0019 0.0002  0.0083  57  GLN A C   
414 O  O   . GLN A 57 ? 0.0750 0.0865 0.0877 -0.0063 -0.0022 0.0135  57  GLN A O   
415 C  CB  . GLN A 57 ? 0.0941 0.0694 0.1408 0.0031  0.0229  0.0113  57  GLN A CB  
416 C  CG  . GLN A 57 ? 0.0925 0.0875 0.1277 0.0101  0.0168  0.0154  57  GLN A CG  
417 C  CD  . GLN A 57 ? 0.0799 0.0825 0.1218 0.0000  0.0089  -0.0057 57  GLN A CD  
418 O  OE1 . GLN A 57 ? 0.1068 0.1044 0.1112 -0.0084 0.0091  -0.0059 57  GLN A OE1 
419 N  NE2 . GLN A 57 ? 0.1108 0.0997 0.1001 0.0144  -0.0043 -0.0046 57  GLN A NE2 
420 N  N   . VAL A 58 ? 0.0728 0.0704 0.0706 -0.0037 0.0002  0.0042  58  VAL A N   
421 C  CA  . VAL A 58 ? 0.0699 0.0709 0.0665 -0.0025 0.0010  0.0035  58  VAL A CA  
422 C  C   . VAL A 58 ? 0.0760 0.0769 0.0623 -0.0071 -0.0040 0.0082  58  VAL A C   
423 O  O   . VAL A 58 ? 0.0779 0.0863 0.0787 -0.0129 0.0008  0.0052  58  VAL A O   
424 C  CB  . VAL A 58 ? 0.0690 0.0721 0.0670 -0.0028 -0.0002 0.0031  58  VAL A CB  
425 C  CG1 . VAL A 58 ? 0.0822 0.0768 0.0782 0.0003  -0.0017 0.0101  58  VAL A CG1 
426 C  CG2 . VAL A 58 ? 0.0828 0.0789 0.0658 -0.0085 0.0036  -0.0039 58  VAL A CG2 
427 N  N   . THR A 59 ? 0.0787 0.0746 0.0649 -0.0087 -0.0068 -0.0009 59  THR A N   
428 C  CA  . THR A 59 ? 0.0896 0.0777 0.0720 -0.0091 -0.0067 -0.0050 59  THR A CA  
429 C  C   . THR A 59 ? 0.0921 0.0893 0.0741 -0.0145 -0.0123 -0.0008 59  THR A C   
430 O  O   . THR A 59 ? 0.1013 0.1015 0.0880 -0.0228 -0.0188 0.0026  59  THR A O   
431 C  CB  . THR A 59 ? 0.0987 0.0986 0.0677 -0.0134 -0.0022 -0.0129 59  THR A CB  
432 O  OG1 . THR A 59 ? 0.0998 0.0822 0.0907 0.0016  -0.0053 -0.0074 59  THR A OG1 
433 C  CG2 . THR A 59 ? 0.1280 0.1273 0.1286 -0.0248 0.0127  -0.0547 59  THR A CG2 
434 N  N   . ASN A 60 ? 0.1023 0.0997 0.0770 -0.0180 -0.0224 0.0105  60  ASN A N   
435 C  CA  . ASN A 60 ? 0.1269 0.1308 0.0858 -0.0300 -0.0441 0.0224  60  ASN A CA  
436 C  C   . ASN A 60 ? 0.1116 0.1452 0.1195 -0.0181 -0.0466 0.0393  60  ASN A C   
437 O  O   . ASN A 60 ? 0.1123 0.2058 0.1390 -0.0344 -0.0505 0.0556  60  ASN A O   
438 C  CB  . ASN A 60 ? 0.1465 0.1873 0.0843 -0.0552 -0.0438 0.0232  60  ASN A CB  
439 C  CG  . ASN A 60 ? 0.2378 0.1612 0.0721 -0.0699 -0.0110 -0.0168 60  ASN A CG  
440 O  OD1 . ASN A 60 ? 0.4083 0.1978 0.1335 -0.1421 0.0605  -0.0772 60  ASN A OD1 
441 N  ND2 . ASN A 60 ? 0.2068 0.1320 0.1123 -0.0015 -0.0284 -0.0089 60  ASN A ND2 
442 N  N   . GLY A 61 ? 0.0868 0.1275 0.1216 -0.0011 -0.0196 0.0397  61  GLY A N   
443 C  CA  . GLY A 61 ? 0.0822 0.1368 0.1254 -0.0037 -0.0038 0.0564  61  GLY A CA  
444 C  C   . GLY A 61 ? 0.0837 0.1287 0.1278 -0.0102 -0.0068 0.0613  61  GLY A C   
445 O  O   . GLY A 61 ? 0.1081 0.1603 0.1351 -0.0001 0.0175  0.0651  61  GLY A O   
446 N  N   . GLN A 62 ? 0.0854 0.1281 0.1314 -0.0145 -0.0095 0.0592  62  GLN A N   
447 C  CA  . GLN A 62 ? 0.0941 0.1264 0.1520 -0.0150 -0.0182 0.0728  62  GLN A CA  
448 C  C   . GLN A 62 ? 0.0772 0.1372 0.1707 -0.0171 -0.0242 0.0756  62  GLN A C   
449 O  O   . GLN A 62 ? 0.0811 0.1620 0.1525 -0.0148 -0.0133 0.0834  62  GLN A O   
450 C  CB  . GLN A 62 ? 0.0890 0.1359 0.1307 -0.0259 -0.0157 0.0515  62  GLN A CB  
451 C  CG  . GLN A 62 ? 0.1272 0.1277 0.0940 -0.0410 -0.0120 0.0202  62  GLN A CG  
452 C  CD  . GLN A 62 ? 0.1406 0.1444 0.0950 -0.0353 -0.0183 0.0117  62  GLN A CD  
453 O  OE1 . GLN A 62 ? 0.2512 0.1847 0.0910 -0.0264 0.0141  0.0058  62  GLN A OE1 
454 N  NE2 . GLN A 62 ? 0.2252 0.2620 0.1663 0.0363  -0.0217 0.1223  62  GLN A NE2 
455 N  N   . GLY A 63 ? 0.1041 0.1218 0.1814 -0.0031 -0.0507 0.0350  63  GLY A N   
456 C  CA  . GLY A 63 ? 0.1078 0.1387 0.1852 0.0090  -0.0576 0.0363  63  GLY A CA  
457 C  C   . GLY A 63 ? 0.0849 0.1065 0.2165 0.0055  -0.0413 0.0335  63  GLY A C   
458 O  O   . GLY A 63 ? 0.0928 0.1194 0.2354 -0.0068 -0.0321 0.0075  63  GLY A O   
459 N  N   . ALA A 64 ? 0.0742 0.0993 0.2247 -0.0031 -0.0280 0.0402  64  ALA A N   
460 C  CA  . ALA A 64 ? 0.0607 0.1020 0.2331 0.0000  -0.0107 0.0233  64  ALA A CA  
461 C  C   . ALA A 64 ? 0.0691 0.0781 0.1962 -0.0066 -0.0042 0.0195  64  ALA A C   
462 O  O   . ALA A 64 ? 0.0773 0.1081 0.1741 0.0020  0.0187  0.0050  64  ALA A O   
463 C  CB  . ALA A 64 ? 0.0783 0.1011 0.2956 0.0110  0.0218  0.0216  64  ALA A CB  
464 N  N   . MET A 65 ? 0.0596 0.0898 0.1614 -0.0005 -0.0055 0.0217  65  MET A N   
465 C  CA  . MET A 65 ? 0.0672 0.0860 0.1165 -0.0016 -0.0072 0.0131  65  MET A CA  
466 C  C   . MET A 65 ? 0.0638 0.0856 0.0938 -0.0075 -0.0075 0.0253  65  MET A C   
467 O  O   . MET A 65 ? 0.0721 0.0980 0.0833 -0.0117 -0.0105 0.0209  65  MET A O   
468 C  CB  . MET A 65 ? 0.0633 0.0834 0.0937 -0.0039 -0.0039 0.0134  65  MET A CB  
469 C  CG  . MET A 65 ? 0.0656 0.0743 0.0807 -0.0069 -0.0039 0.0054  65  MET A CG  
470 S  SD  . MET A 65 ? 0.0638 0.0707 0.0686 0.0006  -0.0032 0.0024  65  MET A SD  
471 C  CE  . MET A 65 ? 0.0788 0.0856 0.0777 0.0166  -0.0050 -0.0066 65  MET A CE  
472 N  N   . PRO A 66 ? 0.0714 0.0865 0.0817 -0.0042 -0.0012 0.0149  66  PRO A N   
473 C  CA  . PRO A 66 ? 0.0706 0.0873 0.0907 -0.0098 -0.0005 0.0160  66  PRO A CA  
474 C  C   . PRO A 66 ? 0.0731 0.0839 0.0894 -0.0039 -0.0127 0.0133  66  PRO A C   
475 O  O   . PRO A 66 ? 0.0716 0.1056 0.1153 -0.0006 -0.0214 0.0027  66  PRO A O   
476 C  CB  . PRO A 66 ? 0.1174 0.0991 0.1000 -0.0002 0.0176  0.0290  66  PRO A CB  
477 C  CG  A PRO A 66 ? 0.0720 0.1217 0.0937 -0.0214 0.0072  0.0303  66  PRO A CG  
478 C  CG  B PRO A 66 ? 0.0748 0.1355 0.0933 -0.0249 0.0073  0.0084  66  PRO A CG  
479 C  CD  . PRO A 66 ? 0.0867 0.1108 0.0804 -0.0069 0.0082  0.0122  66  PRO A CD  
480 N  N   . ALA A 67 ? 0.0720 0.0897 0.0976 -0.0054 -0.0099 0.0084  67  ALA A N   
481 C  CA  . ALA A 67 ? 0.0734 0.0820 0.1015 -0.0068 -0.0105 0.0058  67  ALA A CA  
482 C  C   . ALA A 67 ? 0.0752 0.0831 0.1117 -0.0160 -0.0069 0.0114  67  ALA A C   
483 O  O   . ALA A 67 ? 0.0808 0.1169 0.1568 -0.0109 -0.0087 0.0428  67  ALA A O   
484 C  CB  . ALA A 67 ? 0.0937 0.1092 0.1012 0.0018  -0.0109 -0.0009 67  ALA A CB  
485 N  N   . PHE A 68 ? 0.0744 0.0726 0.0897 -0.0106 -0.0087 0.0095  68  PHE A N   
486 C  CA  . PHE A 68 ? 0.0817 0.0752 0.0912 -0.0078 -0.0015 0.0124  68  PHE A CA  
487 C  C   . PHE A 68 ? 0.0916 0.0762 0.0990 -0.0089 -0.0089 0.0093  68  PHE A C   
488 O  O   . PHE A 68 ? 0.1121 0.0805 0.1093 0.0065  -0.0132 0.0100  68  PHE A O   
489 C  CB  . PHE A 68 ? 0.0752 0.0748 0.0916 -0.0041 -0.0034 0.0132  68  PHE A CB  
490 C  CG  . PHE A 68 ? 0.0716 0.0817 0.0884 -0.0108 -0.0055 0.0057  68  PHE A CG  
491 C  CD1 . PHE A 68 ? 0.0737 0.0774 0.0890 -0.0073 -0.0050 0.0046  68  PHE A CD1 
492 C  CD2 . PHE A 68 ? 0.0741 0.0820 0.0939 -0.0055 -0.0028 0.0152  68  PHE A CD2 
493 C  CE1 . PHE A 68 ? 0.0795 0.0792 0.0979 -0.0062 -0.0089 0.0020  68  PHE A CE1 
494 C  CE2 . PHE A 68 ? 0.0824 0.0996 0.0889 -0.0073 0.0009  0.0083  68  PHE A CE2 
495 C  CZ  . PHE A 68 ? 0.0803 0.0892 0.0951 -0.0070 0.0011  -0.0020 68  PHE A CZ  
496 N  N   . GLY A 69 ? 0.1257 0.0827 0.0979 0.0054  -0.0005 -0.0023 69  GLY A N   
497 C  CA  . GLY A 69 ? 0.1756 0.1039 0.1073 0.0270  -0.0126 -0.0144 69  GLY A CA  
498 C  C   . GLY A 69 ? 0.1828 0.0849 0.1350 0.0181  -0.0659 -0.0162 69  GLY A C   
499 O  O   . GLY A 69 ? 0.1716 0.1121 0.2333 -0.0152 -0.0852 0.0036  69  GLY A O   
500 N  N   . GLY A 70 ? 0.2227 0.0803 0.1911 0.0113  -0.0671 -0.0141 70  GLY A N   
501 C  CA  . GLY A 70 ? 0.2410 0.0857 0.2687 -0.0267 -0.1002 -0.0161 70  GLY A CA  
502 C  C   . GLY A 70 ? 0.1664 0.1128 0.2654 -0.0450 -0.0971 0.0485  70  GLY A C   
503 O  O   . GLY A 70 ? 0.2297 0.1713 0.3762 -0.1122 -0.1108 0.0827  70  GLY A O   
504 N  N   . ARG A 71 ? 0.1044 0.1245 0.1936 -0.0351 -0.0448 0.0393  71  ARG A N   
505 C  CA  . ARG A 71 ? 0.0935 0.1832 0.2068 -0.0326 -0.0157 0.0690  71  ARG A CA  
506 C  C   . ARG A 71 ? 0.1095 0.1186 0.1541 -0.0198 -0.0079 0.0492  71  ARG A C   
507 O  O   . ARG A 71 ? 0.1264 0.1996 0.1606 -0.0133 0.0152  0.0543  71  ARG A O   
508 C  CB  . ARG A 71 ? 0.1135 0.1602 0.2194 -0.0259 0.0178  0.0384  71  ARG A CB  
509 C  CG  A ARG A 71 ? 0.1277 0.1564 0.2937 0.0001  -0.0272 0.0325  71  ARG A CG  
510 C  CG  B ARG A 71 ? 0.1409 0.1278 0.2770 0.0004  -0.0160 0.0386  71  ARG A CG  
511 C  CD  A ARG A 71 ? 0.1557 0.1749 0.3327 0.0097  -0.0095 0.0202  71  ARG A CD  
512 C  CD  B ARG A 71 ? 0.1533 0.1544 0.2841 0.0107  -0.0002 0.0128  71  ARG A CD  
513 N  NE  A ARG A 71 ? 0.1378 0.1699 0.2610 0.0081  -0.0137 0.0144  71  ARG A NE  
514 N  NE  B ARG A 71 ? 0.1702 0.1550 0.2680 0.0261  -0.0132 0.0369  71  ARG A NE  
515 C  CZ  A ARG A 71 ? 0.1121 0.1732 0.2093 -0.0290 -0.0222 0.0170  71  ARG A CZ  
516 C  CZ  B ARG A 71 ? 0.1293 0.1594 0.2332 -0.0345 -0.0191 0.0136  71  ARG A CZ  
517 N  NH1 A ARG A 71 ? 0.1411 0.1457 0.2169 0.0126  -0.0252 0.0621  71  ARG A NH1 
518 N  NH1 B ARG A 71 ? 0.0750 0.1300 0.1823 -0.0120 -0.0060 -0.0269 71  ARG A NH1 
519 N  NH2 A ARG A 71 ? 0.1112 0.1733 0.1487 0.0126  0.0077  0.0164  71  ARG A NH2 
520 N  NH2 B ARG A 71 ? 0.2729 0.2136 0.2212 0.0148  -0.0079 0.0366  71  ARG A NH2 
521 N  N   . LEU A 72 ? 0.0892 0.1427 0.1234 -0.0175 -0.0163 0.0348  72  LEU A N   
522 C  CA  . LEU A 72 ? 0.0886 0.1152 0.1018 -0.0016 -0.0081 0.0097  72  LEU A CA  
523 C  C   . LEU A 72 ? 0.0896 0.1154 0.1034 -0.0075 -0.0102 -0.0014 72  LEU A C   
524 O  O   . LEU A 72 ? 0.1195 0.2005 0.0960 0.0178  -0.0220 -0.0166 72  LEU A O   
525 C  CB  . LEU A 72 ? 0.0917 0.1232 0.1311 -0.0017 -0.0127 0.0018  72  LEU A CB  
526 C  CG  . LEU A 72 ? 0.1095 0.1195 0.1437 0.0123  -0.0171 -0.0070 72  LEU A CG  
527 C  CD1 . LEU A 72 ? 0.1419 0.1163 0.2170 0.0063  -0.0756 -0.0142 72  LEU A CD1 
528 C  CD2 . LEU A 72 ? 0.2414 0.1591 0.1325 0.0696  0.0036  -0.0120 72  LEU A CD2 
529 N  N   . SER A 73 ? 0.0963 0.0816 0.0902 -0.0101 -0.0124 0.0011  73  SER A N   
530 C  CA  . SER A 73 ? 0.0954 0.0656 0.1045 -0.0054 -0.0079 -0.0008 73  SER A CA  
531 C  C   . SER A 73 ? 0.0970 0.0654 0.0882 -0.0015 -0.0099 -0.0017 73  SER A C   
532 O  O   . SER A 73 ? 0.0962 0.0600 0.0990 0.0024  -0.0083 0.0023  73  SER A O   
533 C  CB  . SER A 73 ? 0.1151 0.0615 0.1013 -0.0027 -0.0070 0.0045  73  SER A CB  
534 O  OG  . SER A 73 ? 0.1133 0.0618 0.1116 0.0009  -0.0243 0.0071  73  SER A OG  
535 N  N   . ASP A 74 ? 0.1105 0.0654 0.0984 0.0008  -0.0039 -0.0051 74  ASP A N   
536 C  CA  . ASP A 74 ? 0.1068 0.0724 0.0910 -0.0002 -0.0033 0.0012  74  ASP A CA  
537 C  C   . ASP A 74 ? 0.1016 0.0692 0.0922 0.0013  0.0037  0.0007  74  ASP A C   
538 O  O   . ASP A 74 ? 0.1152 0.0634 0.0986 0.0024  0.0001  0.0027  74  ASP A O   
539 C  CB  . ASP A 74 ? 0.1341 0.0856 0.1008 0.0063  0.0043  -0.0108 74  ASP A CB  
540 C  CG  . ASP A 74 ? 0.1608 0.1390 0.1234 0.0139  -0.0056 -0.0344 74  ASP A CG  
541 O  OD1 . ASP A 74 ? 0.2399 0.2337 0.2219 0.0533  -0.0470 -0.1295 74  ASP A OD1 
542 O  OD2 . ASP A 74 ? 0.1966 0.1962 0.1605 0.0415  -0.0629 -0.0555 74  ASP A OD2 
543 N  N   . ALA A 75 ? 0.0950 0.0599 0.0954 -0.0020 0.0044  0.0021  75  ALA A N   
544 C  CA  . ALA A 75 ? 0.0912 0.0643 0.1115 -0.0003 -0.0019 0.0065  75  ALA A CA  
545 C  C   . ALA A 75 ? 0.0802 0.0602 0.0884 0.0009  -0.0081 0.0106  75  ALA A C   
546 O  O   . ALA A 75 ? 0.0879 0.0671 0.0953 -0.0038 -0.0065 0.0084  75  ALA A O   
547 C  CB  . ALA A 75 ? 0.1080 0.0720 0.1397 0.0141  -0.0165 0.0097  75  ALA A CB  
548 N  N   . ASP A 76 ? 0.0843 0.0624 0.0901 -0.0028 -0.0081 0.0092  76  ASP A N   
549 C  CA  . ASP A 76 ? 0.0864 0.0651 0.0794 -0.0047 -0.0046 0.0073  76  ASP A CA  
550 C  C   . ASP A 76 ? 0.0738 0.0664 0.0761 0.0016  0.0012  0.0017  76  ASP A C   
551 O  O   . ASP A 76 ? 0.0884 0.0602 0.0823 -0.0046 -0.0018 0.0026  76  ASP A O   
552 C  CB  . ASP A 76 ? 0.1011 0.0638 0.1149 -0.0071 0.0122  0.0041  76  ASP A CB  
553 C  CG  . ASP A 76 ? 0.1570 0.1154 0.1093 -0.0441 0.0022  0.0148  76  ASP A CG  
554 O  OD1 . ASP A 76 ? 0.2015 0.1823 0.1258 -0.0751 0.0060  0.0133  76  ASP A OD1 
555 O  OD2 . ASP A 76 ? 0.1822 0.1299 0.1323 -0.0118 -0.0207 0.0293  76  ASP A OD2 
556 N  N   . ILE A 77 ? 0.0844 0.0554 0.0838 0.0009  -0.0069 0.0042  77  ILE A N   
557 C  CA  . ILE A 77 ? 0.0843 0.0593 0.0826 0.0031  -0.0069 0.0049  77  ILE A CA  
558 C  C   . ILE A 77 ? 0.0871 0.0616 0.0782 0.0038  -0.0096 0.0027  77  ILE A C   
559 O  O   . ILE A 77 ? 0.0904 0.0609 0.0862 -0.0021 -0.0051 0.0050  77  ILE A O   
560 C  CB  . ILE A 77 ? 0.0970 0.0749 0.0916 -0.0031 -0.0212 0.0072  77  ILE A CB  
561 C  CG1 . ILE A 77 ? 0.0996 0.0831 0.1193 -0.0111 -0.0302 0.0203  77  ILE A CG1 
562 C  CG2 . ILE A 77 ? 0.1203 0.0945 0.1070 -0.0181 -0.0386 0.0303  77  ILE A CG2 
563 C  CD1 . ILE A 77 ? 0.1501 0.1658 0.1388 -0.0751 -0.0564 0.0477  77  ILE A CD1 
564 N  N   . ALA A 78 ? 0.0916 0.0617 0.0790 0.0003  0.0010  0.0059  78  ALA A N   
565 C  CA  . ALA A 78 ? 0.0886 0.0729 0.0802 0.0051  0.0096  0.0013  78  ALA A CA  
566 C  C   . ALA A 78 ? 0.0706 0.0649 0.0842 0.0064  0.0106  0.0036  78  ALA A C   
567 O  O   . ALA A 78 ? 0.0895 0.0648 0.0928 -0.0048 0.0133  0.0096  78  ALA A O   
568 C  CB  . ALA A 78 ? 0.1015 0.0850 0.0899 0.0090  0.0084  -0.0012 78  ALA A CB  
569 N  N   . ASN A 79 ? 0.0703 0.0574 0.0822 0.0021  -0.0005 0.0020  79  ASN A N   
570 C  CA  . ASN A 79 ? 0.0690 0.0594 0.0846 0.0031  -0.0049 0.0050  79  ASN A CA  
571 C  C   . ASN A 79 ? 0.0668 0.0563 0.0714 0.0037  -0.0002 0.0078  79  ASN A C   
572 O  O   . ASN A 79 ? 0.0675 0.0609 0.0775 -0.0025 -0.0020 0.0087  79  ASN A O   
573 C  CB  . ASN A 79 ? 0.0771 0.0613 0.0828 0.0039  -0.0121 0.0112  79  ASN A CB  
574 C  CG  . ASN A 79 ? 0.0881 0.0580 0.1065 0.0043  -0.0212 0.0056  79  ASN A CG  
575 O  OD1 . ASN A 79 ? 0.0786 0.0737 0.1257 0.0104  -0.0046 -0.0007 79  ASN A OD1 
576 N  ND2 . ASN A 79 ? 0.1029 0.0633 0.1216 0.0170  -0.0218 0.0078  79  ASN A ND2 
577 N  N   . VAL A 80 ? 0.0627 0.0582 0.0727 -0.0037 -0.0020 0.0103  80  VAL A N   
578 C  CA  . VAL A 80 ? 0.0625 0.0583 0.0705 -0.0008 -0.0024 0.0093  80  VAL A CA  
579 C  C   . VAL A 80 ? 0.0637 0.0644 0.0681 -0.0008 -0.0032 0.0106  80  VAL A C   
580 O  O   . VAL A 80 ? 0.0750 0.0566 0.0779 0.0029  0.0014  0.0020  80  VAL A O   
581 C  CB  . VAL A 80 ? 0.0635 0.0710 0.0729 -0.0016 -0.0012 0.0076  80  VAL A CB  
582 C  CG1 . VAL A 80 ? 0.0678 0.0748 0.0882 -0.0014 -0.0064 0.0008  80  VAL A CG1 
583 C  CG2 . VAL A 80 ? 0.0725 0.0831 0.0826 0.0068  0.0052  0.0021  80  VAL A CG2 
584 N  N   . ALA A 81 ? 0.0777 0.0581 0.0698 0.0000  -0.0006 0.0097  81  ALA A N   
585 C  CA  . ALA A 81 ? 0.0787 0.0675 0.0696 -0.0020 0.0009  0.0135  81  ALA A CA  
586 C  C   . ALA A 81 ? 0.0773 0.0652 0.0721 0.0022  0.0041  0.0103  81  ALA A C   
587 O  O   . ALA A 81 ? 0.0867 0.0616 0.0860 -0.0004 0.0027  0.0113  81  ALA A O   
588 C  CB  . ALA A 81 ? 0.1089 0.0671 0.0750 0.0005  -0.0006 0.0077  81  ALA A CB  
589 N  N   . ALA A 82 ? 0.0709 0.0638 0.0858 -0.0017 0.0004  0.0103  82  ALA A N   
590 C  CA  . ALA A 82 ? 0.0708 0.0674 0.0933 -0.0061 0.0017  0.0110  82  ALA A CA  
591 C  C   . ALA A 82 ? 0.0685 0.0675 0.0913 0.0007  -0.0006 0.0086  82  ALA A C   
592 O  O   . ALA A 82 ? 0.0728 0.0667 0.1069 -0.0083 0.0012  0.0094  82  ALA A O   
593 C  CB  . ALA A 82 ? 0.0786 0.0731 0.1232 0.0071  0.0000  0.0082  82  ALA A CB  
594 N  N   . TYR A 83 ? 0.0696 0.0606 0.0822 -0.0043 0.0009  0.0122  83  TYR A N   
595 C  CA  . TYR A 83 ? 0.0686 0.0617 0.0832 -0.0040 -0.0045 0.0081  83  TYR A CA  
596 C  C   . TYR A 83 ? 0.0727 0.0631 0.0742 -0.0044 0.0018  0.0134  83  TYR A C   
597 O  O   . TYR A 83 ? 0.0764 0.0627 0.0854 -0.0138 -0.0049 0.0060  83  TYR A O   
598 C  CB  . TYR A 83 ? 0.0811 0.0699 0.0849 -0.0055 -0.0057 0.0142  83  TYR A CB  
599 C  CG  . TYR A 83 ? 0.0736 0.0825 0.0786 -0.0110 -0.0080 0.0146  83  TYR A CG  
600 C  CD1 . TYR A 83 ? 0.0845 0.0933 0.0924 -0.0052 -0.0166 0.0080  83  TYR A CD1 
601 C  CD2 . TYR A 83 ? 0.0806 0.0730 0.0833 -0.0124 -0.0060 0.0122  83  TYR A CD2 
602 C  CE1 . TYR A 83 ? 0.1035 0.0997 0.0816 -0.0073 -0.0191 0.0076  83  TYR A CE1 
603 C  CE2 . TYR A 83 ? 0.0782 0.0810 0.0926 -0.0149 0.0038  0.0059  83  TYR A CE2 
604 C  CZ  . TYR A 83 ? 0.0918 0.0861 0.0831 -0.0140 0.0002  0.0064  83  TYR A CZ  
605 O  OH  . TYR A 83 ? 0.1191 0.1219 0.0862 -0.0227 0.0102  -0.0048 83  TYR A OH  
606 N  N   . ILE A 84 ? 0.0659 0.0633 0.0780 -0.0063 -0.0060 0.0070  84  ILE A N   
607 C  CA  . ILE A 84 ? 0.0659 0.0632 0.0790 -0.0023 -0.0002 0.0075  84  ILE A CA  
608 C  C   . ILE A 84 ? 0.0681 0.0631 0.0823 0.0008  -0.0029 0.0063  84  ILE A C   
609 O  O   . ILE A 84 ? 0.0775 0.0609 0.0849 -0.0034 -0.0050 0.0052  84  ILE A O   
610 C  CB  . ILE A 84 ? 0.0685 0.0650 0.0805 -0.0021 -0.0068 0.0007  84  ILE A CB  
611 C  CG1 . ILE A 84 ? 0.0733 0.0708 0.0928 -0.0035 -0.0022 0.0022  84  ILE A CG1 
612 C  CG2 . ILE A 84 ? 0.0806 0.0804 0.0852 -0.0021 -0.0079 0.0109  84  ILE A CG2 
613 C  CD1 . ILE A 84 ? 0.0820 0.1031 0.0938 -0.0072 0.0002  0.0046  84  ILE A CD1 
614 N  N   . ALA A 85 ? 0.0785 0.0651 0.0812 -0.0048 0.0017  0.0127  85  ALA A N   
615 C  CA  . ALA A 85 ? 0.0776 0.0721 0.0885 -0.0079 0.0103  0.0153  85  ALA A CA  
616 C  C   . ALA A 85 ? 0.0726 0.0609 0.1106 -0.0035 0.0135  0.0141  85  ALA A C   
617 O  O   . ALA A 85 ? 0.0913 0.0681 0.1178 -0.0164 0.0136  0.0092  85  ALA A O   
618 C  CB  . ALA A 85 ? 0.0947 0.0797 0.1027 -0.0059 0.0202  0.0153  85  ALA A CB  
619 N  N   . ASP A 86 ? 0.0722 0.0688 0.0988 -0.0088 0.0054  0.0099  86  ASP A N   
620 C  CA  . ASP A 86 ? 0.0708 0.0735 0.1173 -0.0114 -0.0031 0.0100  86  ASP A CA  
621 C  C   . ASP A 86 ? 0.0714 0.0741 0.0975 -0.0114 -0.0081 0.0116  86  ASP A C   
622 O  O   . ASP A 86 ? 0.0793 0.0785 0.1248 -0.0204 0.0004  0.0048  86  ASP A O   
623 C  CB  . ASP A 86 ? 0.0902 0.0901 0.1260 0.0094  -0.0113 0.0149  86  ASP A CB  
624 C  CG  . ASP A 86 ? 0.0955 0.1642 0.1508 -0.0019 -0.0252 0.0398  86  ASP A CG  
625 O  OD1 . ASP A 86 ? 0.1259 0.5337 0.1686 0.0012  -0.0188 -0.0902 86  ASP A OD1 
626 O  OD2 . ASP A 86 ? 0.1158 0.4953 0.2089 -0.0754 -0.0337 0.0713  86  ASP A OD2 
627 N  N   . GLN A 87 ? 0.0674 0.0656 0.0932 -0.0107 -0.0117 0.0138  87  GLN A N   
628 C  CA  . GLN A 87 ? 0.0732 0.0729 0.0813 -0.0136 -0.0072 0.0142  87  GLN A CA  
629 C  C   . GLN A 87 ? 0.0725 0.0717 0.0754 -0.0077 -0.0017 0.0099  87  GLN A C   
630 O  O   . GLN A 87 ? 0.1014 0.0723 0.0856 -0.0159 -0.0120 0.0034  87  GLN A O   
631 C  CB  . GLN A 87 ? 0.0727 0.0770 0.0806 -0.0117 -0.0083 0.0146  87  GLN A CB  
632 C  CG  . GLN A 87 ? 0.0862 0.0763 0.0816 -0.0183 -0.0068 0.0132  87  GLN A CG  
633 C  CD  . GLN A 87 ? 0.1013 0.0765 0.0840 -0.0166 -0.0005 0.0122  87  GLN A CD  
634 O  OE1 . GLN A 87 ? 0.1077 0.1068 0.0980 -0.0106 -0.0227 0.0015  87  GLN A OE1 
635 N  NE2 . GLN A 87 ? 0.1308 0.1569 0.0852 0.0198  -0.0103 -0.0156 87  GLN A NE2 
636 N  N   . ALA A 88 ? 0.0725 0.0599 0.0781 -0.0060 -0.0052 0.0091  88  ALA A N   
637 C  CA  . ALA A 88 ? 0.0713 0.0664 0.0876 -0.0038 -0.0045 0.0137  88  ALA A CA  
638 C  C   . ALA A 88 ? 0.0743 0.0649 0.0823 0.0010  -0.0107 0.0057  88  ALA A C   
639 O  O   . ALA A 88 ? 0.0827 0.0646 0.0958 -0.0063 -0.0071 0.0093  88  ALA A O   
640 C  CB  . ALA A 88 ? 0.0829 0.0790 0.0855 -0.0050 -0.0154 0.0135  88  ALA A CB  
641 N  N   . GLU A 89 ? 0.0688 0.0643 0.0911 -0.0071 0.0000  0.0129  89  GLU A N   
642 C  CA  . GLU A 89 ? 0.0787 0.0679 0.0983 -0.0142 0.0070  0.0172  89  GLU A CA  
643 C  C   . GLU A 89 ? 0.0693 0.0792 0.1079 -0.0046 0.0004  0.0161  89  GLU A C   
644 O  O   . GLU A 89 ? 0.0819 0.0851 0.1271 -0.0257 -0.0034 0.0207  89  GLU A O   
645 C  CB  . GLU A 89 ? 0.0804 0.0820 0.1201 -0.0117 0.0166  0.0125  89  GLU A CB  
646 C  CG  . GLU A 89 ? 0.1183 0.0921 0.1106 -0.0181 0.0270  0.0146  89  GLU A CG  
647 C  CD  . GLU A 89 ? 0.2195 0.1441 0.1333 0.0563  0.0153  -0.0059 89  GLU A CD  
648 O  OE1 . GLU A 89 ? 0.3346 0.3181 0.1521 0.1818  -0.0148 -0.0608 89  GLU A OE1 
649 O  OE2 . GLU A 89 ? 0.2681 0.1897 0.1856 0.1091  0.0060  -0.0022 89  GLU A OE2 
650 N  N   . ASN A 90 ? 0.0738 0.0839 0.1010 -0.0178 -0.0078 0.0152  90  ASN A N   
651 C  CA  . ASN A 90 ? 0.0809 0.1022 0.1105 -0.0277 -0.0256 0.0227  90  ASN A CA  
652 C  C   . ASN A 90 ? 0.0994 0.0985 0.1087 -0.0259 -0.0203 0.0128  90  ASN A C   
653 O  O   . ASN A 90 ? 0.1156 0.1324 0.1109 -0.0338 -0.0377 0.0062  90  ASN A O   
654 C  CB  . ASN A 90 ? 0.0903 0.1099 0.1195 -0.0148 -0.0230 0.0231  90  ASN A CB  
655 C  CG  . ASN A 90 ? 0.0828 0.1315 0.1710 -0.0109 -0.0172 0.0084  90  ASN A CG  
656 O  OD1 . ASN A 90 ? 0.0921 0.1772 0.1742 -0.0209 0.0005  0.0520  90  ASN A OD1 
657 N  ND2 . ASN A 90 ? 0.1191 0.1830 0.3486 -0.0341 0.0519  -0.0896 90  ASN A ND2 
658 N  N   . ASN A 91 ? 0.0937 0.0891 0.0879 -0.0193 -0.0125 0.0087  91  ASN A N   
659 C  CA  . ASN A 91 ? 0.1165 0.0907 0.0949 -0.0193 -0.0072 -0.0006 91  ASN A CA  
660 C  C   . ASN A 91 ? 0.1020 0.1094 0.0969 -0.0275 -0.0108 -0.0006 91  ASN A C   
661 O  O   . ASN A 91 ? 0.1739 0.1233 0.0957 -0.0502 -0.0058 -0.0057 91  ASN A O   
662 C  CB  . ASN A 91 ? 0.1495 0.0895 0.1194 -0.0193 0.0034  0.0030  91  ASN A CB  
663 C  CG  . ASN A 91 ? 0.2082 0.1004 0.1193 -0.0312 0.0032  0.0069  91  ASN A CG  
664 O  OD1 . ASN A 91 ? 0.2909 0.1325 0.1602 -0.0029 -0.0287 0.0228  91  ASN A OD1 
665 N  ND2 . ASN A 91 ? 0.2358 0.1817 0.1524 -0.0936 0.0407  0.0209  91  ASN A ND2 
666 N  N   . LYS A 92 ? 0.1092 0.1064 0.0775 -0.0246 -0.0160 0.0123  92  LYS A N   
667 C  CA  . LYS A 92 ? 0.1136 0.1123 0.0874 -0.0208 -0.0147 0.0138  92  LYS A CA  
668 C  C   . LYS A 92 ? 0.1201 0.1724 0.0947 -0.0388 -0.0129 0.0398  92  LYS A C   
669 O  O   . LYS A 92 ? 0.1284 0.3388 0.1599 -0.0465 -0.0086 0.1341  92  LYS A O   
670 C  CB  . LYS A 92 ? 0.1583 0.1081 0.0936 -0.0246 -0.0212 0.0166  92  LYS A CB  
671 C  CG  . LYS A 92 ? 0.1750 0.1457 0.1294 0.0238  0.0361  0.0398  92  LYS A CG  
672 C  CD  . LYS A 92 ? 0.2448 0.1695 0.1499 0.0715  0.0176  0.0779  92  LYS A CD  
673 C  CE  . LYS A 92 ? 0.2450 0.1679 0.2375 0.0626  0.0391  -0.0077 92  LYS A CE  
674 N  NZ  . LYS A 92 ? 0.1882 0.1614 0.2046 0.0563  -0.0202 0.0324  92  LYS A NZ  
675 N  N   . TRP A 93 ? 0.1123 0.1244 0.0977 -0.0230 -0.0060 0.0120  93  TRP A N   
676 C  CA  . TRP A 93 ? 0.1202 0.1741 0.1249 -0.0338 -0.0050 0.0149  93  TRP A CA  
677 C  C   . TRP A 93 ? 0.1351 0.2755 0.1467 -0.0540 0.0158  -0.0389 93  TRP A C   
678 O  O   . TRP A 93 ? 0.1812 0.3551 0.1471 -0.0686 0.0336  -0.0293 93  TRP A O   
679 C  CB  . TRP A 93 ? 0.1153 0.1281 0.1271 -0.0106 -0.0024 0.0068  93  TRP A CB  
680 C  CG  . TRP A 93 ? 0.0996 0.1049 0.1293 0.0031  -0.0095 0.0089  93  TRP A CG  
681 C  CD1 . TRP A 93 ? 0.1068 0.1184 0.1250 0.0138  0.0008  0.0144  93  TRP A CD1 
682 C  CD2 . TRP A 93 ? 0.0869 0.1142 0.1157 0.0010  -0.0036 0.0142  93  TRP A CD2 
683 N  NE1 . TRP A 93 ? 0.1074 0.1339 0.1107 0.0072  -0.0077 0.0152  93  TRP A NE1 
684 C  CE2 . TRP A 93 ? 0.0795 0.1163 0.0981 0.0109  -0.0141 0.0150  93  TRP A CE2 
685 C  CE3 . TRP A 93 ? 0.0896 0.1414 0.1081 -0.0127 0.0011  0.0104  93  TRP A CE3 
686 C  CZ2 . TRP A 93 ? 0.0880 0.1410 0.1117 -0.0016 -0.0174 -0.0101 93  TRP A CZ2 
687 C  CZ3 . TRP A 93 ? 0.1032 0.1287 0.1319 -0.0228 -0.0168 0.0244  93  TRP A CZ3 
688 C  CH2 . TRP A 93 ? 0.0885 0.1311 0.1439 -0.0064 -0.0153 0.0105  93  TRP A CH2 
689 O  OXT . TRP A 93 ? 0.2679 0.2598 0.1922 -0.0768 0.0218  -0.0565 93  TRP A OXT 
690 FE FE  . HEC B .  ? 0.0486 0.0572 0.0571 -0.0003 0.0020  0.0046  101 HEC A FE  
691 C  CHA . HEC B .  ? 0.0708 0.0679 0.0714 0.0006  -0.0015 0.0090  101 HEC A CHA 
692 C  CHB . HEC B .  ? 0.0558 0.0667 0.0690 0.0006  0.0052  0.0095  101 HEC A CHB 
693 C  CHC . HEC B .  ? 0.0637 0.0656 0.0740 -0.0061 0.0053  0.0068  101 HEC A CHC 
694 C  CHD . HEC B .  ? 0.0595 0.0814 0.0904 0.0056  0.0023  0.0031  101 HEC A CHD 
695 N  NA  . HEC B .  ? 0.0686 0.0603 0.0632 -0.0025 -0.0015 0.0062  101 HEC A NA  
696 C  C1A . HEC B .  ? 0.0665 0.0673 0.0603 0.0000  0.0040  0.0063  101 HEC A C1A 
697 C  C2A . HEC B .  ? 0.0716 0.0641 0.0719 -0.0019 0.0097  0.0082  101 HEC A C2A 
698 C  C3A . HEC B .  ? 0.0680 0.0674 0.0730 -0.0012 0.0121  0.0107  101 HEC A C3A 
699 C  C4A . HEC B .  ? 0.0627 0.0623 0.0685 0.0004  0.0043  0.0055  101 HEC A C4A 
700 C  CMA . HEC B .  ? 0.0689 0.0748 0.1039 0.0012  0.0172  0.0230  101 HEC A CMA 
701 C  CAA . HEC B .  ? 0.0777 0.0723 0.0725 -0.0011 0.0116  0.0177  101 HEC A CAA 
702 C  CBA . HEC B .  ? 0.0732 0.0646 0.0723 -0.0032 0.0075  0.0161  101 HEC A CBA 
703 C  CGA . HEC B .  ? 0.0844 0.0687 0.0722 -0.0048 -0.0001 0.0177  101 HEC A CGA 
704 O  O1A . HEC B .  ? 0.0919 0.0666 0.0826 -0.0097 -0.0035 0.0102  101 HEC A O1A 
705 O  O2A . HEC B .  ? 0.1283 0.0797 0.0866 -0.0108 -0.0169 0.0219  101 HEC A O2A 
706 N  NB  . HEC B .  ? 0.0547 0.0645 0.0630 -0.0042 0.0036  0.0054  101 HEC A NB  
707 C  C1B . HEC B .  ? 0.0559 0.0595 0.0628 -0.0018 0.0020  0.0048  101 HEC A C1B 
708 C  C2B . HEC B .  ? 0.0576 0.0624 0.0610 -0.0019 -0.0021 0.0043  101 HEC A C2B 
709 C  C3B . HEC B .  ? 0.0633 0.0622 0.0597 -0.0007 0.0049  0.0042  101 HEC A C3B 
710 C  C4B . HEC B .  ? 0.0578 0.0672 0.0586 -0.0072 0.0024  0.0037  101 HEC A C4B 
711 C  CMB . HEC B .  ? 0.0641 0.0691 0.0710 -0.0027 -0.0022 0.0101  101 HEC A CMB 
712 C  CAB . HEC B .  ? 0.0625 0.0708 0.0648 -0.0061 0.0017  0.0087  101 HEC A CAB 
713 C  CBB . HEC B .  ? 0.0850 0.0661 0.0703 -0.0019 0.0026  0.0062  101 HEC A CBB 
714 N  NC  . HEC B .  ? 0.0624 0.0635 0.0722 0.0001  -0.0011 0.0058  101 HEC A NC  
715 C  C1C . HEC B .  ? 0.0579 0.0773 0.0741 -0.0069 0.0096  0.0031  101 HEC A C1C 
716 C  C2C . HEC B .  ? 0.0609 0.0768 0.0987 -0.0095 0.0126  0.0024  101 HEC A C2C 
717 C  C3C . HEC B .  ? 0.0556 0.0869 0.0896 -0.0039 0.0136  0.0058  101 HEC A C3C 
718 C  C4C . HEC B .  ? 0.0605 0.0772 0.0796 -0.0045 0.0060  -0.0024 101 HEC A C4C 
719 C  CMC . HEC B .  ? 0.0722 0.0930 0.1444 -0.0025 0.0266  0.0285  101 HEC A CMC 
720 C  CAC . HEC B .  ? 0.0607 0.0951 0.1030 -0.0039 0.0153  -0.0021 101 HEC A CAC 
721 C  CBC . HEC B .  ? 0.0604 0.1328 0.1392 -0.0143 0.0196  -0.0245 101 HEC A CBC 
722 N  ND  . HEC B .  ? 0.0618 0.0752 0.0753 -0.0052 0.0026  0.0031  101 HEC A ND  
723 C  C1D . HEC B .  ? 0.0630 0.0776 0.0814 0.0046  0.0005  0.0013  101 HEC A C1D 
724 C  C2D . HEC B .  ? 0.0693 0.0779 0.0993 0.0094  -0.0062 0.0113  101 HEC A C2D 
725 C  C3D . HEC B .  ? 0.0717 0.0756 0.0900 0.0072  -0.0039 0.0111  101 HEC A C3D 
726 C  C4D . HEC B .  ? 0.0682 0.0667 0.0760 0.0007  -0.0061 0.0051  101 HEC A C4D 
727 C  CMD . HEC B .  ? 0.0720 0.0999 0.1310 0.0152  -0.0072 0.0136  101 HEC A CMD 
728 C  CAD . HEC B .  ? 0.0842 0.0811 0.0958 0.0129  -0.0072 0.0141  101 HEC A CAD 
729 C  CBD . HEC B .  ? 0.1089 0.1006 0.0944 -0.0050 -0.0086 0.0164  101 HEC A CBD 
730 C  CGD . HEC B .  ? 0.1044 0.1125 0.1034 -0.0081 -0.0090 0.0291  101 HEC A CGD 
731 O  O1D . HEC B .  ? 0.1033 0.1407 0.1255 -0.0151 -0.0076 0.0511  101 HEC A O1D 
732 O  O2D . HEC B .  ? 0.1032 0.2022 0.2001 -0.0021 -0.0056 0.1155  101 HEC A O2D 
733 O  O1  . MES C .  ? 0.1078 0.1311 0.1140 -0.0037 -0.0010 0.0132  102 MES A O1  
734 C  C2  . MES C .  ? 0.0959 0.1296 0.1048 -0.0133 0.0037  -0.0046 102 MES A C2  
735 C  C3  . MES C .  ? 0.0776 0.1358 0.1160 -0.0261 0.0083  -0.0131 102 MES A C3  
736 N  N4  . MES C .  ? 0.0914 0.1265 0.0926 -0.0241 0.0066  0.0007  102 MES A N4  
737 C  C5  . MES C .  ? 0.0790 0.1508 0.1165 -0.0252 -0.0101 0.0191  102 MES A C5  
738 C  C6  . MES C .  ? 0.0911 0.1634 0.1139 0.0042  -0.0008 -0.0066 102 MES A C6  
739 C  C7  . MES C .  ? 0.1655 0.1365 0.1082 -0.0509 0.0120  -0.0144 102 MES A C7  
740 C  C8  . MES C .  ? 0.1409 0.1562 0.1264 -0.0445 0.0233  -0.0115 102 MES A C8  
741 S  S   . MES C .  ? 0.1359 0.1362 0.1256 -0.0393 -0.0114 0.0086  102 MES A S   
742 O  O1S . MES C .  ? 0.1563 0.1652 0.1248 -0.0618 -0.0058 0.0244  102 MES A O1S 
743 O  O2S . MES C .  ? 0.1446 0.1751 0.1956 -0.0252 -0.0384 0.0206  102 MES A O2S 
744 O  O3S . MES C .  ? 0.1055 0.1157 0.1239 -0.0242 0.0072  -0.0077 102 MES A O3S 
745 O  O   . HOH D .  ? 0.1029 0.0915 0.1016 0.0000  -0.0050 0.0069  201 HOH A O   
746 O  O   . HOH D .  ? 0.0886 0.1389 0.1086 -0.0105 -0.0017 -0.0199 202 HOH A O   
747 O  O   . HOH D .  ? 0.1049 0.1043 0.1342 -0.0003 -0.0241 0.0140  203 HOH A O   
748 O  O   . HOH D .  ? 0.1265 0.0707 0.1286 -0.0019 0.0155  0.0129  204 HOH A O   
749 O  O   . HOH D .  ? 0.0804 0.1092 0.1865 -0.0168 0.0119  0.0316  205 HOH A O   
750 O  O   . HOH D .  ? 0.0973 0.1380 0.1419 -0.0203 0.0059  -0.0179 206 HOH A O   
751 O  O   . HOH D .  ? 0.1439 0.1195 0.1793 0.0107  -0.0106 -0.0194 207 HOH A O   
752 O  O   . HOH D .  ? 0.1204 0.1323 0.1778 -0.0073 0.0121  0.0301  208 HOH A O   
753 O  O   . HOH D .  ? 0.0883 0.1704 0.1529 -0.0347 0.0052  -0.0107 209 HOH A O   
754 O  O   . HOH D .  ? 0.1299 0.1438 0.1420 -0.0264 0.0259  -0.0159 210 HOH A O   
755 O  O   . HOH D .  ? 0.0943 0.1687 0.1657 -0.0142 -0.0050 -0.0164 211 HOH A O   
756 O  O   . HOH D .  ? 0.0908 0.1173 0.1100 -0.0004 -0.0135 -0.0292 212 HOH A O   
757 O  O   . HOH D .  ? 0.1232 0.2331 0.0732 0.0442  0.0130  -0.0011 213 HOH A O   
758 O  O   . HOH D .  ? 0.1241 0.0980 0.2351 0.0217  -0.0272 -0.0083 214 HOH A O   
759 O  O   . HOH D .  ? 0.1391 0.1339 0.2287 -0.0266 0.0157  0.0302  215 HOH A O   
760 O  O   . HOH D .  ? 0.2066 0.0821 0.1130 0.0346  -0.0047 -0.0074 216 HOH A O   
761 O  O   . HOH D .  ? 0.1190 0.2001 0.1129 -0.0466 -0.0165 0.0131  217 HOH A O   
762 O  O   . HOH D .  ? 0.1490 0.1390 0.1279 -0.0058 -0.0218 0.0212  218 HOH A O   
763 O  O   . HOH D .  ? 0.1173 0.1781 0.1799 0.0060  -0.0253 -0.0418 219 HOH A O   
764 O  O   . HOH D .  ? 0.1939 0.1075 0.1766 0.0220  0.0452  -0.0007 220 HOH A O   
765 O  O   . HOH D .  ? 0.1087 0.1751 0.1527 -0.0182 0.0100  -0.0382 221 HOH A O   
766 O  O   . HOH D .  ? 0.1381 0.1777 0.1552 0.0290  0.0091  0.0302  222 HOH A O   
767 O  O   . HOH D .  ? 0.1785 0.1489 0.2237 -0.0065 -0.0355 0.0185  223 HOH A O   
768 O  O   . HOH D .  ? 0.1210 0.1084 0.1107 -0.0254 -0.0278 0.0395  224 HOH A O   
769 O  O   . HOH D .  ? 0.2257 0.2342 0.1486 0.0499  0.0738  0.0749  225 HOH A O   
770 O  O   . HOH D .  ? 0.1289 0.1966 0.1555 -0.0223 -0.0018 0.0141  226 HOH A O   
771 O  O   . HOH D .  ? 0.1861 0.1722 0.1580 -0.0170 0.0066  -0.0083 227 HOH A O   
772 O  O   . HOH D .  ? 0.2696 0.1342 0.1489 -0.0184 0.0282  -0.0200 228 HOH A O   
773 O  O   . HOH D .  ? 0.1753 0.2362 0.2084 0.0370  -0.0594 0.0166  229 HOH A O   
774 O  O   . HOH D .  ? 0.1293 0.3950 0.1288 0.0338  0.0182  0.0213  230 HOH A O   
775 O  O   . HOH D .  ? 0.1712 0.2719 0.2055 0.0621  0.0144  0.0439  231 HOH A O   
776 O  O   . HOH D .  ? 0.2202 0.1225 0.2106 -0.0094 -0.0137 0.0002  232 HOH A O   
777 O  O   . HOH D .  ? 0.2005 0.2216 0.1243 -0.0010 -0.0265 -0.0107 233 HOH A O   
778 O  O   . HOH D .  ? 0.2905 0.2143 0.2066 -0.0158 -0.0125 0.0197  234 HOH A O   
779 O  O   . HOH D .  ? 0.3223 0.2087 0.1081 -0.0767 -0.0529 0.0206  235 HOH A O   
780 O  O   . HOH D .  ? 0.1925 0.1810 0.2249 -0.0437 -0.0535 -0.0142 236 HOH A O   
781 O  O   . HOH D .  ? 0.1316 0.2433 0.3886 -0.0317 0.0336  -0.0941 237 HOH A O   
782 O  O   . HOH D .  ? 0.2732 0.0993 0.3213 -0.0269 0.0271  -0.0137 238 HOH A O   
783 O  O   . HOH D .  ? 0.1096 0.3786 0.2273 -0.0110 -0.0219 0.1041  239 HOH A O   
784 O  O   . HOH D .  ? 0.1952 0.2412 0.2704 -0.0637 -0.0666 0.0741  240 HOH A O   
785 O  O   . HOH D .  ? 0.4022 0.3015 0.1262 -0.1025 -0.0203 0.0360  241 HOH A O   
786 O  O   . HOH D .  ? 0.1738 0.1914 0.2890 0.0424  -0.0486 -0.0547 242 HOH A O   
787 O  O   . HOH D .  ? 0.3450 0.3015 0.2514 -0.1145 -0.1821 0.0716  243 HOH A O   
788 O  O   A HOH D .  ? 0.1597 0.1502 0.1284 -0.0024 -0.0335 0.0143  244 HOH A O   
789 O  O   B HOH D .  ? 0.1527 0.1704 0.1466 0.0349  -0.0079 0.0249  244 HOH A O   
790 O  O   . HOH D .  ? 0.1964 0.2769 0.2049 0.0206  0.0272  -0.0400 245 HOH A O   
791 O  O   . HOH D .  ? 0.2912 0.1860 0.4892 -0.0234 0.2387  -0.0599 246 HOH A O   
792 O  O   . HOH D .  ? 0.2073 0.2718 0.1556 -0.0025 0.0267  0.0791  247 HOH A O   
793 O  O   . HOH D .  ? 0.1403 0.1315 0.2551 -0.0110 0.0233  -0.0269 248 HOH A O   
794 O  O   . HOH D .  ? 0.1504 0.2309 0.3223 -0.0093 0.0794  -0.0065 249 HOH A O   
795 O  O   . HOH D .  ? 0.1242 0.0873 0.1348 -0.0162 0.0276  -0.0002 250 HOH A O   
796 O  O   . HOH D .  ? 0.3163 0.1010 0.1565 0.0020  0.0489  0.0305  251 HOH A O   
797 O  O   . HOH D .  ? 0.2707 0.1015 0.1452 0.0391  0.0298  0.0327  252 HOH A O   
798 O  O   . HOH D .  ? 0.2936 0.3019 0.2255 -0.0569 0.0459  -0.0161 253 HOH A O   
799 O  O   A HOH D .  ? 0.1361 0.1285 0.1659 -0.0236 -0.0637 0.0309  254 HOH A O   
800 O  O   B HOH D .  ? 0.1776 0.1389 0.2386 0.0513  -0.0690 -0.0148 254 HOH A O   
801 O  O   . HOH D .  ? 0.2123 0.3618 0.1927 -0.1042 -0.0074 0.0507  255 HOH A O   
802 O  O   . HOH D .  ? 0.5312 0.1380 0.2128 -0.0030 0.1608  0.0156  256 HOH A O   
803 O  O   . HOH D .  ? 0.1881 0.1391 0.2235 0.0026  0.0300  0.0424  257 HOH A O   
804 O  O   . HOH D .  ? 0.6256 0.1354 0.1145 -0.0535 0.0438  0.0476  258 HOH A O   
805 O  O   . HOH D .  ? 0.2415 0.2014 0.3506 0.0356  0.0278  -0.0464 259 HOH A O   
806 O  O   . HOH D .  ? 0.4552 0.1515 0.1345 -0.0847 0.1027  -0.0342 260 HOH A O   
807 O  O   A HOH D .  ? 0.1756 0.3226 0.2756 -0.0804 -0.0919 0.1249  261 HOH A O   
808 O  O   B HOH D .  ? 0.1298 0.1623 0.2694 -0.0219 -0.0921 0.1067  261 HOH A O   
809 O  O   . HOH D .  ? 0.4502 0.3731 0.2233 -0.1562 -0.0011 -0.0878 262 HOH A O   
810 O  O   . HOH D .  ? 0.3089 0.2048 0.1717 0.0373  0.0151  0.0334  263 HOH A O   
811 O  O   . HOH D .  ? 0.1318 0.2455 0.2089 0.0261  -0.0643 -0.1196 264 HOH A O   
812 O  O   A HOH D .  ? 0.2796 0.1741 0.1351 -0.0335 0.0090  -0.0313 265 HOH A O   
813 O  O   B HOH D .  ? 0.2054 0.1964 0.1333 -0.0452 -0.0012 -0.0788 265 HOH A O   
814 O  O   A HOH D .  ? 0.0993 0.3953 0.1530 -0.0476 0.0076  -0.1872 266 HOH A O   
815 O  O   B HOH D .  ? 0.2169 0.3270 0.2650 -0.1731 -0.1542 0.2356  266 HOH A O   
816 O  O   . HOH D .  ? 0.2857 0.3196 0.1569 0.0247  0.0578  0.0841  267 HOH A O   
817 O  O   . HOH D .  ? 0.2029 0.7608 0.2290 0.1079  0.0058  0.0871  268 HOH A O   
818 O  O   . HOH D .  ? 0.1183 0.1986 1.1608 -0.0181 0.0356  0.1996  269 HOH A O   
819 O  O   . HOH D .  ? 0.1739 0.1809 0.1978 -0.0201 -0.0107 0.0299  270 HOH A O   
820 O  O   . HOH D .  ? 0.1988 0.1407 0.3886 -0.0413 0.0658  0.0928  271 HOH A O   
821 O  O   . HOH D .  ? 0.3179 0.1333 0.2820 -0.0219 -0.1750 -0.0103 272 HOH A O   
822 O  O   . HOH D .  ? 0.2341 0.2250 0.1883 -0.0373 0.0056  -0.0009 273 HOH A O   
823 O  O   . HOH D .  ? 0.0965 0.2404 0.1049 -0.0773 -0.0372 0.0575  274 HOH A O   
824 O  O   . HOH D .  ? 0.1539 0.2651 0.3816 -0.0312 0.0636  -0.1582 275 HOH A O   
825 O  O   . HOH D .  ? 0.3528 0.3604 0.3420 -0.1906 -0.0527 0.0600  276 HOH A O   
826 O  O   . HOH D .  ? 0.2271 0.4357 0.2232 -0.0641 -0.0054 -0.1477 277 HOH A O   
827 O  O   . HOH D .  ? 0.2167 0.3492 0.3429 0.0367  -0.0017 0.1503  278 HOH A O   
828 O  O   . HOH D .  ? 0.1502 0.1348 0.2255 -0.0348 -0.0450 0.0172  279 HOH A O   
829 O  O   . HOH D .  ? 0.3263 0.2535 0.4576 -0.1039 -0.0594 0.1334  280 HOH A O   
830 O  O   . HOH D .  ? 0.2812 0.2735 0.1736 -0.0217 -0.0837 0.0951  281 HOH A O   
831 O  O   . HOH D .  ? 0.1909 0.3808 0.1909 -0.0931 -0.0190 0.0214  282 HOH A O   
832 O  O   . HOH D .  ? 0.2544 0.1648 0.2541 0.0370  0.0867  0.0801  283 HOH A O   
833 O  O   . HOH D .  ? 0.2424 0.1909 0.2975 -0.0480 -0.0815 0.0538  284 HOH A O   
834 O  O   . HOH D .  ? 0.1543 0.2416 0.2102 -0.0698 -0.0836 0.0682  285 HOH A O   
835 O  O   . HOH D .  ? 0.4776 0.1705 0.3517 0.0489  -0.0819 0.0391  286 HOH A O   
836 O  O   . HOH D .  ? 0.1709 0.6004 0.1419 -0.0232 -0.0185 -0.1735 287 HOH A O   
837 O  O   . HOH D .  ? 0.1634 0.2943 0.2109 0.0380  -0.0783 -0.0064 288 HOH A O   
838 O  O   . HOH D .  ? 0.2243 0.2039 0.5675 0.0336  0.0205  -0.0038 289 HOH A O   
839 O  O   . HOH D .  ? 0.2188 0.1169 0.1605 0.0101  0.0009  -0.0360 290 HOH A O   
840 O  O   . HOH D .  ? 0.2240 0.2411 0.3429 0.1351  0.1392  0.0957  291 HOH A O   
841 O  O   . HOH D .  ? 0.2621 0.3141 0.2709 -0.0912 -0.0927 -0.0217 292 HOH A O   
842 O  O   . HOH D .  ? 0.5409 0.3385 0.3379 0.0782  0.2563  -0.0728 293 HOH A O   
843 O  O   . HOH D .  ? 0.2681 0.2441 0.2480 -0.0213 0.0461  -0.0321 294 HOH A O   
844 O  O   . HOH D .  ? 0.3204 0.2204 0.2991 -0.1046 0.1914  -0.0915 295 HOH A O   
845 O  O   . HOH D .  ? 0.4187 0.2834 0.1814 0.1584  -0.0465 0.0170  296 HOH A O   
846 O  O   . HOH D .  ? 0.2891 0.1484 0.1442 0.0114  0.0787  -0.0093 297 HOH A O   
847 O  O   . HOH D .  ? 0.1931 0.3001 0.1113 0.0251  -0.0257 -0.0491 298 HOH A O   
848 O  O   . HOH D .  ? 0.3777 0.3575 0.2905 0.0574  -0.1171 0.0789  299 HOH A O   
849 O  O   . HOH D .  ? 0.1088 0.2438 0.1997 -0.0582 0.0214  -0.1455 300 HOH A O   
850 O  O   . HOH D .  ? 0.2817 0.4265 0.3105 0.0786  -0.0928 -0.2164 301 HOH A O   
851 O  O   . HOH D .  ? 0.1491 0.1685 0.2754 0.0168  -0.0205 0.0218  302 HOH A O   
852 O  O   . HOH D .  ? 0.1953 0.3329 0.2294 -0.0703 -0.0710 0.0632  303 HOH A O   
853 O  O   . HOH D .  ? 0.3689 0.2087 0.2562 0.0338  -0.1385 -0.0906 304 HOH A O   
854 O  O   . HOH D .  ? 0.7438 0.5286 0.1002 0.4758  0.0305  0.0991  305 HOH A O   
855 O  O   . HOH D .  ? 0.5013 0.5990 0.1494 0.3262  -0.1005 -0.0835 306 HOH A O   
856 O  O   . HOH D .  ? 0.2877 0.2256 0.2375 -0.0863 0.0655  -0.0681 307 HOH A O   
857 O  O   . HOH D .  ? 0.2274 0.1876 0.3101 -0.0198 0.0841  -0.0619 308 HOH A O   
858 O  O   . HOH D .  ? 0.3089 0.1338 0.2300 -0.0045 0.1369  -0.0065 309 HOH A O   
859 O  O   . HOH D .  ? 0.2237 0.1571 0.2944 -0.0239 0.1306  -0.0443 310 HOH A O   
860 O  O   . HOH D .  ? 0.3721 0.1748 0.1867 0.0923  0.0548  -0.0247 311 HOH A O   
861 O  O   . HOH D .  ? 0.0978 0.1367 0.2249 0.0041  0.0406  0.0974  312 HOH A O   
862 O  O   . HOH D .  ? 0.0882 0.1087 0.0754 -0.0123 0.0029  -0.0082 313 HOH A O   
863 O  O   . HOH D .  ? 0.1613 0.0788 0.1368 0.0009  0.0134  -0.0317 314 HOH A O   
864 O  O   . HOH D .  ? 0.3045 0.3301 0.2191 0.1358  -0.0785 0.0107  315 HOH A O   
865 O  O   . HOH D .  ? 0.1489 0.1213 0.2438 -0.0313 0.0046  0.0167  316 HOH A O   
866 O  O   . HOH D .  ? 0.1167 0.4261 0.1242 0.0595  -0.0103 0.0343  317 HOH A O   
867 O  O   . HOH D .  ? 0.2424 0.3070 0.2849 -0.0898 0.0964  -0.1856 318 HOH A O   
868 O  O   . HOH D .  ? 0.1849 0.4523 0.1196 0.1833  -0.0575 -0.1294 319 HOH A O   
869 O  O   A HOH D .  ? 0.1328 0.1794 0.3196 0.0171  0.0024  -0.0549 320 HOH A O   
870 O  O   B HOH D .  ? 0.2579 0.1984 0.2681 0.1241  -0.0226 -0.1026 320 HOH A O   
# 
